data_5SJA
#
_entry.id   5SJA
#
_cell.length_a   136.340
_cell.length_b   136.340
_cell.length_c   235.180
_cell.angle_alpha   90.000
_cell.angle_beta   90.000
_cell.angle_gamma   120.000
#
_symmetry.space_group_name_H-M   'H 3'
#
loop_
_entity.id
_entity.type
_entity.pdbx_description
1 polymer "cAMP and cAMP-inhibited cGMP 3',5'-cyclic phosphodiesterase 10A"
2 non-polymer 'ZINC ION'
3 non-polymer 'MAGNESIUM ION'
4 non-polymer N-(1-tert-butyl-3-methyl-1H-pyrazol-5-yl)-1-phenyl-3-{[(pyridin-2-yl)oxy]methyl}-1H-thieno[2,3-c]pyrazole-5-carboxamide
5 water water
#
_entity_poly.entity_id   1
_entity_poly.type   'polypeptide(L)'
_entity_poly.pdbx_seq_one_letter_code
;GSSICTSEEWQGLMQFTLPVRLCKEIELFHFDIGPFENMWPGIFVYMVHRSCGTSCFELEKL(CME)RFIMSVKKNYRRV
PYHNWKHAVTVAHCMYAILQNNHTLFTDLERKGLLIACLCHDLDHRGFSNSYLQKFDHPLAALYSTSTMEQHHFSQTVSI
LQLEGHNIFSTLSSSEYEQVLEIIRKAIIATDLALYFGNRKQLEEMYQTGSLNLNNQSHRDRVIGLMMTACDLCSVTKLW
PVTKLTANDIYAEFWAEGDEMKKLGIQPIPMMDRDKKDEVPQGQLGFYNAVAIPCYTTLTQILPPTEPLLKACRDNLSQW
EKVIRGEETATWISSPSVAQKAAASED
;
_entity_poly.pdbx_strand_id   A,B,C,D
#
loop_
_chem_comp.id
_chem_comp.type
_chem_comp.name
_chem_comp.formula
JYU non-polymer N-(1-tert-butyl-3-methyl-1H-pyrazol-5-yl)-1-phenyl-3-{[(pyridin-2-yl)oxy]methyl}-1H-thieno[2,3-c]pyrazole-5-carboxamide 'C26 H26 N6 O2 S'
MG non-polymer 'MAGNESIUM ION' 'Mg 2'
ZN non-polymer 'ZINC ION' 'Zn 2'
#
# COMPACT_ATOMS: atom_id res chain seq x y z
N GLY A 12 -29.90 -32.48 -21.25
CA GLY A 12 -30.48 -32.26 -22.61
C GLY A 12 -31.19 -30.93 -22.75
N LEU A 13 -31.91 -30.51 -21.69
CA LEU A 13 -32.87 -29.36 -21.71
C LEU A 13 -32.28 -28.13 -20.99
N MET A 14 -30.95 -28.03 -20.89
CA MET A 14 -30.24 -26.95 -20.13
C MET A 14 -29.44 -26.09 -21.11
N GLN A 15 -30.13 -25.18 -21.80
CA GLN A 15 -29.55 -24.29 -22.82
C GLN A 15 -29.07 -22.98 -22.15
N PHE A 16 -27.99 -22.41 -22.68
CA PHE A 16 -27.39 -21.13 -22.22
C PHE A 16 -28.07 -19.97 -22.96
N THR A 17 -28.37 -18.91 -22.22
CA THR A 17 -28.89 -17.62 -22.75
C THR A 17 -27.87 -16.51 -22.49
N LEU A 18 -27.86 -15.50 -23.34
CA LEU A 18 -27.06 -14.28 -23.13
C LEU A 18 -28.03 -13.13 -22.92
N PRO A 19 -27.62 -12.07 -22.20
CA PRO A 19 -28.36 -10.82 -22.22
C PRO A 19 -28.62 -10.41 -23.67
N VAL A 20 -29.69 -9.64 -23.89
CA VAL A 20 -30.21 -9.28 -25.24
C VAL A 20 -29.10 -8.66 -26.08
N ARG A 21 -28.33 -7.70 -25.58
CA ARG A 21 -27.32 -7.02 -26.44
C ARG A 21 -26.27 -8.04 -26.92
N LEU A 22 -25.84 -8.96 -26.04
CA LEU A 22 -24.79 -9.97 -26.35
C LEU A 22 -25.38 -11.00 -27.32
N CYS A 23 -26.62 -11.42 -27.10
CA CYS A 23 -27.29 -12.46 -27.92
C CYS A 23 -27.33 -11.97 -29.38
N LYS A 24 -27.54 -10.67 -29.59
CA LYS A 24 -27.56 -10.05 -30.94
C LYS A 24 -26.13 -9.86 -31.45
N GLU A 25 -25.27 -9.21 -30.67
CA GLU A 25 -23.97 -8.74 -31.17
C GLU A 25 -22.98 -9.91 -31.30
N ILE A 26 -23.21 -11.04 -30.64
CA ILE A 26 -22.28 -12.21 -30.72
C ILE A 26 -22.28 -12.80 -32.13
N GLU A 27 -23.33 -12.56 -32.92
CA GLU A 27 -23.46 -13.11 -34.30
C GLU A 27 -22.63 -12.33 -35.30
N LEU A 28 -22.24 -11.11 -34.94
CA LEU A 28 -21.41 -10.21 -35.77
C LEU A 28 -19.92 -10.52 -35.58
N PHE A 29 -19.16 -10.40 -36.67
CA PHE A 29 -17.70 -10.64 -36.73
C PHE A 29 -16.99 -9.69 -35.77
N HIS A 30 -17.49 -8.47 -35.57
CA HIS A 30 -16.72 -7.43 -34.82
C HIS A 30 -17.10 -7.44 -33.33
N PHE A 31 -17.85 -8.43 -32.86
CA PHE A 31 -18.14 -8.61 -31.42
C PHE A 31 -16.86 -8.50 -30.58
N ASP A 32 -16.94 -7.78 -29.46
CA ASP A 32 -15.94 -7.73 -28.37
C ASP A 32 -16.51 -8.49 -27.17
N ILE A 33 -15.78 -9.44 -26.59
CA ILE A 33 -16.34 -10.29 -25.49
C ILE A 33 -16.42 -9.52 -24.15
N GLY A 34 -15.87 -8.32 -24.06
CA GLY A 34 -16.05 -7.46 -22.87
C GLY A 34 -15.04 -7.79 -21.77
N PRO A 35 -15.03 -6.96 -20.68
CA PRO A 35 -14.04 -7.06 -19.61
C PRO A 35 -14.36 -7.99 -18.42
N PHE A 36 -15.54 -8.62 -18.40
CA PHE A 36 -15.98 -9.53 -17.33
C PHE A 36 -15.52 -10.96 -17.64
N GLU A 37 -14.32 -11.33 -17.18
CA GLU A 37 -13.68 -12.66 -17.32
C GLU A 37 -14.69 -13.79 -17.04
N ASN A 38 -15.51 -13.63 -16.00
CA ASN A 38 -16.36 -14.73 -15.46
CA ASN A 38 -16.38 -14.70 -15.44
C ASN A 38 -17.49 -15.03 -16.45
N MET A 39 -17.74 -14.16 -17.43
CA MET A 39 -18.74 -14.47 -18.49
C MET A 39 -18.11 -15.22 -19.68
N TRP A 40 -16.78 -15.30 -19.82
CA TRP A 40 -16.19 -15.82 -21.09
C TRP A 40 -16.49 -17.30 -21.28
N PRO A 41 -16.45 -18.15 -20.23
CA PRO A 41 -16.80 -19.57 -20.38
C PRO A 41 -18.22 -19.79 -20.90
N GLY A 42 -19.18 -19.05 -20.35
CA GLY A 42 -20.61 -19.15 -20.74
C GLY A 42 -20.81 -18.70 -22.19
N ILE A 43 -20.09 -17.65 -22.61
CA ILE A 43 -20.01 -17.20 -24.03
C ILE A 43 -19.47 -18.33 -24.93
N PHE A 44 -18.40 -19.00 -24.53
CA PHE A 44 -17.80 -20.10 -25.33
C PHE A 44 -18.80 -21.27 -25.44
N VAL A 45 -19.46 -21.64 -24.35
CA VAL A 45 -20.43 -22.77 -24.35
C VAL A 45 -21.59 -22.44 -25.29
N TYR A 46 -22.17 -21.25 -25.16
CA TYR A 46 -23.25 -20.74 -26.04
C TYR A 46 -22.85 -20.92 -27.51
N MET A 47 -21.60 -20.58 -27.84
CA MET A 47 -21.08 -20.64 -29.23
C MET A 47 -20.99 -22.11 -29.68
N VAL A 48 -20.52 -23.00 -28.80
CA VAL A 48 -20.40 -24.45 -29.10
C VAL A 48 -21.81 -25.01 -29.29
N HIS A 49 -22.74 -24.72 -28.39
CA HIS A 49 -24.14 -25.21 -28.45
C HIS A 49 -24.80 -24.79 -29.77
N ARG A 50 -24.60 -23.57 -30.26
CA ARG A 50 -25.28 -23.05 -31.49
C ARG A 50 -24.52 -23.45 -32.76
N SER A 51 -23.22 -23.75 -32.67
CA SER A 51 -22.33 -24.07 -33.82
C SER A 51 -22.31 -25.57 -34.09
N CYS A 52 -22.77 -26.36 -33.13
CA CYS A 52 -22.43 -27.79 -33.00
C CYS A 52 -23.67 -28.61 -32.63
N GLY A 53 -24.51 -28.07 -31.74
CA GLY A 53 -25.66 -28.73 -31.10
C GLY A 53 -25.42 -28.85 -29.61
N THR A 54 -26.47 -28.96 -28.80
CA THR A 54 -26.37 -29.13 -27.31
C THR A 54 -25.90 -30.56 -26.96
N SER A 55 -25.86 -31.47 -27.95
CA SER A 55 -25.59 -32.92 -27.78
C SER A 55 -24.08 -33.23 -27.85
N CYS A 56 -23.33 -32.55 -28.73
CA CYS A 56 -21.96 -32.92 -29.17
C CYS A 56 -20.98 -33.06 -27.98
N PHE A 57 -21.16 -32.30 -26.89
CA PHE A 57 -20.30 -32.38 -25.67
C PHE A 57 -21.17 -32.53 -24.43
N GLU A 58 -20.67 -33.31 -23.47
CA GLU A 58 -21.22 -33.46 -22.09
C GLU A 58 -20.84 -32.20 -21.31
N LEU A 59 -21.83 -31.42 -20.88
CA LEU A 59 -21.66 -30.06 -20.29
C LEU A 59 -20.62 -30.06 -19.16
N GLU A 60 -20.62 -31.08 -18.30
CA GLU A 60 -19.73 -31.13 -17.09
C GLU A 60 -18.26 -31.33 -17.52
N LYS A 61 -18.02 -32.16 -18.54
CA LYS A 61 -16.66 -32.40 -19.08
C LYS A 61 -16.19 -31.12 -19.78
N LEU A 62 -17.07 -30.52 -20.57
CA LEU A 62 -16.75 -29.30 -21.36
C LEU A 62 -16.34 -28.21 -20.36
N CME A 63 -17.15 -28.01 -19.33
CA CME A 63 -16.91 -26.95 -18.31
CB CME A 63 -18.08 -26.77 -17.36
SG CME A 63 -19.49 -25.86 -18.06
SD CME A 63 -18.81 -23.94 -18.23
CE CME A 63 -19.66 -23.02 -16.91
CZ CME A 63 -20.23 -21.72 -17.43
OH CME A 63 -20.76 -20.93 -16.39
C CME A 63 -15.57 -27.22 -17.63
O CME A 63 -14.79 -26.27 -17.47
N ARG A 64 -15.27 -28.47 -17.31
CA ARG A 64 -14.01 -28.83 -16.62
C ARG A 64 -12.83 -28.58 -17.58
N PHE A 65 -12.97 -28.97 -18.84
CA PHE A 65 -11.98 -28.73 -19.92
C PHE A 65 -11.68 -27.23 -20.05
N ILE A 66 -12.70 -26.39 -20.19
CA ILE A 66 -12.61 -24.91 -20.31
C ILE A 66 -11.80 -24.35 -19.14
N MET A 67 -12.07 -24.79 -17.91
CA MET A 67 -11.40 -24.17 -16.73
C MET A 67 -9.94 -24.64 -16.63
N SER A 68 -9.62 -25.85 -17.07
CA SER A 68 -8.21 -26.30 -17.15
C SER A 68 -7.49 -25.52 -18.24
N VAL A 69 -8.13 -25.32 -19.40
CA VAL A 69 -7.50 -24.52 -20.50
C VAL A 69 -7.21 -23.12 -19.97
N LYS A 70 -8.19 -22.46 -19.34
CA LYS A 70 -7.99 -21.11 -18.75
C LYS A 70 -6.78 -21.08 -17.79
N LYS A 71 -6.71 -22.07 -16.91
CA LYS A 71 -5.66 -22.18 -15.87
C LYS A 71 -4.28 -22.23 -16.54
N ASN A 72 -4.17 -22.76 -17.77
CA ASN A 72 -2.88 -22.98 -18.48
C ASN A 72 -2.55 -21.85 -19.47
N TYR A 73 -3.39 -20.81 -19.56
CA TYR A 73 -3.00 -19.51 -20.18
C TYR A 73 -2.35 -18.67 -19.09
N ARG A 74 -1.36 -17.86 -19.46
CA ARG A 74 -0.52 -17.10 -18.50
C ARG A 74 -0.98 -15.65 -18.47
N ARG A 75 -0.52 -14.90 -17.48
CA ARG A 75 -0.89 -13.48 -17.28
C ARG A 75 0.05 -12.60 -18.11
N VAL A 76 -0.04 -12.68 -19.44
CA VAL A 76 0.77 -11.86 -20.39
C VAL A 76 -0.15 -10.81 -21.01
N PRO A 77 0.38 -9.71 -21.57
CA PRO A 77 -0.47 -8.62 -22.05
C PRO A 77 -1.45 -8.96 -23.20
N TYR A 78 -1.05 -9.84 -24.14
CA TYR A 78 -1.85 -10.09 -25.36
C TYR A 78 -2.20 -11.57 -25.50
N HIS A 79 -1.21 -12.49 -25.49
CA HIS A 79 -1.40 -13.95 -25.76
C HIS A 79 -1.97 -14.65 -24.52
N ASN A 80 -3.14 -14.23 -24.10
CA ASN A 80 -3.80 -14.62 -22.82
C ASN A 80 -5.16 -15.27 -23.09
N TRP A 81 -5.89 -15.56 -22.02
CA TRP A 81 -7.22 -16.23 -22.06
C TRP A 81 -8.22 -15.41 -22.89
N LYS A 82 -8.17 -14.08 -22.80
CA LYS A 82 -9.10 -13.20 -23.57
C LYS A 82 -8.82 -13.37 -25.07
N HIS A 83 -7.56 -13.45 -25.49
CA HIS A 83 -7.19 -13.71 -26.90
C HIS A 83 -7.76 -15.07 -27.34
N ALA A 84 -7.64 -16.11 -26.52
CA ALA A 84 -8.16 -17.47 -26.81
C ALA A 84 -9.65 -17.40 -27.16
N VAL A 85 -10.44 -16.71 -26.33
CA VAL A 85 -11.93 -16.72 -26.48
C VAL A 85 -12.28 -15.83 -27.65
N THR A 86 -11.56 -14.72 -27.82
CA THR A 86 -11.69 -13.77 -28.96
C THR A 86 -11.47 -14.54 -30.27
N VAL A 87 -10.41 -15.36 -30.33
CA VAL A 87 -10.06 -16.10 -31.58
C VAL A 87 -11.16 -17.14 -31.85
N ALA A 88 -11.61 -17.83 -30.81
CA ALA A 88 -12.73 -18.79 -30.90
C ALA A 88 -14.00 -18.08 -31.36
N HIS A 89 -14.31 -16.87 -30.87
CA HIS A 89 -15.51 -16.15 -31.30
C HIS A 89 -15.43 -15.85 -32.81
N CYS A 90 -14.29 -15.40 -33.34
CA CYS A 90 -14.14 -15.19 -34.81
C CYS A 90 -14.45 -16.48 -35.56
N MET A 91 -13.93 -17.62 -35.10
CA MET A 91 -14.15 -18.93 -35.77
C MET A 91 -15.66 -19.20 -35.78
N TYR A 92 -16.34 -18.91 -34.66
CA TYR A 92 -17.80 -19.09 -34.49
C TYR A 92 -18.53 -18.30 -35.58
N ALA A 93 -18.19 -17.01 -35.71
CA ALA A 93 -18.75 -16.11 -36.75
C ALA A 93 -18.55 -16.74 -38.13
N ILE A 94 -17.36 -17.26 -38.44
CA ILE A 94 -17.08 -17.86 -39.78
C ILE A 94 -17.99 -19.08 -40.00
N LEU A 95 -18.06 -19.97 -39.01
CA LEU A 95 -18.78 -21.25 -39.15
C LEU A 95 -20.27 -20.96 -39.34
N GLN A 96 -20.83 -20.01 -38.60
CA GLN A 96 -22.27 -19.69 -38.62
C GLN A 96 -22.66 -19.09 -39.98
N ASN A 97 -21.73 -18.40 -40.65
CA ASN A 97 -21.94 -17.67 -41.93
C ASN A 97 -21.63 -18.61 -43.12
N ASN A 98 -21.12 -19.82 -42.85
CA ASN A 98 -20.74 -20.86 -43.85
C ASN A 98 -21.26 -22.23 -43.36
N HIS A 99 -22.54 -22.24 -42.98
CA HIS A 99 -23.21 -23.29 -42.17
C HIS A 99 -23.12 -24.67 -42.84
N THR A 100 -23.23 -24.76 -44.16
CA THR A 100 -23.31 -26.08 -44.85
C THR A 100 -21.92 -26.58 -45.28
N LEU A 101 -20.87 -25.76 -45.22
CA LEU A 101 -19.54 -26.11 -45.79
C LEU A 101 -18.75 -27.10 -44.91
N PHE A 102 -19.07 -27.29 -43.62
CA PHE A 102 -18.16 -27.99 -42.67
C PHE A 102 -18.83 -29.20 -42.02
N THR A 103 -18.07 -30.27 -41.82
CA THR A 103 -18.54 -31.51 -41.16
C THR A 103 -18.78 -31.23 -39.67
N ASP A 104 -19.48 -32.15 -38.99
CA ASP A 104 -19.82 -32.04 -37.55
C ASP A 104 -18.51 -32.07 -36.75
N LEU A 105 -17.57 -32.94 -37.17
CA LEU A 105 -16.23 -33.10 -36.54
C LEU A 105 -15.45 -31.79 -36.65
N GLU A 106 -15.48 -31.16 -37.83
CA GLU A 106 -14.74 -29.89 -38.07
C GLU A 106 -15.30 -28.82 -37.14
N ARG A 107 -16.63 -28.71 -36.98
CA ARG A 107 -17.27 -27.65 -36.17
C ARG A 107 -16.79 -27.82 -34.72
N LYS A 108 -16.95 -29.04 -34.17
CA LYS A 108 -16.42 -29.50 -32.85
C LYS A 108 -14.94 -29.12 -32.67
N GLY A 109 -14.08 -29.56 -33.59
CA GLY A 109 -12.62 -29.46 -33.46
C GLY A 109 -12.10 -28.05 -33.56
N LEU A 110 -12.64 -27.23 -34.47
CA LEU A 110 -12.07 -25.91 -34.79
C LEU A 110 -12.28 -24.94 -33.62
N LEU A 111 -13.40 -25.02 -32.91
CA LEU A 111 -13.67 -24.12 -31.76
C LEU A 111 -12.74 -24.49 -30.61
N ILE A 112 -12.48 -25.78 -30.43
CA ILE A 112 -11.54 -26.29 -29.41
C ILE A 112 -10.11 -25.84 -29.81
N ALA A 113 -9.74 -26.01 -31.07
CA ALA A 113 -8.42 -25.60 -31.61
C ALA A 113 -8.17 -24.12 -31.28
N CYS A 114 -9.15 -23.27 -31.55
CA CYS A 114 -9.02 -21.82 -31.32
C CYS A 114 -8.86 -21.52 -29.83
N LEU A 115 -9.63 -22.18 -28.96
CA LEU A 115 -9.51 -21.94 -27.49
C LEU A 115 -8.11 -22.36 -27.01
N CYS A 116 -7.52 -23.40 -27.61
CA CYS A 116 -6.26 -24.03 -27.15
C CYS A 116 -5.04 -23.51 -27.92
N HIS A 117 -5.20 -22.64 -28.93
CA HIS A 117 -4.16 -22.42 -29.97
C HIS A 117 -2.91 -21.73 -29.40
N ASP A 118 -3.00 -21.07 -28.24
CA ASP A 118 -1.85 -20.35 -27.63
C ASP A 118 -1.61 -20.81 -26.18
N LEU A 119 -2.04 -22.03 -25.84
CA LEU A 119 -1.86 -22.61 -24.47
C LEU A 119 -0.40 -22.44 -23.99
N ASP A 120 -0.24 -21.86 -22.81
CA ASP A 120 1.05 -21.73 -22.09
C ASP A 120 1.99 -20.80 -22.84
N HIS A 121 1.46 -19.79 -23.55
CA HIS A 121 2.29 -18.77 -24.22
C HIS A 121 2.90 -17.85 -23.17
N ARG A 122 4.17 -17.50 -23.32
CA ARG A 122 4.92 -16.65 -22.35
C ARG A 122 5.17 -15.26 -22.95
N GLY A 123 4.66 -14.99 -24.16
CA GLY A 123 4.77 -13.68 -24.82
C GLY A 123 6.04 -13.53 -25.64
N PHE A 124 6.73 -14.64 -25.93
CA PHE A 124 7.98 -14.66 -26.75
C PHE A 124 7.76 -15.44 -28.06
N SER A 125 8.19 -14.84 -29.18
CA SER A 125 8.19 -15.44 -30.54
C SER A 125 9.10 -16.68 -30.60
N ASN A 126 8.93 -17.44 -31.68
CA ASN A 126 9.78 -18.63 -31.99
C ASN A 126 11.24 -18.19 -32.14
N SER A 127 11.48 -16.99 -32.71
CA SER A 127 12.83 -16.42 -32.95
C SER A 127 13.55 -16.27 -31.63
N TYR A 128 12.87 -15.71 -30.63
CA TYR A 128 13.48 -15.47 -29.29
C TYR A 128 13.81 -16.83 -28.66
N LEU A 129 12.91 -17.81 -28.70
CA LEU A 129 13.21 -19.15 -28.13
C LEU A 129 14.52 -19.65 -28.75
N GLN A 130 14.68 -19.49 -30.07
CA GLN A 130 15.83 -20.02 -30.83
C GLN A 130 17.11 -19.30 -30.38
N LYS A 131 17.10 -17.98 -30.30
CA LYS A 131 18.26 -17.17 -29.88
C LYS A 131 18.55 -17.38 -28.40
N PHE A 132 17.53 -17.62 -27.58
CA PHE A 132 17.72 -17.90 -26.13
C PHE A 132 18.32 -19.31 -25.97
N ASP A 133 18.06 -20.19 -26.92
CA ASP A 133 18.40 -21.63 -26.85
C ASP A 133 17.46 -22.31 -25.84
N HIS A 134 16.15 -22.03 -25.94
CA HIS A 134 15.13 -22.63 -25.02
C HIS A 134 15.05 -24.13 -25.33
N PRO A 135 14.93 -25.00 -24.31
CA PRO A 135 14.70 -26.44 -24.53
C PRO A 135 13.63 -26.80 -25.57
N LEU A 136 12.52 -26.05 -25.59
CA LEU A 136 11.42 -26.27 -26.58
C LEU A 136 11.99 -26.18 -28.01
N ALA A 137 12.97 -25.31 -28.26
CA ALA A 137 13.56 -25.12 -29.61
C ALA A 137 14.36 -26.35 -30.01
N ALA A 138 14.88 -27.13 -29.05
CA ALA A 138 15.62 -28.40 -29.28
C ALA A 138 14.63 -29.53 -29.58
N LEU A 139 13.51 -29.56 -28.86
CA LEU A 139 12.38 -30.51 -29.04
C LEU A 139 11.75 -30.31 -30.43
N TYR A 140 11.51 -29.05 -30.84
CA TYR A 140 10.85 -28.69 -32.12
C TYR A 140 11.57 -27.51 -32.76
N SER A 141 12.25 -27.75 -33.89
CA SER A 141 13.08 -26.77 -34.64
C SER A 141 12.19 -25.76 -35.38
N THR A 142 11.00 -26.17 -35.86
CA THR A 142 10.05 -25.27 -36.56
C THR A 142 8.69 -25.27 -35.84
N SER A 143 7.92 -24.20 -36.03
CA SER A 143 6.64 -23.96 -35.32
C SER A 143 6.78 -24.31 -33.84
N THR A 144 7.84 -23.86 -33.18
CA THR A 144 8.25 -24.29 -31.81
C THR A 144 7.09 -24.09 -30.82
N MET A 145 6.57 -22.88 -30.68
CA MET A 145 5.50 -22.64 -29.67
C MET A 145 4.26 -23.44 -30.09
N GLU A 146 3.99 -23.55 -31.39
CA GLU A 146 2.72 -24.11 -31.89
C GLU A 146 2.71 -25.60 -31.58
N GLN A 147 3.83 -26.30 -31.67
CA GLN A 147 3.85 -27.74 -31.30
C GLN A 147 3.72 -27.85 -29.78
N HIS A 148 4.26 -26.89 -29.04
CA HIS A 148 4.06 -26.81 -27.58
C HIS A 148 2.58 -26.60 -27.27
N HIS A 149 1.89 -25.69 -27.97
CA HIS A 149 0.44 -25.41 -27.74
C HIS A 149 -0.37 -26.70 -27.96
N PHE A 150 -0.06 -27.48 -28.99
CA PHE A 150 -0.82 -28.72 -29.28
C PHE A 150 -0.57 -29.75 -28.17
N SER A 151 0.67 -29.90 -27.70
CA SER A 151 1.03 -30.96 -26.72
C SER A 151 0.41 -30.58 -25.37
N GLN A 152 0.32 -29.28 -25.07
CA GLN A 152 -0.50 -28.78 -23.93
C GLN A 152 -1.97 -29.16 -24.10
N THR A 153 -2.51 -29.12 -25.32
CA THR A 153 -3.93 -29.50 -25.57
C THR A 153 -4.14 -30.99 -25.29
N VAL A 154 -3.29 -31.86 -25.85
CA VAL A 154 -3.33 -33.33 -25.61
C VAL A 154 -3.25 -33.61 -24.09
N SER A 155 -2.35 -32.94 -23.37
CA SER A 155 -2.14 -33.10 -21.90
C SER A 155 -3.46 -32.93 -21.18
N ILE A 156 -4.16 -31.85 -21.48
CA ILE A 156 -5.42 -31.48 -20.78
C ILE A 156 -6.51 -32.47 -21.19
N LEU A 157 -6.58 -32.84 -22.47
CA LEU A 157 -7.55 -33.86 -22.97
C LEU A 157 -7.36 -35.20 -22.23
N GLN A 158 -6.19 -35.46 -21.66
CA GLN A 158 -5.83 -36.76 -21.02
C GLN A 158 -6.00 -36.71 -19.49
N LEU A 159 -6.22 -35.54 -18.89
CA LEU A 159 -6.61 -35.42 -17.45
C LEU A 159 -7.93 -36.17 -17.23
N GLU A 160 -8.15 -36.72 -16.04
CA GLU A 160 -9.40 -37.45 -15.70
C GLU A 160 -10.57 -36.48 -15.77
N GLY A 161 -11.69 -36.96 -16.32
CA GLY A 161 -12.95 -36.21 -16.47
C GLY A 161 -12.91 -35.16 -17.58
N HIS A 162 -11.82 -35.06 -18.35
CA HIS A 162 -11.61 -33.98 -19.36
C HIS A 162 -11.74 -34.48 -20.81
N ASN A 163 -12.07 -35.75 -21.08
CA ASN A 163 -12.18 -36.21 -22.50
C ASN A 163 -13.56 -35.87 -23.07
N ILE A 164 -13.67 -34.65 -23.58
CA ILE A 164 -14.88 -34.08 -24.23
C ILE A 164 -15.18 -34.84 -25.53
N PHE A 165 -14.27 -35.69 -26.01
CA PHE A 165 -14.47 -36.46 -27.26
C PHE A 165 -14.78 -37.93 -26.94
N SER A 166 -15.07 -38.23 -25.67
CA SER A 166 -15.22 -39.61 -25.11
C SER A 166 -16.11 -40.50 -25.99
N THR A 167 -17.16 -39.95 -26.59
CA THR A 167 -18.23 -40.70 -27.30
C THR A 167 -17.88 -40.88 -28.78
N LEU A 168 -16.73 -40.38 -29.23
CA LEU A 168 -16.22 -40.61 -30.61
C LEU A 168 -15.59 -42.00 -30.64
N SER A 169 -15.57 -42.66 -31.80
CA SER A 169 -14.84 -43.92 -32.06
C SER A 169 -13.33 -43.62 -32.03
N SER A 170 -12.50 -44.63 -31.91
CA SER A 170 -11.02 -44.49 -32.02
C SER A 170 -10.69 -43.68 -33.28
N SER A 171 -11.41 -43.96 -34.37
CA SER A 171 -11.16 -43.47 -35.74
C SER A 171 -11.44 -41.97 -35.78
N GLU A 172 -12.60 -41.58 -35.24
CA GLU A 172 -13.13 -40.19 -35.26
C GLU A 172 -12.32 -39.33 -34.29
N TYR A 173 -12.04 -39.87 -33.11
CA TYR A 173 -11.16 -39.23 -32.10
C TYR A 173 -9.86 -38.81 -32.77
N GLU A 174 -9.27 -39.71 -33.56
CA GLU A 174 -7.96 -39.50 -34.24
C GLU A 174 -8.10 -38.42 -35.33
N GLN A 175 -9.20 -38.44 -36.09
CA GLN A 175 -9.52 -37.38 -37.09
C GLN A 175 -9.61 -36.01 -36.41
N VAL A 176 -10.37 -35.90 -35.32
CA VAL A 176 -10.62 -34.56 -34.71
C VAL A 176 -9.29 -34.05 -34.11
N LEU A 177 -8.46 -34.91 -33.52
CA LEU A 177 -7.15 -34.49 -32.94
C LEU A 177 -6.22 -34.08 -34.08
N GLU A 178 -6.41 -34.65 -35.26
CA GLU A 178 -5.61 -34.34 -36.47
C GLU A 178 -6.07 -32.99 -37.05
N ILE A 179 -7.38 -32.71 -37.07
CA ILE A 179 -7.91 -31.36 -37.41
C ILE A 179 -7.33 -30.34 -36.43
N ILE A 180 -7.32 -30.66 -35.14
CA ILE A 180 -6.88 -29.73 -34.08
C ILE A 180 -5.37 -29.46 -34.25
N ARG A 181 -4.56 -30.49 -34.53
CA ARG A 181 -3.09 -30.33 -34.65
C ARG A 181 -2.79 -29.40 -35.84
N LYS A 182 -3.34 -29.70 -37.01
CA LYS A 182 -3.06 -28.90 -38.23
C LYS A 182 -3.53 -27.46 -37.99
N ALA A 183 -4.70 -27.29 -37.38
CA ALA A 183 -5.27 -25.95 -37.09
C ALA A 183 -4.31 -25.17 -36.18
N ILE A 184 -3.81 -25.79 -35.11
CA ILE A 184 -2.95 -25.08 -34.15
C ILE A 184 -1.61 -24.74 -34.81
N ILE A 185 -1.05 -25.68 -35.57
CA ILE A 185 0.24 -25.49 -36.29
C ILE A 185 0.09 -24.32 -37.28
N ALA A 186 -1.06 -24.20 -37.95
CA ALA A 186 -1.29 -23.16 -38.98
C ALA A 186 -1.27 -21.74 -38.39
N THR A 187 -1.38 -21.57 -37.06
CA THR A 187 -1.34 -20.23 -36.41
C THR A 187 0.10 -19.75 -36.36
N ASP A 188 1.06 -20.56 -36.81
CA ASP A 188 2.45 -20.11 -37.03
C ASP A 188 2.45 -19.22 -38.27
N LEU A 189 2.56 -17.90 -38.09
CA LEU A 189 2.41 -16.91 -39.20
C LEU A 189 3.49 -17.12 -40.27
N ALA A 190 4.67 -17.64 -39.92
CA ALA A 190 5.73 -18.04 -40.88
C ALA A 190 5.12 -18.97 -41.94
N LEU A 191 4.14 -19.80 -41.61
CA LEU A 191 3.56 -20.78 -42.55
C LEU A 191 2.46 -20.13 -43.40
N TYR A 192 1.85 -19.06 -42.91
CA TYR A 192 0.70 -18.39 -43.58
C TYR A 192 1.09 -17.98 -45.01
N PHE A 193 2.27 -17.39 -45.21
CA PHE A 193 2.64 -16.71 -46.49
C PHE A 193 2.49 -17.68 -47.66
N GLY A 194 3.15 -18.83 -47.58
CA GLY A 194 3.07 -19.86 -48.62
C GLY A 194 1.68 -20.42 -48.73
N ASN A 195 0.99 -20.61 -47.61
CA ASN A 195 -0.37 -21.20 -47.59
C ASN A 195 -1.35 -20.29 -48.35
N ARG A 196 -1.34 -18.99 -48.07
CA ARG A 196 -2.19 -18.04 -48.80
C ARG A 196 -1.78 -17.98 -50.28
N LYS A 197 -0.48 -17.98 -50.60
CA LYS A 197 0.05 -18.01 -52.00
C LYS A 197 -0.52 -19.21 -52.76
N GLN A 198 -0.48 -20.40 -52.16
CA GLN A 198 -0.97 -21.64 -52.81
C GLN A 198 -2.47 -21.52 -53.05
N LEU A 199 -3.24 -21.07 -52.06
CA LEU A 199 -4.73 -20.97 -52.15
C LEU A 199 -5.10 -19.95 -53.24
N GLU A 200 -4.38 -18.82 -53.30
CA GLU A 200 -4.55 -17.77 -54.34
C GLU A 200 -4.43 -18.45 -55.71
N GLU A 201 -3.34 -19.16 -55.97
CA GLU A 201 -3.10 -19.90 -57.25
C GLU A 201 -4.26 -20.86 -57.52
N MET A 202 -4.67 -21.68 -56.55
CA MET A 202 -5.72 -22.72 -56.73
C MET A 202 -7.05 -22.04 -57.05
N TYR A 203 -7.37 -20.91 -56.41
CA TYR A 203 -8.65 -20.21 -56.63
C TYR A 203 -8.65 -19.58 -58.03
N GLN A 204 -7.51 -19.01 -58.45
CA GLN A 204 -7.32 -18.31 -59.75
C GLN A 204 -7.52 -19.29 -60.91
N THR A 205 -6.76 -20.38 -60.93
CA THR A 205 -6.81 -21.42 -61.99
C THR A 205 -8.04 -22.32 -61.81
N GLY A 206 -8.86 -22.12 -60.79
CA GLY A 206 -10.13 -22.87 -60.60
C GLY A 206 -9.92 -24.31 -60.16
N SER A 207 -8.70 -24.68 -59.74
CA SER A 207 -8.36 -26.05 -59.27
C SER A 207 -8.76 -26.26 -57.80
N LEU A 208 -9.06 -25.20 -57.05
CA LEU A 208 -9.50 -25.34 -55.63
C LEU A 208 -10.76 -26.23 -55.58
N ASN A 209 -10.70 -27.27 -54.77
CA ASN A 209 -11.71 -28.35 -54.65
C ASN A 209 -11.86 -28.71 -53.17
N LEU A 210 -13.00 -28.40 -52.54
CA LEU A 210 -13.20 -28.58 -51.07
C LEU A 210 -13.42 -30.06 -50.71
N ASN A 211 -13.38 -31.00 -51.67
CA ASN A 211 -13.49 -32.46 -51.41
C ASN A 211 -12.09 -33.09 -51.40
N ASN A 212 -11.09 -32.35 -51.85
CA ASN A 212 -9.67 -32.73 -51.67
C ASN A 212 -9.28 -32.36 -50.23
N GLN A 213 -9.05 -33.36 -49.38
CA GLN A 213 -8.67 -33.16 -47.96
C GLN A 213 -7.45 -32.21 -47.83
N SER A 214 -6.49 -32.22 -48.76
CA SER A 214 -5.29 -31.34 -48.63
C SER A 214 -5.67 -29.89 -48.97
N HIS A 215 -6.74 -29.68 -49.74
CA HIS A 215 -7.29 -28.33 -50.05
C HIS A 215 -8.08 -27.82 -48.84
N ARG A 216 -8.92 -28.67 -48.24
CA ARG A 216 -9.64 -28.37 -46.98
C ARG A 216 -8.63 -27.89 -45.93
N ASP A 217 -7.56 -28.65 -45.72
CA ASP A 217 -6.54 -28.39 -44.69
C ASP A 217 -6.03 -26.95 -44.89
N ARG A 218 -5.78 -26.55 -46.13
CA ARG A 218 -5.19 -25.22 -46.44
C ARG A 218 -6.21 -24.13 -46.08
N VAL A 219 -7.47 -24.36 -46.45
CA VAL A 219 -8.61 -23.42 -46.22
C VAL A 219 -8.82 -23.28 -44.71
N ILE A 220 -8.80 -24.39 -43.97
CA ILE A 220 -8.84 -24.33 -42.47
C ILE A 220 -7.61 -23.56 -41.97
N GLY A 221 -6.44 -23.79 -42.56
CA GLY A 221 -5.22 -23.07 -42.20
C GLY A 221 -5.41 -21.56 -42.29
N LEU A 222 -6.06 -21.10 -43.36
CA LEU A 222 -6.23 -19.65 -43.64
C LEU A 222 -7.28 -19.06 -42.69
N MET A 223 -8.34 -19.81 -42.42
CA MET A 223 -9.36 -19.46 -41.39
C MET A 223 -8.67 -19.24 -40.03
N MET A 224 -7.68 -20.07 -39.69
CA MET A 224 -6.98 -20.02 -38.38
C MET A 224 -6.16 -18.73 -38.32
N THR A 225 -5.49 -18.38 -39.43
CA THR A 225 -4.77 -17.09 -39.53
C THR A 225 -5.78 -15.95 -39.35
N ALA A 226 -6.90 -16.01 -40.08
CA ALA A 226 -7.94 -14.96 -40.09
C ALA A 226 -8.46 -14.74 -38.67
N CYS A 227 -8.76 -15.82 -37.93
CA CYS A 227 -9.27 -15.76 -36.53
C CYS A 227 -8.18 -15.20 -35.60
N ASP A 228 -6.95 -15.62 -35.82
CA ASP A 228 -5.79 -15.23 -34.97
C ASP A 228 -5.48 -13.75 -35.11
N LEU A 229 -5.67 -13.16 -36.30
CA LEU A 229 -5.36 -11.74 -36.55
C LEU A 229 -6.61 -10.87 -36.32
N CYS A 230 -7.70 -11.44 -35.81
CA CYS A 230 -9.05 -10.80 -35.90
C CYS A 230 -9.11 -9.47 -35.11
N SER A 231 -8.07 -9.10 -34.35
CA SER A 231 -7.96 -7.78 -33.67
CA SER A 231 -8.13 -7.80 -33.67
C SER A 231 -8.03 -6.65 -34.70
N VAL A 232 -7.46 -6.89 -35.89
CA VAL A 232 -7.43 -5.88 -36.99
C VAL A 232 -8.80 -5.77 -37.68
N THR A 233 -9.80 -6.59 -37.32
CA THR A 233 -11.15 -6.58 -37.92
C THR A 233 -12.21 -6.07 -36.94
N LYS A 234 -11.81 -5.56 -35.78
CA LYS A 234 -12.79 -4.98 -34.82
C LYS A 234 -13.05 -3.53 -35.20
N LEU A 235 -13.97 -2.89 -34.50
CA LEU A 235 -14.19 -1.44 -34.63
C LEU A 235 -12.96 -0.73 -34.06
N TRP A 236 -12.62 0.42 -34.64
CA TRP A 236 -11.34 1.14 -34.44
C TRP A 236 -10.98 1.28 -32.96
N PRO A 237 -11.90 1.68 -32.06
CA PRO A 237 -11.52 1.87 -30.66
C PRO A 237 -10.99 0.57 -30.03
N VAL A 238 -11.51 -0.60 -30.45
CA VAL A 238 -11.04 -1.92 -29.94
C VAL A 238 -9.68 -2.26 -30.55
N THR A 239 -9.55 -2.08 -31.88
CA THR A 239 -8.30 -2.34 -32.64
C THR A 239 -7.15 -1.55 -32.02
N LYS A 240 -7.41 -0.29 -31.74
CA LYS A 240 -6.42 0.68 -31.22
C LYS A 240 -6.00 0.27 -29.80
N LEU A 241 -6.92 -0.12 -28.93
CA LEU A 241 -6.56 -0.48 -27.53
C LEU A 241 -5.83 -1.83 -27.52
N THR A 242 -6.23 -2.79 -28.35
CA THR A 242 -5.59 -4.11 -28.44
C THR A 242 -4.14 -3.94 -28.94
N ALA A 243 -3.88 -2.98 -29.83
CA ALA A 243 -2.53 -2.71 -30.37
C ALA A 243 -1.56 -2.38 -29.23
N ASN A 244 -1.99 -1.65 -28.19
CA ASN A 244 -1.16 -1.41 -26.97
C ASN A 244 -0.71 -2.73 -26.35
N ASP A 245 -1.59 -3.72 -26.26
CA ASP A 245 -1.28 -5.02 -25.60
C ASP A 245 -0.27 -5.78 -26.45
N ILE A 246 -0.48 -5.81 -27.77
CA ILE A 246 0.43 -6.50 -28.73
C ILE A 246 1.83 -5.90 -28.57
N TYR A 247 1.93 -4.58 -28.55
CA TYR A 247 3.27 -3.92 -28.56
C TYR A 247 3.93 -4.06 -27.19
N ALA A 248 3.16 -4.15 -26.09
CA ALA A 248 3.70 -4.38 -24.73
C ALA A 248 4.48 -5.70 -24.73
N GLU A 249 3.95 -6.75 -25.37
CA GLU A 249 4.68 -8.03 -25.54
C GLU A 249 5.89 -7.80 -26.46
N PHE A 250 5.70 -7.17 -27.62
CA PHE A 250 6.82 -6.99 -28.58
C PHE A 250 7.98 -6.28 -27.89
N TRP A 251 7.71 -5.22 -27.11
CA TRP A 251 8.77 -4.38 -26.48
C TRP A 251 9.49 -5.16 -25.38
N ALA A 252 8.75 -5.93 -24.56
CA ALA A 252 9.32 -6.88 -23.56
C ALA A 252 10.25 -7.85 -24.28
N GLU A 253 9.86 -8.41 -25.41
CA GLU A 253 10.74 -9.33 -26.18
C GLU A 253 11.98 -8.56 -26.67
N GLY A 254 11.80 -7.34 -27.13
CA GLY A 254 12.91 -6.47 -27.59
C GLY A 254 13.89 -6.25 -26.46
N ASP A 255 13.40 -5.99 -25.25
CA ASP A 255 14.23 -5.86 -24.03
C ASP A 255 15.03 -7.16 -23.84
N GLU A 256 14.38 -8.32 -24.00
CA GLU A 256 15.04 -9.64 -23.78
C GLU A 256 16.10 -9.90 -24.86
N MET A 257 15.88 -9.43 -26.09
CA MET A 257 16.89 -9.49 -27.18
C MET A 257 18.13 -8.68 -26.75
N LYS A 258 17.91 -7.44 -26.32
CA LYS A 258 18.99 -6.53 -25.87
C LYS A 258 19.79 -7.22 -24.76
N LYS A 259 19.15 -7.98 -23.88
CA LYS A 259 19.85 -8.68 -22.78
C LYS A 259 20.73 -9.80 -23.34
N LEU A 260 20.40 -10.38 -24.50
CA LEU A 260 21.22 -11.45 -25.12
C LEU A 260 22.39 -10.86 -25.92
N GLY A 261 22.44 -9.53 -26.10
CA GLY A 261 23.46 -8.83 -26.89
C GLY A 261 23.05 -8.68 -28.35
N ILE A 262 21.75 -8.56 -28.62
CA ILE A 262 21.20 -8.49 -30.01
C ILE A 262 20.30 -7.26 -30.12
N GLN A 263 20.64 -6.31 -31.00
CA GLN A 263 19.71 -5.20 -31.33
C GLN A 263 18.45 -5.84 -31.89
N PRO A 264 17.27 -5.61 -31.28
CA PRO A 264 16.02 -6.11 -31.83
C PRO A 264 15.60 -5.37 -33.11
N ILE A 265 14.88 -6.04 -34.01
CA ILE A 265 14.14 -5.37 -35.11
C ILE A 265 13.37 -4.20 -34.51
N PRO A 266 13.20 -3.07 -35.23
CA PRO A 266 12.61 -1.85 -34.66
C PRO A 266 11.16 -1.99 -34.15
N MET A 267 10.37 -2.88 -34.74
CA MET A 267 9.01 -3.25 -34.25
C MET A 267 9.05 -3.59 -32.75
N MET A 268 10.09 -4.29 -32.30
CA MET A 268 10.23 -4.80 -30.91
C MET A 268 11.06 -3.83 -30.04
N ASP A 269 11.45 -2.67 -30.57
CA ASP A 269 12.32 -1.74 -29.81
C ASP A 269 11.47 -0.61 -29.21
N ARG A 270 11.33 -0.57 -27.88
CA ARG A 270 10.45 0.43 -27.22
C ARG A 270 11.07 1.83 -27.36
N ASP A 271 12.34 1.92 -27.78
CA ASP A 271 12.98 3.23 -28.08
C ASP A 271 12.43 3.80 -29.40
N LYS A 272 11.81 2.98 -30.26
CA LYS A 272 11.32 3.38 -31.61
C LYS A 272 9.79 3.26 -31.70
N LYS A 273 9.06 3.73 -30.68
CA LYS A 273 7.57 3.74 -30.62
C LYS A 273 6.99 4.66 -31.70
N ASP A 274 7.74 5.70 -32.09
CA ASP A 274 7.36 6.67 -33.16
C ASP A 274 7.12 5.92 -34.48
N GLU A 275 7.72 4.74 -34.69
CA GLU A 275 7.63 3.99 -35.98
C GLU A 275 6.39 3.06 -36.00
N VAL A 276 5.62 3.00 -34.91
CA VAL A 276 4.49 2.03 -34.72
C VAL A 276 3.47 2.21 -35.83
N PRO A 277 2.87 3.43 -36.01
CA PRO A 277 1.81 3.61 -37.01
C PRO A 277 2.21 3.18 -38.42
N GLN A 278 3.44 3.47 -38.82
CA GLN A 278 3.99 3.07 -40.15
C GLN A 278 4.21 1.54 -40.15
N GLY A 279 4.61 0.97 -39.00
CA GLY A 279 4.72 -0.49 -38.83
C GLY A 279 3.38 -1.19 -39.01
N GLN A 280 2.31 -0.64 -38.45
CA GLN A 280 0.94 -1.17 -38.61
C GLN A 280 0.53 -1.12 -40.08
N LEU A 281 0.72 0.04 -40.73
CA LEU A 281 0.47 0.27 -42.18
C LEU A 281 1.15 -0.85 -42.99
N GLY A 282 2.44 -1.12 -42.71
CA GLY A 282 3.20 -2.24 -43.30
C GLY A 282 2.50 -3.58 -43.11
N PHE A 283 2.06 -3.86 -41.88
CA PHE A 283 1.45 -5.15 -41.50
C PHE A 283 0.10 -5.33 -42.22
N TYR A 284 -0.73 -4.29 -42.32
CA TYR A 284 -2.05 -4.36 -43.01
C TYR A 284 -1.80 -4.63 -44.50
N ASN A 285 -0.85 -3.90 -45.11
CA ASN A 285 -0.53 -4.06 -46.56
C ASN A 285 0.05 -5.45 -46.83
N ALA A 286 1.02 -5.90 -46.02
CA ALA A 286 1.76 -7.16 -46.28
C ALA A 286 1.02 -8.39 -45.78
N VAL A 287 0.26 -8.31 -44.67
CA VAL A 287 -0.30 -9.55 -44.04
C VAL A 287 -1.82 -9.56 -44.05
N ALA A 288 -2.42 -8.60 -43.36
CA ALA A 288 -3.86 -8.61 -42.99
C ALA A 288 -4.71 -8.54 -44.26
N ILE A 289 -4.49 -7.51 -45.10
CA ILE A 289 -5.36 -7.28 -46.28
C ILE A 289 -5.27 -8.50 -47.20
N PRO A 290 -4.08 -8.97 -47.60
CA PRO A 290 -3.98 -10.20 -48.40
C PRO A 290 -4.70 -11.40 -47.76
N CYS A 291 -4.56 -11.57 -46.43
CA CYS A 291 -5.20 -12.69 -45.70
C CYS A 291 -6.72 -12.63 -45.90
N TYR A 292 -7.36 -11.52 -45.55
CA TYR A 292 -8.85 -11.39 -45.62
C TYR A 292 -9.30 -11.30 -47.08
N THR A 293 -8.47 -10.77 -47.99
CA THR A 293 -8.76 -10.77 -49.46
C THR A 293 -8.94 -12.23 -49.93
N THR A 294 -7.89 -13.04 -49.81
CA THR A 294 -7.93 -14.47 -50.23
C THR A 294 -9.05 -15.20 -49.48
N LEU A 295 -9.28 -14.90 -48.20
CA LEU A 295 -10.33 -15.64 -47.41
C LEU A 295 -11.70 -15.35 -48.01
N THR A 296 -11.97 -14.09 -48.34
CA THR A 296 -13.24 -13.61 -48.92
C THR A 296 -13.46 -14.24 -50.31
N GLN A 297 -12.40 -14.40 -51.12
CA GLN A 297 -12.48 -15.09 -52.44
C GLN A 297 -13.02 -16.50 -52.24
N ILE A 298 -12.48 -17.22 -51.25
CA ILE A 298 -12.82 -18.66 -50.99
C ILE A 298 -14.15 -18.76 -50.24
N LEU A 299 -14.40 -17.90 -49.25
CA LEU A 299 -15.61 -17.93 -48.38
C LEU A 299 -16.27 -16.55 -48.41
N PRO A 300 -17.12 -16.29 -49.44
CA PRO A 300 -17.65 -14.95 -49.67
C PRO A 300 -18.37 -14.31 -48.48
N PRO A 301 -19.13 -15.07 -47.65
CA PRO A 301 -19.74 -14.48 -46.45
C PRO A 301 -18.79 -13.92 -45.37
N THR A 302 -17.47 -14.13 -45.46
CA THR A 302 -16.46 -13.54 -44.53
C THR A 302 -16.10 -12.11 -44.93
N GLU A 303 -16.74 -11.57 -45.97
CA GLU A 303 -16.51 -10.21 -46.54
C GLU A 303 -16.41 -9.16 -45.41
N PRO A 304 -17.28 -9.17 -44.37
CA PRO A 304 -17.22 -8.13 -43.34
C PRO A 304 -15.85 -8.01 -42.68
N LEU A 305 -15.12 -9.13 -42.56
CA LEU A 305 -13.74 -9.14 -41.98
C LEU A 305 -12.83 -8.27 -42.84
N LEU A 306 -12.85 -8.48 -44.16
CA LEU A 306 -12.06 -7.67 -45.14
C LEU A 306 -12.46 -6.18 -45.02
N LYS A 307 -13.75 -5.89 -45.06
CA LYS A 307 -14.25 -4.49 -44.98
C LYS A 307 -13.72 -3.82 -43.69
N ALA A 308 -13.87 -4.49 -42.54
CA ALA A 308 -13.45 -3.90 -41.24
C ALA A 308 -11.93 -3.75 -41.21
N CYS A 309 -11.20 -4.65 -41.87
CA CYS A 309 -9.72 -4.54 -42.00
C CYS A 309 -9.35 -3.28 -42.81
N ARG A 310 -9.97 -3.06 -43.97
CA ARG A 310 -9.73 -1.83 -44.80
C ARG A 310 -10.05 -0.57 -43.97
N ASP A 311 -11.14 -0.60 -43.19
CA ASP A 311 -11.54 0.56 -42.33
C ASP A 311 -10.39 0.90 -41.38
N ASN A 312 -9.80 -0.11 -40.72
CA ASN A 312 -8.73 0.09 -39.72
C ASN A 312 -7.46 0.56 -40.44
N LEU A 313 -7.15 0.02 -41.63
CA LEU A 313 -6.02 0.50 -42.48
C LEU A 313 -6.17 2.02 -42.68
N SER A 314 -7.36 2.44 -43.09
CA SER A 314 -7.69 3.88 -43.27
C SER A 314 -7.48 4.64 -41.94
N GLN A 315 -7.86 4.06 -40.80
CA GLN A 315 -7.69 4.74 -39.49
C GLN A 315 -6.18 4.89 -39.16
N TRP A 316 -5.34 3.91 -39.51
CA TRP A 316 -3.88 4.03 -39.24
C TRP A 316 -3.28 5.12 -40.16
N GLU A 317 -3.76 5.22 -41.41
CA GLU A 317 -3.32 6.30 -42.34
C GLU A 317 -3.64 7.67 -41.72
N LYS A 318 -4.82 7.82 -41.10
CA LYS A 318 -5.21 9.08 -40.39
C LYS A 318 -4.25 9.35 -39.23
N VAL A 319 -3.81 8.33 -38.49
CA VAL A 319 -2.85 8.54 -37.36
C VAL A 319 -1.57 9.13 -37.95
N ILE A 320 -1.08 8.56 -39.06
CA ILE A 320 0.23 8.95 -39.66
C ILE A 320 0.15 10.43 -40.09
N ARG A 321 -0.96 10.81 -40.73
CA ARG A 321 -1.20 12.14 -41.34
C ARG A 321 -1.60 13.13 -40.24
N GLY A 322 -1.42 12.77 -38.97
CA GLY A 322 -1.67 13.61 -37.79
C GLY A 322 -3.13 13.98 -37.58
N GLU A 323 -4.09 13.23 -38.16
CA GLU A 323 -5.56 13.49 -38.08
C GLU A 323 -6.17 12.80 -36.84
N GLU A 324 -5.37 12.10 -36.00
CA GLU A 324 -5.76 11.65 -34.63
C GLU A 324 -4.57 11.00 -33.90
N LEU B 13 -9.88 -12.41 27.58
CA LEU B 13 -9.04 -11.21 27.95
C LEU B 13 -7.82 -11.10 27.02
N MET B 14 -8.01 -11.41 25.73
CA MET B 14 -7.06 -11.04 24.64
C MET B 14 -7.46 -9.66 24.13
N GLN B 15 -6.58 -8.69 24.36
CA GLN B 15 -6.61 -7.34 23.75
C GLN B 15 -5.72 -7.38 22.50
N PHE B 16 -6.25 -6.95 21.35
CA PHE B 16 -5.43 -6.55 20.18
C PHE B 16 -4.74 -5.23 20.53
N THR B 17 -3.43 -5.17 20.30
CA THR B 17 -2.57 -3.96 20.49
C THR B 17 -1.92 -3.62 19.15
N LEU B 18 -1.74 -2.34 18.88
CA LEU B 18 -1.01 -1.86 17.70
C LEU B 18 0.32 -1.26 18.15
N PRO B 19 1.34 -1.18 17.27
CA PRO B 19 2.52 -0.36 17.55
C PRO B 19 2.14 1.08 17.94
N VAL B 20 3.04 1.79 18.62
CA VAL B 20 2.78 3.13 19.22
C VAL B 20 2.29 4.10 18.15
N ARG B 21 2.96 4.20 16.99
CA ARG B 21 2.60 5.21 15.97
C ARG B 21 1.17 4.95 15.45
N LEU B 22 0.78 3.68 15.26
CA LEU B 22 -0.57 3.32 14.75
C LEU B 22 -1.60 3.54 15.86
N CYS B 23 -1.29 3.10 17.08
CA CYS B 23 -2.19 3.27 18.26
C CYS B 23 -2.57 4.76 18.37
N LYS B 24 -1.62 5.67 18.18
CA LYS B 24 -1.81 7.14 18.34
C LYS B 24 -2.57 7.75 17.15
N GLU B 25 -2.42 7.23 15.93
CA GLU B 25 -2.92 7.89 14.70
C GLU B 25 -4.32 7.35 14.33
N ILE B 26 -4.65 6.14 14.76
CA ILE B 26 -5.87 5.41 14.31
C ILE B 26 -7.12 6.16 14.78
N GLU B 27 -6.99 6.94 15.86
CA GLU B 27 -8.08 7.73 16.48
C GLU B 27 -8.33 8.97 15.62
N LEU B 28 -7.37 9.39 14.80
CA LEU B 28 -7.47 10.57 13.90
C LEU B 28 -8.21 10.21 12.61
N PHE B 29 -9.10 11.10 12.15
CA PHE B 29 -9.88 10.96 10.89
C PHE B 29 -8.92 10.77 9.70
N HIS B 30 -7.73 11.37 9.71
CA HIS B 30 -6.83 11.36 8.52
C HIS B 30 -5.79 10.21 8.55
N PHE B 31 -5.97 9.20 9.40
CA PHE B 31 -5.09 8.00 9.47
C PHE B 31 -5.10 7.28 8.12
N ASP B 32 -3.91 6.87 7.66
CA ASP B 32 -3.69 5.99 6.49
C ASP B 32 -3.29 4.62 7.01
N ILE B 33 -3.93 3.54 6.55
CA ILE B 33 -3.72 2.17 7.10
C ILE B 33 -2.41 1.57 6.58
N GLY B 34 -1.72 2.26 5.66
CA GLY B 34 -0.38 1.85 5.22
C GLY B 34 -0.40 0.67 4.25
N PRO B 35 0.79 0.28 3.72
CA PRO B 35 0.88 -0.70 2.63
C PRO B 35 0.99 -2.19 3.00
N PHE B 36 1.01 -2.54 4.29
CA PHE B 36 1.21 -3.92 4.76
C PHE B 36 -0.17 -4.56 4.92
N GLU B 37 -0.65 -5.25 3.87
CA GLU B 37 -2.00 -5.89 3.81
C GLU B 37 -2.22 -6.84 4.99
N ASN B 38 -1.15 -7.52 5.47
CA ASN B 38 -1.29 -8.56 6.52
CA ASN B 38 -1.20 -8.55 6.54
C ASN B 38 -1.68 -7.91 7.86
N MET B 39 -1.52 -6.59 7.99
CA MET B 39 -1.87 -5.87 9.24
C MET B 39 -3.32 -5.37 9.25
N TRP B 40 -3.98 -5.29 8.09
CA TRP B 40 -5.32 -4.65 8.01
C TRP B 40 -6.35 -5.45 8.81
N PRO B 41 -6.35 -6.81 8.78
CA PRO B 41 -7.30 -7.58 9.59
C PRO B 41 -7.17 -7.28 11.08
N GLY B 42 -5.95 -7.20 11.59
CA GLY B 42 -5.68 -6.87 13.01
C GLY B 42 -6.18 -5.48 13.33
N ILE B 43 -6.02 -4.55 12.38
CA ILE B 43 -6.48 -3.13 12.49
C ILE B 43 -8.01 -3.14 12.58
N PHE B 44 -8.68 -3.94 11.74
CA PHE B 44 -10.16 -4.01 11.76
C PHE B 44 -10.65 -4.60 13.10
N VAL B 45 -10.02 -5.68 13.59
CA VAL B 45 -10.40 -6.34 14.88
C VAL B 45 -10.17 -5.34 16.02
N TYR B 46 -9.01 -4.67 16.05
CA TYR B 46 -8.75 -3.58 17.02
C TYR B 46 -9.92 -2.60 17.01
N MET B 47 -10.38 -2.18 15.82
CA MET B 47 -11.48 -1.17 15.72
C MET B 47 -12.77 -1.77 16.28
N VAL B 48 -13.08 -3.01 15.95
CA VAL B 48 -14.32 -3.66 16.43
C VAL B 48 -14.29 -3.73 17.97
N HIS B 49 -13.16 -4.09 18.57
CA HIS B 49 -13.05 -4.32 20.04
C HIS B 49 -13.25 -3.00 20.78
N ARG B 50 -12.72 -1.90 20.25
CA ARG B 50 -12.77 -0.58 20.92
C ARG B 50 -14.11 0.12 20.63
N SER B 51 -14.77 -0.17 19.51
CA SER B 51 -16.05 0.47 19.08
C SER B 51 -17.23 -0.27 19.69
N CYS B 52 -17.10 -1.57 19.76
CA CYS B 52 -18.19 -2.52 20.06
C CYS B 52 -17.94 -3.11 21.45
N GLY B 53 -16.75 -3.71 21.66
CA GLY B 53 -16.40 -4.52 22.83
C GLY B 53 -15.70 -5.82 22.44
N THR B 54 -14.98 -6.43 23.39
CA THR B 54 -14.32 -7.76 23.25
C THR B 54 -15.40 -8.86 23.17
N SER B 55 -16.55 -8.61 23.79
CA SER B 55 -17.72 -9.52 23.89
C SER B 55 -18.53 -9.57 22.58
N CYS B 56 -18.46 -8.51 21.76
CA CYS B 56 -19.32 -8.32 20.56
C CYS B 56 -19.24 -9.53 19.62
N PHE B 57 -18.04 -10.03 19.33
CA PHE B 57 -17.83 -11.12 18.33
C PHE B 57 -16.93 -12.22 18.90
N GLU B 58 -17.34 -13.47 18.70
CA GLU B 58 -16.46 -14.65 18.81
C GLU B 58 -15.28 -14.41 17.85
N LEU B 59 -14.06 -14.36 18.36
CA LEU B 59 -12.85 -13.96 17.60
C LEU B 59 -12.53 -14.97 16.48
N GLU B 60 -12.65 -16.28 16.72
CA GLU B 60 -12.38 -17.29 15.67
C GLU B 60 -13.29 -17.01 14.47
N LYS B 61 -14.58 -16.76 14.71
CA LYS B 61 -15.62 -16.52 13.66
C LYS B 61 -15.34 -15.21 12.91
N LEU B 62 -15.08 -14.13 13.64
CA LEU B 62 -14.78 -12.81 13.07
C LEU B 62 -13.62 -12.90 12.09
N CME B 63 -12.51 -13.54 12.51
CA CME B 63 -11.27 -13.69 11.70
CB CME B 63 -10.07 -14.17 12.52
SG CME B 63 -9.35 -12.99 13.70
SD CME B 63 -8.19 -11.72 12.58
CE CME B 63 -6.53 -12.45 12.64
CZ CME B 63 -5.43 -11.44 12.77
OH CME B 63 -4.92 -11.43 14.08
C CME B 63 -11.59 -14.55 10.46
O CME B 63 -11.03 -14.25 9.41
N ARG B 64 -12.47 -15.52 10.57
CA ARG B 64 -12.91 -16.36 9.43
C ARG B 64 -13.73 -15.50 8.45
N PHE B 65 -14.64 -14.68 8.96
CA PHE B 65 -15.47 -13.73 8.17
C PHE B 65 -14.55 -12.73 7.45
N ILE B 66 -13.67 -12.08 8.20
CA ILE B 66 -12.70 -11.10 7.62
C ILE B 66 -11.98 -11.74 6.44
N MET B 67 -11.42 -12.95 6.61
CA MET B 67 -10.58 -13.58 5.55
C MET B 67 -11.44 -13.94 4.35
N SER B 68 -12.70 -14.34 4.54
CA SER B 68 -13.60 -14.62 3.40
C SER B 68 -13.97 -13.30 2.67
N VAL B 69 -14.20 -12.22 3.40
CA VAL B 69 -14.47 -10.89 2.79
C VAL B 69 -13.26 -10.50 1.95
N LYS B 70 -12.05 -10.49 2.51
CA LYS B 70 -10.81 -10.15 1.74
C LYS B 70 -10.80 -10.92 0.42
N LYS B 71 -11.03 -12.22 0.49
CA LYS B 71 -10.92 -13.14 -0.67
C LYS B 71 -11.91 -12.71 -1.76
N ASN B 72 -13.04 -12.10 -1.40
CA ASN B 72 -14.13 -11.76 -2.36
C ASN B 72 -14.01 -10.29 -2.83
N TYR B 73 -12.95 -9.57 -2.46
CA TYR B 73 -12.54 -8.31 -3.14
C TYR B 73 -11.57 -8.66 -4.27
N ARG B 74 -11.58 -7.85 -5.33
CA ARG B 74 -10.80 -8.14 -6.56
C ARG B 74 -9.55 -7.26 -6.56
N ARG B 75 -8.60 -7.60 -7.43
CA ARG B 75 -7.30 -6.90 -7.57
C ARG B 75 -7.51 -5.75 -8.56
N VAL B 76 -8.30 -4.76 -8.18
CA VAL B 76 -8.61 -3.58 -9.01
C VAL B 76 -7.87 -2.41 -8.37
N PRO B 77 -7.67 -1.31 -9.12
CA PRO B 77 -6.84 -0.20 -8.65
C PRO B 77 -7.36 0.54 -7.41
N TYR B 78 -8.67 0.73 -7.27
CA TYR B 78 -9.25 1.57 -6.19
C TYR B 78 -10.25 0.79 -5.35
N HIS B 79 -11.27 0.16 -5.95
CA HIS B 79 -12.41 -0.50 -5.24
C HIS B 79 -11.97 -1.87 -4.74
N ASN B 80 -10.93 -1.87 -3.91
CA ASN B 80 -10.22 -3.08 -3.48
C ASN B 80 -10.32 -3.20 -1.95
N TRP B 81 -9.64 -4.21 -1.40
CA TRP B 81 -9.65 -4.57 0.04
C TRP B 81 -9.11 -3.40 0.86
N LYS B 82 -8.14 -2.64 0.34
CA LYS B 82 -7.61 -1.49 1.07
C LYS B 82 -8.71 -0.44 1.23
N HIS B 83 -9.47 -0.14 0.16
CA HIS B 83 -10.62 0.81 0.20
C HIS B 83 -11.61 0.35 1.27
N ALA B 84 -11.93 -0.94 1.35
CA ALA B 84 -12.91 -1.49 2.31
C ALA B 84 -12.47 -1.18 3.75
N VAL B 85 -11.19 -1.33 4.07
CA VAL B 85 -10.73 -1.15 5.48
C VAL B 85 -10.64 0.34 5.79
N THR B 86 -10.19 1.13 4.82
CA THR B 86 -10.10 2.61 4.91
C THR B 86 -11.50 3.15 5.22
N VAL B 87 -12.54 2.66 4.56
CA VAL B 87 -13.93 3.14 4.78
C VAL B 87 -14.41 2.67 6.16
N ALA B 88 -14.13 1.43 6.57
CA ALA B 88 -14.36 0.95 7.96
C ALA B 88 -13.63 1.86 8.95
N HIS B 89 -12.38 2.22 8.68
CA HIS B 89 -11.64 3.11 9.61
C HIS B 89 -12.39 4.46 9.77
N CYS B 90 -12.85 5.08 8.68
CA CYS B 90 -13.52 6.39 8.79
C CYS B 90 -14.75 6.23 9.70
N MET B 91 -15.50 5.14 9.53
CA MET B 91 -16.73 4.88 10.30
C MET B 91 -16.34 4.72 11.77
N TYR B 92 -15.24 4.00 12.04
CA TYR B 92 -14.66 3.83 13.39
C TYR B 92 -14.46 5.22 14.02
N ALA B 93 -13.78 6.16 13.33
CA ALA B 93 -13.54 7.53 13.81
C ALA B 93 -14.87 8.26 14.11
N ILE B 94 -15.88 8.15 13.24
CA ILE B 94 -17.21 8.79 13.48
C ILE B 94 -17.81 8.20 14.75
N LEU B 95 -17.87 6.87 14.86
CA LEU B 95 -18.51 6.15 15.99
C LEU B 95 -17.82 6.48 17.31
N GLN B 96 -16.49 6.61 17.31
CA GLN B 96 -15.70 6.88 18.54
C GLN B 96 -15.91 8.33 19.00
N ASN B 97 -16.21 9.26 18.09
CA ASN B 97 -16.41 10.70 18.42
C ASN B 97 -17.89 11.01 18.66
N ASN B 98 -18.76 10.01 18.61
CA ASN B 98 -20.23 10.18 18.80
C ASN B 98 -20.79 8.94 19.49
N HIS B 99 -20.11 8.45 20.55
CA HIS B 99 -20.26 7.07 21.07
C HIS B 99 -21.65 6.89 21.72
N THR B 100 -22.24 7.95 22.26
CA THR B 100 -23.57 7.90 22.96
C THR B 100 -24.72 7.78 21.95
N LEU B 101 -24.51 8.19 20.70
CA LEU B 101 -25.60 8.37 19.71
C LEU B 101 -26.10 7.03 19.17
N PHE B 102 -25.29 5.97 19.18
CA PHE B 102 -25.62 4.72 18.44
C PHE B 102 -25.81 3.54 19.40
N THR B 103 -26.78 2.69 19.09
CA THR B 103 -27.07 1.41 19.78
C THR B 103 -25.91 0.42 19.49
N ASP B 104 -25.88 -0.71 20.20
CA ASP B 104 -24.83 -1.75 20.05
C ASP B 104 -25.00 -2.43 18.68
N LEU B 105 -26.22 -2.79 18.32
CA LEU B 105 -26.56 -3.35 16.99
C LEU B 105 -26.02 -2.43 15.89
N GLU B 106 -26.15 -1.12 16.06
CA GLU B 106 -25.73 -0.11 15.05
C GLU B 106 -24.22 -0.12 14.94
N ARG B 107 -23.47 -0.17 16.05
CA ARG B 107 -21.99 -0.11 16.02
C ARG B 107 -21.43 -1.41 15.39
N LYS B 108 -22.06 -2.55 15.68
CA LYS B 108 -21.76 -3.87 15.04
C LYS B 108 -21.96 -3.78 13.52
N GLY B 109 -23.19 -3.44 13.12
CA GLY B 109 -23.69 -3.38 11.73
C GLY B 109 -22.81 -2.50 10.84
N LEU B 110 -22.45 -1.31 11.30
CA LEU B 110 -21.90 -0.25 10.42
C LEU B 110 -20.45 -0.58 10.07
N LEU B 111 -19.66 -1.10 11.01
CA LEU B 111 -18.25 -1.47 10.71
C LEU B 111 -18.26 -2.66 9.75
N ILE B 112 -19.16 -3.62 9.95
CA ILE B 112 -19.32 -4.78 9.05
C ILE B 112 -19.83 -4.26 7.70
N ALA B 113 -20.81 -3.36 7.68
CA ALA B 113 -21.34 -2.75 6.44
C ALA B 113 -20.19 -2.12 5.64
N CYS B 114 -19.34 -1.33 6.30
CA CYS B 114 -18.25 -0.60 5.61
C CYS B 114 -17.24 -1.61 5.03
N LEU B 115 -16.94 -2.69 5.76
CA LEU B 115 -15.95 -3.71 5.31
C LEU B 115 -16.49 -4.39 4.06
N CYS B 116 -17.80 -4.64 4.00
CA CYS B 116 -18.47 -5.42 2.93
C CYS B 116 -19.03 -4.54 1.79
N HIS B 117 -19.04 -3.22 1.91
CA HIS B 117 -19.89 -2.31 1.06
C HIS B 117 -19.50 -2.35 -0.42
N ASP B 118 -18.30 -2.80 -0.81
CA ASP B 118 -17.92 -2.90 -2.25
C ASP B 118 -17.57 -4.34 -2.67
N LEU B 119 -18.08 -5.35 -1.95
CA LEU B 119 -17.71 -6.77 -2.20
C LEU B 119 -17.86 -7.10 -3.67
N ASP B 120 -16.82 -7.71 -4.24
CA ASP B 120 -16.79 -8.29 -5.59
C ASP B 120 -16.92 -7.17 -6.63
N HIS B 121 -16.46 -5.95 -6.31
CA HIS B 121 -16.36 -4.82 -7.25
C HIS B 121 -15.36 -5.16 -8.37
N ARG B 122 -15.70 -4.80 -9.60
CA ARG B 122 -14.90 -5.12 -10.81
C ARG B 122 -14.29 -3.85 -11.40
N GLY B 123 -14.55 -2.67 -10.82
CA GLY B 123 -14.00 -1.35 -11.19
C GLY B 123 -14.90 -0.60 -12.17
N PHE B 124 -16.15 -1.07 -12.35
CA PHE B 124 -17.11 -0.52 -13.33
C PHE B 124 -18.35 -0.02 -12.60
N SER B 125 -18.84 1.16 -13.01
CA SER B 125 -20.01 1.87 -12.45
C SER B 125 -21.29 1.15 -12.90
N ASN B 126 -22.42 1.49 -12.26
CA ASN B 126 -23.79 1.03 -12.61
C ASN B 126 -24.17 1.46 -14.04
N SER B 127 -23.78 2.66 -14.51
CA SER B 127 -23.98 3.12 -15.91
C SER B 127 -23.36 2.12 -16.88
N TYR B 128 -22.09 1.72 -16.66
CA TYR B 128 -21.39 0.78 -17.56
C TYR B 128 -22.14 -0.56 -17.58
N LEU B 129 -22.48 -1.12 -16.41
CA LEU B 129 -23.19 -2.43 -16.33
C LEU B 129 -24.50 -2.33 -17.13
N GLN B 130 -25.21 -1.22 -17.04
CA GLN B 130 -26.46 -1.01 -17.82
C GLN B 130 -26.13 -0.98 -19.34
N LYS B 131 -25.19 -0.15 -19.78
CA LYS B 131 -24.85 -0.03 -21.22
C LYS B 131 -24.35 -1.37 -21.77
N PHE B 132 -23.63 -2.14 -20.95
CA PHE B 132 -23.04 -3.42 -21.39
C PHE B 132 -24.13 -4.49 -21.49
N ASP B 133 -25.24 -4.30 -20.73
CA ASP B 133 -26.33 -5.29 -20.55
C ASP B 133 -25.79 -6.46 -19.72
N HIS B 134 -25.09 -6.18 -18.62
CA HIS B 134 -24.57 -7.20 -17.68
C HIS B 134 -25.75 -7.88 -17.00
N PRO B 135 -25.71 -9.23 -16.79
CA PRO B 135 -26.79 -9.94 -16.09
C PRO B 135 -27.27 -9.27 -14.78
N LEU B 136 -26.35 -8.73 -13.99
CA LEU B 136 -26.67 -8.02 -12.73
C LEU B 136 -27.65 -6.87 -12.98
N ALA B 137 -27.60 -6.17 -14.10
CA ALA B 137 -28.51 -5.03 -14.38
C ALA B 137 -29.95 -5.51 -14.56
N ALA B 138 -30.15 -6.77 -14.95
CA ALA B 138 -31.48 -7.40 -15.13
C ALA B 138 -32.03 -7.79 -13.77
N LEU B 139 -31.16 -8.25 -12.87
CA LEU B 139 -31.48 -8.58 -11.46
C LEU B 139 -31.90 -7.30 -10.74
N TYR B 140 -31.14 -6.22 -10.91
CA TYR B 140 -31.30 -4.98 -10.12
C TYR B 140 -31.17 -3.78 -11.05
N SER B 141 -32.31 -3.19 -11.41
CA SER B 141 -32.42 -2.05 -12.35
C SER B 141 -31.72 -0.83 -11.74
N THR B 142 -31.90 -0.58 -10.44
CA THR B 142 -31.28 0.56 -9.72
C THR B 142 -30.34 0.03 -8.64
N SER B 143 -29.36 0.84 -8.27
CA SER B 143 -28.30 0.51 -7.29
C SER B 143 -27.74 -0.89 -7.60
N THR B 144 -27.44 -1.16 -8.86
CA THR B 144 -27.12 -2.51 -9.38
C THR B 144 -25.96 -3.12 -8.58
N MET B 145 -24.82 -2.43 -8.48
CA MET B 145 -23.63 -2.98 -7.78
C MET B 145 -23.93 -3.11 -6.28
N GLU B 146 -24.60 -2.12 -5.69
CA GLU B 146 -24.77 -2.07 -4.22
C GLU B 146 -25.67 -3.24 -3.79
N GLN B 147 -26.66 -3.60 -4.59
CA GLN B 147 -27.52 -4.76 -4.27
C GLN B 147 -26.70 -6.04 -4.40
N HIS B 148 -25.76 -6.08 -5.35
CA HIS B 148 -24.80 -7.20 -5.49
C HIS B 148 -23.86 -7.28 -4.28
N HIS B 149 -23.34 -6.14 -3.81
CA HIS B 149 -22.47 -6.10 -2.61
C HIS B 149 -23.23 -6.68 -1.41
N PHE B 150 -24.51 -6.32 -1.24
CA PHE B 150 -25.31 -6.77 -0.07
C PHE B 150 -25.50 -8.28 -0.15
N SER B 151 -25.78 -8.79 -1.35
CA SER B 151 -26.09 -10.24 -1.55
C SER B 151 -24.80 -11.05 -1.39
N GLN B 152 -23.66 -10.49 -1.74
CA GLN B 152 -22.33 -11.09 -1.47
C GLN B 152 -22.12 -11.20 0.04
N THR B 153 -22.50 -10.17 0.81
CA THR B 153 -22.35 -10.09 2.28
C THR B 153 -23.20 -11.19 2.95
N VAL B 154 -24.44 -11.37 2.51
CA VAL B 154 -25.37 -12.42 3.02
C VAL B 154 -24.80 -13.81 2.71
N SER B 155 -24.27 -14.02 1.50
CA SER B 155 -23.61 -15.28 1.09
C SER B 155 -22.51 -15.64 2.09
N ILE B 156 -21.60 -14.71 2.35
CA ILE B 156 -20.45 -14.96 3.28
C ILE B 156 -20.95 -15.27 4.70
N LEU B 157 -21.96 -14.56 5.21
CA LEU B 157 -22.50 -14.78 6.58
C LEU B 157 -23.08 -16.20 6.74
N GLN B 158 -23.51 -16.81 5.62
CA GLN B 158 -24.21 -18.11 5.62
C GLN B 158 -23.23 -19.29 5.41
N LEU B 159 -21.95 -19.02 5.11
CA LEU B 159 -20.85 -20.02 5.12
C LEU B 159 -20.71 -20.60 6.54
N GLU B 160 -20.32 -21.87 6.65
CA GLU B 160 -20.08 -22.60 7.93
C GLU B 160 -19.01 -21.88 8.75
N GLY B 161 -19.35 -21.60 10.01
CA GLY B 161 -18.48 -20.91 10.98
C GLY B 161 -18.30 -19.44 10.66
N HIS B 162 -19.12 -18.85 9.77
CA HIS B 162 -18.98 -17.42 9.39
C HIS B 162 -20.07 -16.56 10.05
N ASN B 163 -21.09 -17.14 10.68
CA ASN B 163 -22.20 -16.35 11.27
C ASN B 163 -21.72 -15.63 12.53
N ILE B 164 -21.14 -14.43 12.34
CA ILE B 164 -20.63 -13.54 13.42
C ILE B 164 -21.79 -12.98 14.26
N PHE B 165 -23.04 -13.20 13.87
CA PHE B 165 -24.23 -12.68 14.58
C PHE B 165 -25.03 -13.84 15.21
N SER B 166 -24.37 -14.95 15.54
CA SER B 166 -25.02 -16.21 16.02
C SER B 166 -25.63 -15.99 17.41
N THR B 167 -25.11 -15.08 18.22
CA THR B 167 -25.58 -14.83 19.62
C THR B 167 -26.84 -13.94 19.67
N LEU B 168 -27.28 -13.35 18.54
CA LEU B 168 -28.45 -12.42 18.47
C LEU B 168 -29.74 -13.24 18.32
N SER B 169 -30.87 -12.74 18.82
CA SER B 169 -32.24 -13.29 18.51
C SER B 169 -32.52 -13.17 17.00
N SER B 170 -33.45 -13.96 16.47
CA SER B 170 -33.98 -13.84 15.09
C SER B 170 -34.41 -12.39 14.81
N SER B 171 -35.00 -11.75 15.82
CA SER B 171 -35.42 -10.33 15.84
C SER B 171 -34.22 -9.39 15.62
N GLU B 172 -33.18 -9.45 16.47
CA GLU B 172 -32.00 -8.54 16.38
C GLU B 172 -31.17 -8.86 15.13
N TYR B 173 -30.89 -10.13 14.85
CA TYR B 173 -30.22 -10.55 13.59
C TYR B 173 -30.89 -9.87 12.40
N GLU B 174 -32.21 -9.84 12.38
CA GLU B 174 -32.95 -9.25 11.24
C GLU B 174 -32.75 -7.73 11.25
N GLN B 175 -32.75 -7.09 12.42
CA GLN B 175 -32.51 -5.63 12.50
C GLN B 175 -31.12 -5.31 11.96
N VAL B 176 -30.07 -6.01 12.44
CA VAL B 176 -28.66 -5.68 12.09
C VAL B 176 -28.47 -5.93 10.59
N LEU B 177 -29.10 -6.94 10.01
CA LEU B 177 -29.01 -7.16 8.54
C LEU B 177 -29.78 -6.08 7.78
N GLU B 178 -30.80 -5.49 8.39
CA GLU B 178 -31.58 -4.38 7.77
C GLU B 178 -30.72 -3.11 7.85
N ILE B 179 -29.99 -2.90 8.94
CA ILE B 179 -29.02 -1.78 9.05
C ILE B 179 -27.97 -1.91 7.94
N ILE B 180 -27.40 -3.10 7.78
CA ILE B 180 -26.32 -3.40 6.81
C ILE B 180 -26.86 -3.19 5.38
N ARG B 181 -28.03 -3.70 5.06
CA ARG B 181 -28.60 -3.53 3.70
C ARG B 181 -28.70 -2.03 3.38
N LYS B 182 -29.35 -1.25 4.24
CA LYS B 182 -29.64 0.18 3.98
C LYS B 182 -28.33 0.95 3.89
N ALA B 183 -27.35 0.59 4.72
CA ALA B 183 -26.03 1.25 4.75
C ALA B 183 -25.32 1.02 3.42
N ILE B 184 -25.32 -0.22 2.92
CA ILE B 184 -24.59 -0.58 1.67
C ILE B 184 -25.30 0.09 0.49
N ILE B 185 -26.64 0.03 0.43
CA ILE B 185 -27.43 0.68 -0.65
C ILE B 185 -27.10 2.18 -0.67
N ALA B 186 -26.98 2.81 0.51
CA ALA B 186 -26.71 4.26 0.62
C ALA B 186 -25.36 4.64 -0.01
N THR B 187 -24.44 3.70 -0.26
CA THR B 187 -23.12 4.05 -0.87
C THR B 187 -23.27 4.28 -2.37
N ASP B 188 -24.45 4.04 -2.92
CA ASP B 188 -24.80 4.42 -4.31
C ASP B 188 -24.88 5.95 -4.37
N LEU B 189 -23.90 6.62 -4.97
CA LEU B 189 -23.83 8.11 -4.94
C LEU B 189 -25.07 8.73 -5.61
N ALA B 190 -25.81 8.00 -6.44
CA ALA B 190 -27.07 8.48 -7.06
C ALA B 190 -28.08 8.81 -5.95
N LEU B 191 -28.11 8.05 -4.85
CA LEU B 191 -29.10 8.23 -3.75
C LEU B 191 -28.64 9.35 -2.79
N TYR B 192 -27.39 9.74 -2.87
CA TYR B 192 -26.78 10.71 -1.93
C TYR B 192 -27.45 12.08 -2.07
N PHE B 193 -27.56 12.63 -3.29
CA PHE B 193 -28.05 14.03 -3.54
C PHE B 193 -29.44 14.23 -2.88
N GLY B 194 -30.40 13.35 -3.15
CA GLY B 194 -31.75 13.37 -2.53
C GLY B 194 -31.69 13.25 -1.01
N ASN B 195 -30.83 12.37 -0.48
CA ASN B 195 -30.76 12.08 0.97
C ASN B 195 -30.15 13.29 1.69
N ARG B 196 -29.03 13.82 1.19
CA ARG B 196 -28.40 15.03 1.80
C ARG B 196 -29.35 16.23 1.75
N LYS B 197 -30.16 16.33 0.70
CA LYS B 197 -31.10 17.47 0.56
C LYS B 197 -32.19 17.37 1.65
N GLN B 198 -32.85 16.23 1.78
CA GLN B 198 -33.89 15.99 2.81
C GLN B 198 -33.33 16.19 4.22
N LEU B 199 -32.08 15.79 4.47
CA LEU B 199 -31.40 15.96 5.78
C LEU B 199 -31.22 17.46 6.07
N GLU B 200 -30.73 18.23 5.10
CA GLU B 200 -30.48 19.69 5.22
C GLU B 200 -31.80 20.39 5.58
N GLU B 201 -32.87 20.15 4.84
CA GLU B 201 -34.20 20.75 5.11
C GLU B 201 -34.70 20.38 6.51
N MET B 202 -34.65 19.10 6.89
CA MET B 202 -35.08 18.61 8.23
C MET B 202 -34.26 19.33 9.31
N TYR B 203 -32.96 19.48 9.09
CA TYR B 203 -32.01 20.05 10.08
C TYR B 203 -32.36 21.52 10.32
N GLN B 204 -32.54 22.27 9.24
CA GLN B 204 -32.77 23.74 9.27
C GLN B 204 -34.16 24.05 9.85
N THR B 205 -35.22 23.30 9.51
CA THR B 205 -36.56 23.44 10.12
C THR B 205 -36.55 22.96 11.57
N GLY B 206 -35.41 22.43 12.04
CA GLY B 206 -35.27 21.81 13.36
C GLY B 206 -36.22 20.63 13.56
N SER B 207 -36.64 19.96 12.48
CA SER B 207 -37.54 18.77 12.53
C SER B 207 -36.74 17.45 12.59
N LEU B 208 -35.40 17.48 12.54
CA LEU B 208 -34.56 16.26 12.55
C LEU B 208 -34.57 15.66 13.96
N ASN B 209 -35.09 14.45 14.09
CA ASN B 209 -35.26 13.75 15.40
C ASN B 209 -34.61 12.37 15.27
N LEU B 210 -33.49 12.14 15.96
CA LEU B 210 -32.71 10.89 15.83
C LEU B 210 -33.43 9.70 16.50
N ASN B 211 -34.55 9.92 17.18
CA ASN B 211 -35.43 8.83 17.70
C ASN B 211 -36.45 8.43 16.63
N ASN B 212 -36.50 9.15 15.52
CA ASN B 212 -37.33 8.76 14.34
C ASN B 212 -36.48 7.82 13.49
N GLN B 213 -36.84 6.55 13.37
CA GLN B 213 -36.05 5.50 12.66
C GLN B 213 -35.73 5.95 11.23
N SER B 214 -36.76 6.41 10.50
CA SER B 214 -36.65 6.87 9.10
C SER B 214 -35.63 8.03 9.04
N HIS B 215 -35.61 8.91 10.03
CA HIS B 215 -34.57 9.98 10.15
C HIS B 215 -33.20 9.38 10.44
N ARG B 216 -33.11 8.41 11.36
CA ARG B 216 -31.86 7.69 11.71
C ARG B 216 -31.26 7.05 10.45
N ASP B 217 -32.09 6.33 9.71
CA ASP B 217 -31.73 5.71 8.40
C ASP B 217 -31.00 6.73 7.53
N ARG B 218 -31.55 7.94 7.40
CA ARG B 218 -30.99 8.99 6.51
C ARG B 218 -29.62 9.42 7.00
N VAL B 219 -29.48 9.61 8.31
CA VAL B 219 -28.20 10.09 8.91
C VAL B 219 -27.13 8.99 8.73
N ILE B 220 -27.50 7.74 8.93
CA ILE B 220 -26.58 6.59 8.65
C ILE B 220 -26.22 6.61 7.16
N GLY B 221 -27.19 6.76 6.26
CA GLY B 221 -26.93 6.89 4.82
C GLY B 221 -25.85 7.94 4.52
N LEU B 222 -25.89 9.08 5.19
CA LEU B 222 -24.94 10.19 4.92
C LEU B 222 -23.59 9.87 5.55
N MET B 223 -23.57 9.23 6.71
CA MET B 223 -22.30 8.72 7.31
C MET B 223 -21.62 7.76 6.32
N MET B 224 -22.40 6.93 5.61
CA MET B 224 -21.85 5.93 4.65
C MET B 224 -21.21 6.63 3.44
N THR B 225 -21.88 7.63 2.85
CA THR B 225 -21.30 8.48 1.78
C THR B 225 -19.97 9.10 2.26
N ALA B 226 -19.96 9.67 3.46
CA ALA B 226 -18.81 10.42 4.02
C ALA B 226 -17.61 9.48 4.22
N CYS B 227 -17.87 8.29 4.76
CA CYS B 227 -16.85 7.22 4.87
C CYS B 227 -16.38 6.83 3.46
N ASP B 228 -17.33 6.61 2.55
CA ASP B 228 -17.03 6.15 1.19
C ASP B 228 -16.14 7.15 0.46
N LEU B 229 -16.30 8.45 0.69
CA LEU B 229 -15.53 9.50 -0.03
C LEU B 229 -14.31 9.94 0.78
N CYS B 230 -14.01 9.27 1.89
CA CYS B 230 -13.05 9.79 2.92
C CYS B 230 -11.64 9.96 2.33
N SER B 231 -11.39 9.51 1.10
CA SER B 231 -10.10 9.76 0.41
C SER B 231 -9.85 11.28 0.28
N VAL B 232 -10.91 12.08 0.16
CA VAL B 232 -10.80 13.57 -0.02
C VAL B 232 -10.51 14.24 1.34
N THR B 233 -10.53 13.50 2.44
CA THR B 233 -10.35 14.04 3.83
C THR B 233 -9.04 13.57 4.46
N LYS B 234 -8.12 13.03 3.65
CA LYS B 234 -6.74 12.68 4.10
C LYS B 234 -5.85 13.89 3.91
N LEU B 235 -4.64 13.83 4.46
CA LEU B 235 -3.61 14.86 4.20
C LEU B 235 -3.30 14.80 2.70
N TRP B 236 -2.91 15.93 2.11
CA TRP B 236 -2.76 16.12 0.64
C TRP B 236 -1.96 14.99 -0.02
N PRO B 237 -0.77 14.61 0.51
CA PRO B 237 0.05 13.60 -0.14
C PRO B 237 -0.72 12.30 -0.41
N VAL B 238 -1.57 11.91 0.54
CA VAL B 238 -2.38 10.65 0.43
C VAL B 238 -3.50 10.89 -0.57
N THR B 239 -4.21 12.02 -0.45
CA THR B 239 -5.31 12.40 -1.37
C THR B 239 -4.78 12.39 -2.80
N LYS B 240 -3.58 12.91 -3.01
CA LYS B 240 -2.97 13.08 -4.35
C LYS B 240 -2.71 11.71 -4.96
N LEU B 241 -2.11 10.82 -4.18
CA LEU B 241 -1.73 9.48 -4.68
C LEU B 241 -3.01 8.65 -4.89
N THR B 242 -4.01 8.78 -4.01
CA THR B 242 -5.27 8.01 -4.14
C THR B 242 -5.99 8.41 -5.43
N ALA B 243 -5.82 9.65 -5.91
CA ALA B 243 -6.50 10.15 -7.13
C ALA B 243 -6.02 9.37 -8.35
N ASN B 244 -4.75 8.95 -8.37
CA ASN B 244 -4.19 8.11 -9.47
C ASN B 244 -4.95 6.80 -9.55
N ASP B 245 -5.21 6.16 -8.40
CA ASP B 245 -5.95 4.87 -8.31
C ASP B 245 -7.38 5.07 -8.83
N ILE B 246 -8.09 6.11 -8.37
CA ILE B 246 -9.51 6.36 -8.76
C ILE B 246 -9.59 6.55 -10.29
N TYR B 247 -8.67 7.31 -10.86
CA TYR B 247 -8.68 7.66 -12.31
C TYR B 247 -8.22 6.46 -13.13
N ALA B 248 -7.39 5.59 -12.59
CA ALA B 248 -6.96 4.36 -13.31
C ALA B 248 -8.21 3.51 -13.61
N GLU B 249 -9.16 3.42 -12.66
CA GLU B 249 -10.46 2.72 -12.90
C GLU B 249 -11.33 3.52 -13.86
N PHE B 250 -11.45 4.82 -13.65
CA PHE B 250 -12.29 5.69 -14.50
C PHE B 250 -11.81 5.54 -15.95
N TRP B 251 -10.50 5.63 -16.19
CA TRP B 251 -9.95 5.59 -17.57
C TRP B 251 -10.20 4.21 -18.19
N ALA B 252 -10.06 3.13 -17.41
CA ALA B 252 -10.34 1.75 -17.87
C ALA B 252 -11.82 1.64 -18.26
N GLU B 253 -12.73 2.21 -17.49
CA GLU B 253 -14.19 2.19 -17.80
C GLU B 253 -14.45 3.05 -19.06
N GLY B 254 -13.82 4.23 -19.16
CA GLY B 254 -13.86 5.04 -20.40
C GLY B 254 -13.47 4.22 -21.63
N ASP B 255 -12.36 3.49 -21.55
CA ASP B 255 -11.87 2.60 -22.63
C ASP B 255 -12.96 1.59 -22.99
N GLU B 256 -13.62 1.01 -21.99
CA GLU B 256 -14.65 -0.03 -22.23
C GLU B 256 -15.89 0.61 -22.88
N MET B 257 -16.22 1.85 -22.53
CA MET B 257 -17.33 2.61 -23.17
C MET B 257 -17.02 2.80 -24.68
N LYS B 258 -15.79 3.20 -25.01
CA LYS B 258 -15.34 3.36 -26.41
C LYS B 258 -15.51 2.04 -27.13
N LYS B 259 -15.25 0.90 -26.48
CA LYS B 259 -15.38 -0.43 -27.13
C LYS B 259 -16.84 -0.78 -27.38
N LEU B 260 -17.80 -0.18 -26.66
CA LEU B 260 -19.26 -0.32 -26.91
C LEU B 260 -19.70 0.68 -27.97
N GLY B 261 -18.81 1.59 -28.39
CA GLY B 261 -19.12 2.61 -29.40
C GLY B 261 -19.83 3.80 -28.77
N ILE B 262 -19.49 4.15 -27.53
CA ILE B 262 -20.06 5.29 -26.78
C ILE B 262 -18.90 6.18 -26.35
N GLN B 263 -18.94 7.46 -26.69
CA GLN B 263 -17.93 8.43 -26.23
C GLN B 263 -18.12 8.56 -24.73
N PRO B 264 -17.10 8.27 -23.88
CA PRO B 264 -17.30 8.39 -22.44
C PRO B 264 -17.40 9.86 -22.02
N ILE B 265 -17.94 10.15 -20.82
CA ILE B 265 -17.86 11.51 -20.23
C ILE B 265 -16.38 11.83 -20.06
N PRO B 266 -15.98 13.12 -20.06
CA PRO B 266 -14.56 13.49 -20.05
C PRO B 266 -13.75 12.91 -18.87
N MET B 267 -14.40 12.81 -17.72
CA MET B 267 -13.74 12.33 -16.48
C MET B 267 -13.16 10.93 -16.72
N MET B 268 -13.81 10.12 -17.55
CA MET B 268 -13.45 8.70 -17.84
C MET B 268 -12.61 8.60 -19.10
N ASP B 269 -12.28 9.72 -19.74
CA ASP B 269 -11.55 9.71 -21.03
C ASP B 269 -10.06 9.95 -20.75
N ARG B 270 -9.22 8.94 -20.97
CA ARG B 270 -7.77 9.07 -20.74
C ARG B 270 -7.16 10.11 -21.69
N ASP B 271 -7.80 10.44 -22.80
CA ASP B 271 -7.26 11.49 -23.71
C ASP B 271 -7.50 12.89 -23.11
N LYS B 272 -8.20 13.03 -21.98
CA LYS B 272 -8.56 14.34 -21.40
C LYS B 272 -8.03 14.49 -19.98
N LYS B 273 -6.81 14.04 -19.71
CA LYS B 273 -6.19 14.09 -18.35
C LYS B 273 -5.96 15.54 -17.91
N ASP B 274 -5.77 16.46 -18.85
CA ASP B 274 -5.55 17.90 -18.58
C ASP B 274 -6.77 18.49 -17.84
N GLU B 275 -7.96 17.87 -17.97
CA GLU B 275 -9.20 18.36 -17.32
C GLU B 275 -9.41 17.79 -15.90
N VAL B 276 -8.44 17.05 -15.34
CA VAL B 276 -8.64 16.32 -14.05
C VAL B 276 -8.69 17.31 -12.87
N PRO B 277 -7.70 18.22 -12.72
CA PRO B 277 -7.73 19.19 -11.62
C PRO B 277 -9.07 19.95 -11.56
N GLN B 278 -9.60 20.37 -12.71
CA GLN B 278 -10.90 21.08 -12.77
C GLN B 278 -12.02 20.09 -12.42
N GLY B 279 -11.87 18.82 -12.77
CA GLY B 279 -12.88 17.78 -12.45
C GLY B 279 -12.97 17.59 -10.94
N GLN B 280 -11.83 17.47 -10.28
CA GLN B 280 -11.73 17.38 -8.80
C GLN B 280 -12.37 18.64 -8.18
N LEU B 281 -12.02 19.83 -8.66
CA LEU B 281 -12.63 21.11 -8.20
C LEU B 281 -14.16 21.00 -8.23
N GLY B 282 -14.72 20.53 -9.34
CA GLY B 282 -16.17 20.31 -9.51
C GLY B 282 -16.71 19.33 -8.49
N PHE B 283 -16.00 18.23 -8.25
CA PHE B 283 -16.48 17.14 -7.36
C PHE B 283 -16.56 17.65 -5.91
N TYR B 284 -15.57 18.42 -5.46
CA TYR B 284 -15.50 18.96 -4.08
C TYR B 284 -16.64 19.95 -3.83
N ASN B 285 -16.86 20.87 -4.77
CA ASN B 285 -17.94 21.92 -4.72
C ASN B 285 -19.34 21.27 -4.82
N ALA B 286 -19.53 20.32 -5.73
CA ALA B 286 -20.86 19.69 -5.98
C ALA B 286 -21.18 18.57 -4.97
N VAL B 287 -20.20 17.79 -4.49
CA VAL B 287 -20.49 16.53 -3.72
C VAL B 287 -19.85 16.58 -2.33
N ALA B 288 -18.52 16.61 -2.24
CA ALA B 288 -17.77 16.38 -0.98
C ALA B 288 -18.06 17.47 0.05
N ILE B 289 -17.83 18.76 -0.28
CA ILE B 289 -18.01 19.89 0.70
C ILE B 289 -19.44 19.86 1.25
N PRO B 290 -20.49 19.79 0.42
CA PRO B 290 -21.85 19.72 0.96
C PRO B 290 -22.11 18.50 1.85
N CYS B 291 -21.54 17.35 1.46
CA CYS B 291 -21.61 16.08 2.24
C CYS B 291 -21.08 16.33 3.66
N TYR B 292 -19.83 16.78 3.78
CA TYR B 292 -19.11 16.97 5.07
C TYR B 292 -19.71 18.17 5.84
N THR B 293 -20.23 19.17 5.14
CA THR B 293 -20.94 20.33 5.75
C THR B 293 -22.21 19.83 6.48
N THR B 294 -23.11 19.15 5.80
CA THR B 294 -24.34 18.59 6.42
C THR B 294 -23.99 17.58 7.54
N LEU B 295 -22.92 16.81 7.37
CA LEU B 295 -22.48 15.80 8.39
C LEU B 295 -22.05 16.54 9.67
N THR B 296 -21.27 17.61 9.54
CA THR B 296 -20.79 18.46 10.66
C THR B 296 -21.98 19.11 11.38
N GLN B 297 -23.01 19.58 10.66
CA GLN B 297 -24.23 20.16 11.27
C GLN B 297 -24.94 19.12 12.12
N ILE B 298 -25.11 17.91 11.60
CA ILE B 298 -25.85 16.86 12.33
C ILE B 298 -24.95 16.27 13.42
N LEU B 299 -23.65 16.10 13.16
CA LEU B 299 -22.66 15.43 14.06
C LEU B 299 -21.43 16.32 14.16
N PRO B 300 -21.47 17.32 15.04
CA PRO B 300 -20.39 18.30 15.15
C PRO B 300 -18.97 17.81 15.38
N PRO B 301 -18.75 16.68 16.08
CA PRO B 301 -17.40 16.14 16.22
C PRO B 301 -16.77 15.60 14.90
N THR B 302 -17.56 15.45 13.82
CA THR B 302 -17.06 15.00 12.48
C THR B 302 -16.42 16.18 11.73
N GLU B 303 -16.23 17.31 12.40
CA GLU B 303 -15.72 18.59 11.83
C GLU B 303 -14.38 18.39 11.13
N PRO B 304 -13.42 17.62 11.70
CA PRO B 304 -12.10 17.48 11.07
C PRO B 304 -12.16 16.94 9.64
N LEU B 305 -13.21 16.19 9.28
CA LEU B 305 -13.46 15.72 7.89
C LEU B 305 -13.69 16.92 6.97
N LEU B 306 -14.64 17.80 7.32
CA LEU B 306 -14.92 19.07 6.57
C LEU B 306 -13.62 19.88 6.44
N LYS B 307 -12.88 20.02 7.52
CA LYS B 307 -11.66 20.88 7.54
C LYS B 307 -10.64 20.35 6.55
N ALA B 308 -10.35 19.03 6.59
CA ALA B 308 -9.43 18.33 5.67
C ALA B 308 -9.93 18.43 4.22
N CYS B 309 -11.23 18.28 4.00
CA CYS B 309 -11.84 18.37 2.64
C CYS B 309 -11.58 19.78 2.05
N ARG B 310 -11.79 20.83 2.87
CA ARG B 310 -11.55 22.25 2.48
CA ARG B 310 -11.54 22.25 2.51
C ARG B 310 -10.06 22.45 2.15
N ASP B 311 -9.15 21.88 2.94
CA ASP B 311 -7.69 22.00 2.66
C ASP B 311 -7.34 21.34 1.31
N ASN B 312 -7.95 20.20 0.97
CA ASN B 312 -7.63 19.49 -0.31
C ASN B 312 -8.25 20.27 -1.49
N LEU B 313 -9.42 20.89 -1.31
CA LEU B 313 -10.06 21.77 -2.33
C LEU B 313 -9.07 22.90 -2.67
N SER B 314 -8.42 23.49 -1.67
CA SER B 314 -7.50 24.62 -1.94
C SER B 314 -6.22 24.08 -2.58
N GLN B 315 -5.77 22.88 -2.21
CA GLN B 315 -4.61 22.23 -2.88
C GLN B 315 -4.93 22.00 -4.35
N TRP B 316 -6.17 21.62 -4.71
CA TRP B 316 -6.55 21.41 -6.14
C TRP B 316 -6.58 22.77 -6.87
N GLU B 317 -6.98 23.85 -6.19
CA GLU B 317 -6.96 25.21 -6.78
C GLU B 317 -5.52 25.60 -7.14
N LYS B 318 -4.56 25.29 -6.26
CA LYS B 318 -3.10 25.49 -6.51
C LYS B 318 -2.66 24.72 -7.76
N VAL B 319 -3.10 23.47 -7.94
CA VAL B 319 -2.73 22.68 -9.14
C VAL B 319 -3.26 23.40 -10.39
N ILE B 320 -4.50 23.91 -10.34
CA ILE B 320 -5.14 24.55 -11.53
C ILE B 320 -4.36 25.82 -11.91
N ARG B 321 -3.81 26.55 -10.93
CA ARG B 321 -3.05 27.82 -11.13
C ARG B 321 -1.59 27.52 -11.47
N GLY B 322 -1.21 26.24 -11.59
CA GLY B 322 0.15 25.81 -11.97
C GLY B 322 1.18 26.12 -10.89
N GLU B 323 0.75 26.22 -9.64
CA GLU B 323 1.60 26.44 -8.45
C GLU B 323 2.07 25.09 -7.89
N GLU B 324 1.50 24.00 -8.38
CA GLU B 324 1.81 22.59 -7.99
C GLU B 324 1.75 21.72 -9.25
N THR B 325 2.47 20.58 -9.26
CA THR B 325 2.44 19.56 -10.36
C THR B 325 1.94 18.23 -9.78
N GLY C 12 22.32 -40.50 -7.21
CA GLY C 12 23.19 -39.41 -7.75
C GLY C 12 23.57 -39.65 -9.20
N LEU C 13 22.78 -40.45 -9.94
CA LEU C 13 23.01 -40.76 -11.39
C LEU C 13 22.13 -39.83 -12.25
N MET C 14 21.34 -38.97 -11.59
CA MET C 14 20.33 -38.10 -12.22
C MET C 14 20.85 -36.65 -12.23
N GLN C 15 21.62 -36.30 -13.25
CA GLN C 15 22.30 -34.99 -13.33
C GLN C 15 21.54 -34.05 -14.26
N PHE C 16 21.66 -32.75 -14.00
CA PHE C 16 20.96 -31.68 -14.76
C PHE C 16 21.92 -31.27 -15.87
N THR C 17 21.38 -30.97 -17.04
CA THR C 17 22.11 -30.40 -18.20
C THR C 17 21.36 -29.16 -18.68
N LEU C 18 22.08 -28.14 -19.16
CA LEU C 18 21.47 -26.91 -19.71
C LEU C 18 21.64 -26.93 -21.22
N PRO C 19 20.76 -26.27 -21.99
CA PRO C 19 21.02 -26.07 -23.41
C PRO C 19 22.44 -25.51 -23.55
N VAL C 20 23.05 -25.69 -24.72
CA VAL C 20 24.47 -25.37 -25.00
C VAL C 20 24.79 -23.93 -24.58
N ARG C 21 24.00 -22.95 -25.01
CA ARG C 21 24.32 -21.51 -24.75
C ARG C 21 24.36 -21.28 -23.25
N LEU C 22 23.41 -21.84 -22.49
CA LEU C 22 23.34 -21.63 -21.02
C LEU C 22 24.53 -22.34 -20.36
N CYS C 23 24.87 -23.53 -20.84
CA CYS C 23 25.97 -24.37 -20.32
C CYS C 23 27.27 -23.57 -20.37
N LYS C 24 27.52 -22.88 -21.48
CA LYS C 24 28.69 -22.00 -21.74
C LYS C 24 28.59 -20.74 -20.88
N GLU C 25 27.51 -19.97 -21.03
CA GLU C 25 27.36 -18.61 -20.48
C GLU C 25 27.24 -18.63 -18.95
N ILE C 26 26.72 -19.70 -18.35
CA ILE C 26 26.46 -19.74 -16.87
C ILE C 26 27.80 -19.68 -16.12
N GLU C 27 28.91 -20.02 -16.78
CA GLU C 27 30.26 -20.01 -16.16
C GLU C 27 30.76 -18.57 -16.06
N LEU C 28 30.18 -17.61 -16.80
CA LEU C 28 30.62 -16.18 -16.84
C LEU C 28 29.91 -15.34 -15.75
N PHE C 29 30.61 -14.34 -15.23
CA PHE C 29 30.12 -13.48 -14.13
C PHE C 29 28.91 -12.66 -14.61
N HIS C 30 28.82 -12.34 -15.90
CA HIS C 30 27.81 -11.40 -16.46
C HIS C 30 26.55 -12.14 -16.97
N PHE C 31 26.49 -13.47 -16.87
CA PHE C 31 25.28 -14.27 -17.23
C PHE C 31 23.99 -13.64 -16.65
N ASP C 32 22.95 -13.61 -17.47
CA ASP C 32 21.55 -13.23 -17.11
C ASP C 32 20.69 -14.50 -17.19
N ILE C 33 19.92 -14.81 -16.14
CA ILE C 33 19.21 -16.13 -16.04
C ILE C 33 18.00 -16.19 -17.00
N GLY C 34 17.64 -15.08 -17.63
CA GLY C 34 16.60 -15.07 -18.68
C GLY C 34 15.19 -14.92 -18.09
N PRO C 35 14.16 -14.74 -18.95
CA PRO C 35 12.80 -14.46 -18.47
C PRO C 35 11.89 -15.68 -18.21
N PHE C 36 12.40 -16.90 -18.41
CA PHE C 36 11.62 -18.15 -18.25
C PHE C 36 11.72 -18.66 -16.80
N GLU C 37 10.80 -18.25 -15.93
CA GLU C 37 10.74 -18.61 -14.47
C GLU C 37 10.88 -20.13 -14.27
N ASN C 38 10.25 -20.93 -15.13
CA ASN C 38 10.19 -22.40 -14.90
CA ASN C 38 10.17 -22.42 -15.00
C ASN C 38 11.57 -23.04 -15.11
N MET C 39 12.53 -22.29 -15.63
CA MET C 39 13.91 -22.80 -15.83
C MET C 39 14.85 -22.48 -14.66
N TRP C 40 14.48 -21.54 -13.78
CA TRP C 40 15.37 -21.04 -12.69
C TRP C 40 15.65 -22.14 -11.66
N PRO C 41 14.67 -22.96 -11.22
CA PRO C 41 14.95 -24.04 -10.26
C PRO C 41 16.01 -25.02 -10.78
N GLY C 42 15.88 -25.44 -12.05
CA GLY C 42 16.83 -26.35 -12.71
C GLY C 42 18.22 -25.74 -12.85
N ILE C 43 18.29 -24.42 -13.11
CA ILE C 43 19.57 -23.66 -13.18
C ILE C 43 20.24 -23.70 -11.80
N PHE C 44 19.45 -23.50 -10.75
CA PHE C 44 19.94 -23.50 -9.36
C PHE C 44 20.47 -24.90 -9.01
N VAL C 45 19.73 -25.95 -9.33
CA VAL C 45 20.18 -27.35 -9.05
C VAL C 45 21.48 -27.63 -9.81
N TYR C 46 21.54 -27.28 -11.10
CA TYR C 46 22.78 -27.41 -11.92
C TYR C 46 23.96 -26.79 -11.16
N MET C 47 23.80 -25.56 -10.65
CA MET C 47 24.89 -24.84 -9.97
C MET C 47 25.25 -25.59 -8.69
N VAL C 48 24.26 -26.05 -7.94
CA VAL C 48 24.51 -26.82 -6.68
C VAL C 48 25.29 -28.09 -7.04
N HIS C 49 24.88 -28.86 -8.05
CA HIS C 49 25.58 -30.13 -8.42
C HIS C 49 27.05 -29.88 -8.80
N ARG C 50 27.37 -28.79 -9.53
CA ARG C 50 28.76 -28.54 -10.01
C ARG C 50 29.60 -27.83 -8.94
N SER C 51 28.96 -27.16 -7.98
CA SER C 51 29.59 -26.30 -6.94
C SER C 51 29.85 -27.10 -5.67
N CYS C 52 28.91 -27.98 -5.36
CA CYS C 52 28.87 -28.77 -4.11
C CYS C 52 29.20 -30.21 -4.47
N GLY C 53 28.45 -30.78 -5.41
CA GLY C 53 28.50 -32.20 -5.83
C GLY C 53 27.10 -32.78 -5.84
N THR C 54 26.91 -33.85 -6.61
CA THR C 54 25.59 -34.55 -6.73
C THR C 54 25.24 -35.19 -5.38
N SER C 55 26.22 -35.42 -4.52
CA SER C 55 26.07 -36.09 -3.21
C SER C 55 25.55 -35.11 -2.13
N CYS C 56 25.65 -33.80 -2.34
CA CYS C 56 25.47 -32.77 -1.28
C CYS C 56 24.05 -32.78 -0.70
N PHE C 57 23.02 -32.97 -1.53
CA PHE C 57 21.59 -32.85 -1.14
C PHE C 57 20.78 -33.97 -1.79
N GLU C 58 19.82 -34.53 -1.05
CA GLU C 58 18.79 -35.42 -1.62
C GLU C 58 17.92 -34.57 -2.57
N LEU C 59 17.86 -34.94 -3.86
CA LEU C 59 17.22 -34.14 -4.93
C LEU C 59 15.77 -33.81 -4.60
N GLU C 60 14.97 -34.76 -4.10
CA GLU C 60 13.54 -34.52 -3.80
C GLU C 60 13.40 -33.46 -2.70
N LYS C 61 14.24 -33.53 -1.66
CA LYS C 61 14.25 -32.56 -0.53
C LYS C 61 14.64 -31.19 -1.08
N LEU C 62 15.63 -31.15 -1.98
CA LEU C 62 16.15 -29.89 -2.57
C LEU C 62 15.04 -29.24 -3.40
N CME C 63 14.36 -30.02 -4.24
CA CME C 63 13.29 -29.53 -5.12
CB CME C 63 12.88 -30.53 -6.17
SG CME C 63 14.07 -30.62 -7.55
SD CME C 63 13.75 -28.91 -8.61
CE CME C 63 13.15 -29.54 -10.20
CZ CME C 63 13.40 -28.61 -11.34
OH CME C 63 12.18 -28.14 -11.87
C CME C 63 12.16 -29.02 -4.23
O CME C 63 11.66 -27.93 -4.50
N ARG C 64 11.82 -29.73 -3.17
CA ARG C 64 10.75 -29.30 -2.23
C ARG C 64 11.18 -27.99 -1.55
N PHE C 65 12.43 -27.90 -1.09
CA PHE C 65 12.99 -26.66 -0.46
C PHE C 65 12.85 -25.48 -1.44
N ILE C 66 13.32 -25.66 -2.67
CA ILE C 66 13.39 -24.58 -3.69
C ILE C 66 11.98 -24.03 -3.92
N MET C 67 10.98 -24.91 -4.03
CA MET C 67 9.62 -24.49 -4.43
C MET C 67 8.93 -23.78 -3.26
N SER C 68 9.24 -24.10 -2.01
CA SER C 68 8.75 -23.36 -0.81
C SER C 68 9.39 -21.97 -0.72
N VAL C 69 10.69 -21.88 -1.00
CA VAL C 69 11.43 -20.59 -0.99
C VAL C 69 10.78 -19.69 -2.06
N LYS C 70 10.61 -20.18 -3.29
CA LYS C 70 9.94 -19.44 -4.40
C LYS C 70 8.59 -18.88 -3.94
N LYS C 71 7.85 -19.69 -3.19
CA LYS C 71 6.45 -19.39 -2.79
C LYS C 71 6.47 -18.23 -1.79
N ASN C 72 7.58 -18.02 -1.09
CA ASN C 72 7.68 -17.01 0.02
C ASN C 72 8.40 -15.74 -0.45
N TYR C 73 8.79 -15.67 -1.73
CA TYR C 73 9.11 -14.38 -2.40
C TYR C 73 7.80 -13.78 -2.92
N ARG C 74 7.72 -12.45 -2.93
CA ARG C 74 6.50 -11.70 -3.31
C ARG C 74 6.67 -11.13 -4.72
N ARG C 75 5.56 -10.70 -5.31
CA ARG C 75 5.53 -10.12 -6.67
C ARG C 75 5.80 -8.62 -6.53
N VAL C 76 7.07 -8.30 -6.30
CA VAL C 76 7.60 -6.92 -6.18
C VAL C 76 8.53 -6.70 -7.37
N PRO C 77 8.79 -5.46 -7.77
CA PRO C 77 9.55 -5.21 -8.99
C PRO C 77 11.01 -5.75 -9.03
N TYR C 78 11.74 -5.70 -7.92
CA TYR C 78 13.19 -6.04 -7.90
C TYR C 78 13.50 -7.17 -6.92
N HIS C 79 13.09 -7.03 -5.66
CA HIS C 79 13.44 -7.96 -4.55
C HIS C 79 12.57 -9.23 -4.63
N ASN C 80 12.64 -9.90 -5.78
CA ASN C 80 11.72 -11.00 -6.16
C ASN C 80 12.54 -12.29 -6.33
N TRP C 81 11.86 -13.36 -6.69
CA TRP C 81 12.43 -14.71 -6.98
C TRP C 81 13.60 -14.57 -7.95
N LYS C 82 13.47 -13.73 -8.95
CA LYS C 82 14.50 -13.59 -10.00
C LYS C 82 15.79 -13.02 -9.40
N HIS C 83 15.68 -12.05 -8.48
CA HIS C 83 16.86 -11.48 -7.74
C HIS C 83 17.54 -12.60 -6.94
N ALA C 84 16.77 -13.44 -6.26
CA ALA C 84 17.30 -14.52 -5.40
C ALA C 84 18.20 -15.44 -6.24
N VAL C 85 17.72 -15.86 -7.40
CA VAL C 85 18.48 -16.82 -8.26
C VAL C 85 19.69 -16.11 -8.89
N THR C 86 19.55 -14.84 -9.29
CA THR C 86 20.63 -13.99 -9.89
C THR C 86 21.78 -13.83 -8.88
N VAL C 87 21.43 -13.63 -7.60
CA VAL C 87 22.43 -13.50 -6.51
C VAL C 87 23.08 -14.87 -6.25
N ALA C 88 22.33 -15.97 -6.26
CA ALA C 88 22.89 -17.34 -6.17
C ALA C 88 23.88 -17.56 -7.32
N HIS C 89 23.52 -17.20 -8.55
CA HIS C 89 24.41 -17.41 -9.72
C HIS C 89 25.74 -16.66 -9.52
N CYS C 90 25.71 -15.44 -8.99
CA CYS C 90 26.95 -14.66 -8.82
C CYS C 90 27.84 -15.42 -7.83
N MET C 91 27.27 -15.87 -6.71
CA MET C 91 28.01 -16.67 -5.71
C MET C 91 28.58 -17.93 -6.37
N TYR C 92 27.81 -18.61 -7.25
CA TYR C 92 28.24 -19.78 -8.06
C TYR C 92 29.54 -19.42 -8.79
N ALA C 93 29.52 -18.30 -9.50
CA ALA C 93 30.68 -17.83 -10.29
C ALA C 93 31.87 -17.60 -9.35
N ILE C 94 31.68 -16.98 -8.18
CA ILE C 94 32.81 -16.73 -7.23
C ILE C 94 33.39 -18.07 -6.75
N LEU C 95 32.55 -18.98 -6.26
CA LEU C 95 32.95 -20.32 -5.76
C LEU C 95 33.69 -21.12 -6.83
N GLN C 96 33.20 -21.14 -8.06
CA GLN C 96 33.80 -21.93 -9.17
C GLN C 96 35.17 -21.38 -9.58
N ASN C 97 35.48 -20.09 -9.35
CA ASN C 97 36.78 -19.49 -9.75
C ASN C 97 37.70 -19.36 -8.52
N ASN C 98 37.31 -19.89 -7.37
CA ASN C 98 38.07 -19.86 -6.10
C ASN C 98 37.85 -21.19 -5.37
N HIS C 99 37.84 -22.31 -6.11
CA HIS C 99 37.24 -23.58 -5.62
C HIS C 99 38.12 -24.19 -4.51
N THR C 100 39.40 -23.83 -4.44
CA THR C 100 40.33 -24.40 -3.42
C THR C 100 40.10 -23.73 -2.06
N LEU C 101 39.41 -22.58 -1.99
CA LEU C 101 39.39 -21.72 -0.78
C LEU C 101 38.24 -22.06 0.19
N PHE C 102 37.17 -22.75 -0.21
CA PHE C 102 35.96 -22.91 0.65
C PHE C 102 35.74 -24.37 1.07
N THR C 103 35.30 -24.56 2.32
CA THR C 103 34.95 -25.89 2.88
C THR C 103 33.67 -26.38 2.21
N ASP C 104 33.32 -27.64 2.42
CA ASP C 104 32.12 -28.27 1.81
C ASP C 104 30.86 -27.65 2.43
N LEU C 105 30.88 -27.44 3.75
CA LEU C 105 29.78 -26.80 4.50
C LEU C 105 29.53 -25.39 3.96
N GLU C 106 30.56 -24.59 3.72
CA GLU C 106 30.44 -23.23 3.15
C GLU C 106 29.81 -23.29 1.74
N ARG C 107 30.24 -24.20 0.89
CA ARG C 107 29.75 -24.29 -0.51
C ARG C 107 28.23 -24.55 -0.50
N LYS C 108 27.81 -25.60 0.23
CA LYS C 108 26.41 -25.92 0.61
C LYS C 108 25.66 -24.66 1.07
N GLY C 109 26.18 -24.04 2.14
CA GLY C 109 25.55 -22.96 2.93
C GLY C 109 25.35 -21.69 2.12
N LEU C 110 26.32 -21.31 1.30
CA LEU C 110 26.37 -19.96 0.67
C LEU C 110 25.34 -19.87 -0.46
N LEU C 111 25.21 -20.92 -1.26
CA LEU C 111 24.21 -20.99 -2.38
C LEU C 111 22.80 -20.92 -1.81
N ILE C 112 22.53 -21.67 -0.73
CA ILE C 112 21.25 -21.65 0.00
C ILE C 112 21.00 -20.25 0.58
N ALA C 113 22.01 -19.66 1.22
CA ALA C 113 21.92 -18.31 1.82
C ALA C 113 21.52 -17.27 0.77
N CYS C 114 22.14 -17.29 -0.41
CA CYS C 114 21.82 -16.35 -1.52
C CYS C 114 20.38 -16.57 -2.00
N LEU C 115 19.97 -17.83 -2.15
CA LEU C 115 18.57 -18.17 -2.59
C LEU C 115 17.59 -17.61 -1.56
N CYS C 116 17.91 -17.61 -0.27
CA CYS C 116 16.94 -17.25 0.80
C CYS C 116 17.10 -15.81 1.29
N HIS C 117 18.05 -15.02 0.79
CA HIS C 117 18.56 -13.82 1.52
C HIS C 117 17.55 -12.68 1.49
N ASP C 118 16.57 -12.69 0.59
CA ASP C 118 15.51 -11.65 0.57
C ASP C 118 14.10 -12.26 0.76
N LEU C 119 13.98 -13.37 1.50
CA LEU C 119 12.70 -14.11 1.66
C LEU C 119 11.62 -13.17 2.22
N ASP C 120 10.45 -13.10 1.58
CA ASP C 120 9.27 -12.34 2.04
C ASP C 120 9.54 -10.82 2.08
N HIS C 121 10.42 -10.32 1.22
CA HIS C 121 10.67 -8.86 1.03
C HIS C 121 9.41 -8.21 0.43
N ARG C 122 9.02 -7.05 0.95
CA ARG C 122 7.79 -6.34 0.49
C ARG C 122 8.18 -5.10 -0.31
N GLY C 123 9.47 -4.92 -0.60
CA GLY C 123 10.01 -3.81 -1.40
C GLY C 123 10.29 -2.56 -0.57
N PHE C 124 10.33 -2.69 0.75
CA PHE C 124 10.60 -1.55 1.68
C PHE C 124 11.88 -1.79 2.49
N SER C 125 12.67 -0.73 2.64
CA SER C 125 13.95 -0.66 3.40
C SER C 125 13.68 -0.76 4.91
N ASN C 126 14.74 -1.00 5.67
CA ASN C 126 14.71 -1.00 7.15
C ASN C 126 14.27 0.39 7.64
N SER C 127 14.67 1.49 6.98
CA SER C 127 14.32 2.86 7.43
C SER C 127 12.80 2.99 7.39
N TYR C 128 12.16 2.55 6.30
CA TYR C 128 10.69 2.63 6.20
C TYR C 128 10.05 1.80 7.32
N LEU C 129 10.43 0.54 7.53
CA LEU C 129 9.79 -0.25 8.63
C LEU C 129 9.95 0.55 9.93
N GLN C 130 11.07 1.24 10.12
CA GLN C 130 11.33 1.97 11.39
C GLN C 130 10.35 3.13 11.48
N LYS C 131 10.24 3.92 10.42
CA LYS C 131 9.40 5.15 10.41
C LYS C 131 7.92 4.77 10.47
N PHE C 132 7.56 3.66 9.83
CA PHE C 132 6.18 3.11 9.87
C PHE C 132 5.88 2.58 11.27
N ASP C 133 6.93 2.18 12.02
CA ASP C 133 6.82 1.48 13.33
C ASP C 133 6.23 0.10 13.09
N HIS C 134 6.74 -0.61 12.07
CA HIS C 134 6.33 -2.01 11.74
C HIS C 134 6.66 -2.94 12.90
N PRO C 135 5.79 -3.92 13.26
CA PRO C 135 6.11 -4.88 14.31
C PRO C 135 7.53 -5.47 14.23
N LEU C 136 7.98 -5.83 13.01
CA LEU C 136 9.32 -6.42 12.76
C LEU C 136 10.40 -5.51 13.34
N ALA C 137 10.18 -4.19 13.38
CA ALA C 137 11.17 -3.22 13.89
C ALA C 137 11.30 -3.31 15.41
N ALA C 138 10.27 -3.80 16.11
CA ALA C 138 10.29 -3.98 17.59
C ALA C 138 11.01 -5.30 17.93
N LEU C 139 10.83 -6.32 17.10
CA LEU C 139 11.53 -7.64 17.18
C LEU C 139 13.06 -7.43 17.01
N TYR C 140 13.47 -6.66 15.99
CA TYR C 140 14.88 -6.39 15.62
C TYR C 140 15.05 -4.94 15.14
N SER C 141 15.64 -4.08 15.97
CA SER C 141 15.84 -2.63 15.71
C SER C 141 16.93 -2.42 14.66
N THR C 142 17.95 -3.29 14.60
CA THR C 142 18.99 -3.23 13.54
C THR C 142 18.81 -4.44 12.62
N SER C 143 19.21 -4.29 11.37
CA SER C 143 19.15 -5.36 10.34
C SER C 143 17.75 -6.00 10.34
N THR C 144 16.70 -5.18 10.43
CA THR C 144 15.31 -5.63 10.68
C THR C 144 14.88 -6.67 9.64
N MET C 145 14.94 -6.31 8.36
CA MET C 145 14.46 -7.17 7.24
C MET C 145 15.36 -8.41 7.15
N GLU C 146 16.66 -8.25 7.40
CA GLU C 146 17.66 -9.36 7.22
C GLU C 146 17.41 -10.41 8.30
N GLN C 147 17.11 -9.96 9.50
CA GLN C 147 16.71 -10.88 10.60
C GLN C 147 15.40 -11.58 10.21
N HIS C 148 14.46 -10.90 9.56
CA HIS C 148 13.22 -11.56 9.09
C HIS C 148 13.56 -12.60 8.01
N HIS C 149 14.46 -12.30 7.07
CA HIS C 149 14.84 -13.25 5.99
C HIS C 149 15.37 -14.55 6.58
N PHE C 150 16.29 -14.45 7.56
CA PHE C 150 16.86 -15.64 8.21
C PHE C 150 15.76 -16.43 8.93
N SER C 151 14.85 -15.78 9.68
CA SER C 151 13.79 -16.49 10.45
C SER C 151 12.84 -17.21 9.48
N GLN C 152 12.54 -16.59 8.34
CA GLN C 152 11.78 -17.22 7.23
C GLN C 152 12.51 -18.45 6.73
N THR C 153 13.83 -18.36 6.57
CA THR C 153 14.70 -19.48 6.09
C THR C 153 14.57 -20.67 7.04
N VAL C 154 14.73 -20.42 8.34
CA VAL C 154 14.60 -21.43 9.44
C VAL C 154 13.20 -22.06 9.39
N SER C 155 12.14 -21.25 9.27
CA SER C 155 10.75 -21.76 9.16
C SER C 155 10.67 -22.81 8.05
N ILE C 156 11.20 -22.49 6.88
CA ILE C 156 11.06 -23.37 5.68
C ILE C 156 11.81 -24.67 5.92
N LEU C 157 12.97 -24.60 6.56
CA LEU C 157 13.85 -25.78 6.82
C LEU C 157 13.17 -26.76 7.79
N GLN C 158 12.31 -26.24 8.67
CA GLN C 158 11.60 -27.03 9.73
C GLN C 158 10.27 -27.61 9.22
N LEU C 159 9.79 -27.21 8.03
CA LEU C 159 8.64 -27.87 7.33
C LEU C 159 9.00 -29.34 7.07
N GLU C 160 7.99 -30.22 7.15
CA GLU C 160 8.10 -31.66 6.87
C GLU C 160 8.62 -31.85 5.45
N GLY C 161 9.63 -32.70 5.27
CA GLY C 161 10.22 -33.02 3.95
C GLY C 161 11.21 -31.95 3.45
N HIS C 162 11.49 -30.89 4.20
CA HIS C 162 12.31 -29.74 3.73
C HIS C 162 13.69 -29.67 4.39
N ASN C 163 14.07 -30.57 5.30
CA ASN C 163 15.42 -30.47 5.93
C ASN C 163 16.46 -31.06 4.99
N ILE C 164 16.92 -30.23 4.07
CA ILE C 164 18.00 -30.50 3.08
C ILE C 164 19.34 -30.78 3.78
N PHE C 165 19.50 -30.47 5.08
CA PHE C 165 20.74 -30.74 5.86
C PHE C 165 20.54 -31.91 6.85
N SER C 166 19.58 -32.80 6.57
CA SER C 166 19.15 -33.88 7.50
C SER C 166 20.28 -34.88 7.82
N THR C 167 21.27 -35.08 6.93
CA THR C 167 22.39 -36.05 7.13
C THR C 167 23.53 -35.48 8.00
N LEU C 168 23.52 -34.18 8.29
CA LEU C 168 24.59 -33.51 9.09
C LEU C 168 24.34 -33.82 10.57
N SER C 169 25.37 -33.77 11.40
CA SER C 169 25.28 -33.88 12.88
C SER C 169 24.71 -32.58 13.46
N SER C 170 24.17 -32.60 14.69
CA SER C 170 23.76 -31.38 15.43
C SER C 170 24.80 -30.28 15.22
N SER C 171 26.07 -30.65 15.38
CA SER C 171 27.28 -29.79 15.36
C SER C 171 27.40 -29.07 14.02
N GLU C 172 27.42 -29.85 12.92
CA GLU C 172 27.62 -29.34 11.54
C GLU C 172 26.37 -28.59 11.08
N TYR C 173 25.19 -29.08 11.44
CA TYR C 173 23.90 -28.42 11.13
C TYR C 173 24.00 -27.01 11.70
N GLU C 174 24.37 -26.91 12.97
CA GLU C 174 24.48 -25.61 13.67
C GLU C 174 25.54 -24.75 12.97
N GLN C 175 26.64 -25.34 12.53
CA GLN C 175 27.68 -24.62 11.75
C GLN C 175 27.07 -23.99 10.50
N VAL C 176 26.39 -24.78 9.66
CA VAL C 176 25.93 -24.32 8.32
C VAL C 176 24.81 -23.29 8.50
N LEU C 177 24.00 -23.41 9.56
CA LEU C 177 22.92 -22.42 9.89
C LEU C 177 23.55 -21.11 10.34
N GLU C 178 24.72 -21.18 10.98
CA GLU C 178 25.49 -20.01 11.44
C GLU C 178 26.17 -19.35 10.23
N ILE C 179 26.64 -20.14 9.26
CA ILE C 179 27.15 -19.63 7.96
C ILE C 179 26.01 -18.90 7.24
N ILE C 180 24.82 -19.51 7.19
CA ILE C 180 23.64 -18.89 6.53
C ILE C 180 23.23 -17.60 7.26
N ARG C 181 23.11 -17.61 8.58
CA ARG C 181 22.65 -16.42 9.34
C ARG C 181 23.60 -15.26 9.07
N LYS C 182 24.90 -15.44 9.32
CA LYS C 182 25.92 -14.38 9.14
C LYS C 182 25.87 -13.85 7.70
N ALA C 183 25.72 -14.75 6.71
CA ALA C 183 25.72 -14.39 5.28
C ALA C 183 24.48 -13.53 4.98
N ILE C 184 23.30 -13.92 5.46
CA ILE C 184 22.03 -13.17 5.22
C ILE C 184 22.11 -11.81 5.94
N ILE C 185 22.57 -11.78 7.18
CA ILE C 185 22.70 -10.51 7.96
C ILE C 185 23.63 -9.55 7.18
N ALA C 186 24.72 -10.07 6.59
CA ALA C 186 25.75 -9.26 5.88
C ALA C 186 25.14 -8.53 4.69
N THR C 187 24.00 -8.98 4.15
CA THR C 187 23.32 -8.30 3.02
C THR C 187 22.65 -7.03 3.51
N ASP C 188 22.67 -6.73 4.81
CA ASP C 188 22.29 -5.38 5.32
C ASP C 188 23.39 -4.40 4.91
N LEU C 189 23.13 -3.54 3.94
CA LEU C 189 24.15 -2.63 3.36
C LEU C 189 24.69 -1.66 4.44
N ALA C 190 23.94 -1.42 5.52
CA ALA C 190 24.39 -0.55 6.64
C ALA C 190 25.64 -1.15 7.29
N LEU C 191 25.84 -2.47 7.19
CA LEU C 191 26.95 -3.23 7.82
C LEU C 191 28.11 -3.36 6.85
N TYR C 192 27.86 -3.18 5.56
CA TYR C 192 28.90 -3.33 4.50
C TYR C 192 30.06 -2.33 4.75
N PHE C 193 29.75 -1.07 5.04
CA PHE C 193 30.76 0.02 5.11
C PHE C 193 31.83 -0.33 6.16
N GLY C 194 31.43 -0.59 7.40
CA GLY C 194 32.35 -1.06 8.44
C GLY C 194 33.08 -2.33 8.05
N ASN C 195 32.37 -3.31 7.50
CA ASN C 195 32.97 -4.60 7.10
C ASN C 195 34.11 -4.38 6.08
N ARG C 196 33.86 -3.65 5.01
CA ARG C 196 34.86 -3.50 3.91
C ARG C 196 36.06 -2.70 4.43
N LYS C 197 35.80 -1.64 5.21
CA LYS C 197 36.87 -0.81 5.82
C LYS C 197 37.77 -1.69 6.70
N GLN C 198 37.19 -2.57 7.53
CA GLN C 198 38.00 -3.49 8.36
C GLN C 198 38.78 -4.44 7.46
N LEU C 199 38.16 -4.96 6.40
CA LEU C 199 38.82 -5.97 5.53
C LEU C 199 39.98 -5.30 4.80
N GLU C 200 39.80 -4.06 4.35
CA GLU C 200 40.83 -3.28 3.61
C GLU C 200 42.07 -3.10 4.50
N GLU C 201 41.91 -2.60 5.73
CA GLU C 201 43.04 -2.50 6.69
C GLU C 201 43.72 -3.87 6.82
N MET C 202 42.98 -4.94 7.05
CA MET C 202 43.56 -6.28 7.28
C MET C 202 44.36 -6.71 6.06
N TYR C 203 43.81 -6.57 4.86
CA TYR C 203 44.50 -6.93 3.59
C TYR C 203 45.78 -6.10 3.42
N GLN C 204 45.69 -4.77 3.48
CA GLN C 204 46.83 -3.84 3.23
C GLN C 204 47.96 -4.10 4.25
N THR C 205 47.67 -4.35 5.53
CA THR C 205 48.72 -4.58 6.56
C THR C 205 49.21 -6.03 6.53
N GLY C 206 48.54 -6.92 5.79
CA GLY C 206 48.93 -8.33 5.67
C GLY C 206 48.51 -9.16 6.88
N SER C 207 47.70 -8.62 7.78
CA SER C 207 47.15 -9.38 8.92
C SER C 207 46.03 -10.31 8.45
N LEU C 208 45.42 -10.09 7.28
CA LEU C 208 44.29 -10.92 6.81
C LEU C 208 44.69 -12.40 6.72
N ASN C 209 43.92 -13.29 7.36
CA ASN C 209 44.27 -14.73 7.56
C ASN C 209 43.02 -15.59 7.39
N LEU C 210 42.88 -16.30 6.27
CA LEU C 210 41.67 -17.11 5.96
C LEU C 210 41.59 -18.36 6.85
N ASN C 211 42.57 -18.62 7.72
CA ASN C 211 42.48 -19.70 8.74
C ASN C 211 41.78 -19.15 9.98
N ASN C 212 41.70 -17.83 10.10
CA ASN C 212 40.98 -17.18 11.22
C ASN C 212 39.49 -17.08 10.86
N GLN C 213 38.60 -17.70 11.67
CA GLN C 213 37.14 -17.81 11.41
C GLN C 213 36.53 -16.41 11.31
N SER C 214 36.87 -15.48 12.22
CA SER C 214 36.38 -14.08 12.22
C SER C 214 36.78 -13.37 10.91
N HIS C 215 37.96 -13.64 10.37
CA HIS C 215 38.40 -13.13 9.04
C HIS C 215 37.59 -13.78 7.93
N ARG C 216 37.33 -15.08 8.02
CA ARG C 216 36.55 -15.81 6.99
C ARG C 216 35.15 -15.20 6.91
N ASP C 217 34.56 -14.96 8.07
CA ASP C 217 33.21 -14.38 8.23
C ASP C 217 33.13 -13.04 7.50
N ARG C 218 34.14 -12.19 7.67
CA ARG C 218 34.22 -10.85 7.02
C ARG C 218 34.34 -11.01 5.51
N VAL C 219 35.17 -11.94 5.04
CA VAL C 219 35.36 -12.18 3.57
C VAL C 219 34.02 -12.68 2.98
N ILE C 220 33.31 -13.56 3.69
CA ILE C 220 32.01 -14.12 3.22
C ILE C 220 30.98 -12.97 3.19
N GLY C 221 30.97 -12.10 4.20
CA GLY C 221 30.19 -10.86 4.22
C GLY C 221 30.35 -10.04 2.94
N LEU C 222 31.59 -9.76 2.53
CA LEU C 222 31.87 -8.90 1.36
C LEU C 222 31.40 -9.60 0.09
N MET C 223 31.66 -10.91 0.00
CA MET C 223 31.18 -11.78 -1.10
C MET C 223 29.65 -11.65 -1.20
N MET C 224 28.95 -11.67 -0.08
CA MET C 224 27.46 -11.55 -0.05
C MET C 224 27.05 -10.17 -0.58
N THR C 225 27.78 -9.11 -0.20
CA THR C 225 27.50 -7.73 -0.69
C THR C 225 27.69 -7.74 -2.22
N ALA C 226 28.79 -8.34 -2.67
CA ALA C 226 29.19 -8.38 -4.10
C ALA C 226 28.11 -9.11 -4.91
N CYS C 227 27.61 -10.24 -4.41
CA CYS C 227 26.53 -11.00 -5.11
C CYS C 227 25.22 -10.19 -5.08
N ASP C 228 24.92 -9.53 -3.96
CA ASP C 228 23.67 -8.77 -3.82
C ASP C 228 23.62 -7.58 -4.80
N LEU C 229 24.76 -6.97 -5.10
CA LEU C 229 24.84 -5.75 -5.94
C LEU C 229 25.10 -6.11 -7.40
N CYS C 230 25.14 -7.39 -7.75
CA CYS C 230 25.77 -7.88 -9.02
C CYS C 230 25.01 -7.39 -10.25
N SER C 231 23.84 -6.78 -10.07
CA SER C 231 23.11 -6.08 -11.15
C SER C 231 24.03 -5.03 -11.80
N VAL C 232 24.91 -4.41 -11.01
CA VAL C 232 25.87 -3.38 -11.52
C VAL C 232 27.03 -4.01 -12.29
N THR C 233 27.11 -5.35 -12.37
CA THR C 233 28.23 -6.05 -13.02
C THR C 233 27.80 -6.78 -14.30
N LYS C 234 26.58 -6.55 -14.77
CA LYS C 234 26.06 -7.16 -16.00
C LYS C 234 26.45 -6.29 -17.21
N LEU C 235 26.20 -6.78 -18.41
CA LEU C 235 26.29 -5.94 -19.63
C LEU C 235 25.26 -4.82 -19.51
N TRP C 236 25.61 -3.64 -20.03
CA TRP C 236 24.87 -2.35 -19.89
C TRP C 236 23.36 -2.53 -20.13
N PRO C 237 22.93 -3.23 -21.19
CA PRO C 237 21.51 -3.36 -21.48
C PRO C 237 20.72 -4.04 -20.35
N VAL C 238 21.31 -5.06 -19.71
CA VAL C 238 20.77 -5.70 -18.47
C VAL C 238 20.79 -4.67 -17.32
N THR C 239 21.94 -4.06 -17.04
CA THR C 239 22.11 -3.10 -15.92
C THR C 239 21.08 -1.98 -16.04
N LYS C 240 20.94 -1.45 -17.26
CA LYS C 240 20.02 -0.32 -17.56
C LYS C 240 18.59 -0.76 -17.28
N LEU C 241 18.17 -1.92 -17.77
CA LEU C 241 16.78 -2.40 -17.60
C LEU C 241 16.51 -2.72 -16.12
N THR C 242 17.45 -3.31 -15.40
CA THR C 242 17.29 -3.66 -13.97
C THR C 242 17.11 -2.39 -13.12
N ALA C 243 17.70 -1.25 -13.52
CA ALA C 243 17.59 0.03 -12.78
C ALA C 243 16.15 0.56 -12.77
N ASN C 244 15.35 0.29 -13.81
CA ASN C 244 13.88 0.56 -13.78
C ASN C 244 13.22 -0.16 -12.59
N ASP C 245 13.55 -1.44 -12.40
CA ASP C 245 12.92 -2.29 -11.37
C ASP C 245 13.31 -1.76 -9.99
N ILE C 246 14.57 -1.38 -9.81
CA ILE C 246 15.10 -0.89 -8.51
C ILE C 246 14.38 0.40 -8.14
N TYR C 247 14.31 1.33 -9.10
CA TYR C 247 13.71 2.68 -8.89
C TYR C 247 12.18 2.56 -8.77
N ALA C 248 11.54 1.55 -9.37
CA ALA C 248 10.08 1.32 -9.20
C ALA C 248 9.80 1.02 -7.72
N GLU C 249 10.63 0.25 -7.03
CA GLU C 249 10.51 -0.02 -5.58
C GLU C 249 10.87 1.23 -4.77
N PHE C 250 11.97 1.89 -5.12
CA PHE C 250 12.40 3.13 -4.42
C PHE C 250 11.26 4.15 -4.45
N TRP C 251 10.67 4.39 -5.62
CA TRP C 251 9.64 5.45 -5.84
C TRP C 251 8.36 5.11 -5.06
N ALA C 252 7.95 3.84 -5.05
CA ALA C 252 6.82 3.35 -4.22
C ALA C 252 7.11 3.60 -2.73
N GLU C 253 8.35 3.42 -2.30
CA GLU C 253 8.73 3.63 -0.87
C GLU C 253 8.67 5.14 -0.56
N GLY C 254 9.23 5.97 -1.44
CA GLY C 254 9.12 7.44 -1.33
C GLY C 254 7.66 7.88 -1.21
N ASP C 255 6.78 7.30 -2.02
CA ASP C 255 5.32 7.57 -1.95
C ASP C 255 4.83 7.24 -0.55
N GLU C 256 5.23 6.10 0.02
CA GLU C 256 4.70 5.67 1.34
C GLU C 256 5.25 6.60 2.41
N MET C 257 6.47 7.07 2.22
CA MET C 257 7.11 8.10 3.08
C MET C 257 6.24 9.36 3.08
N LYS C 258 5.86 9.86 1.90
CA LYS C 258 4.99 11.07 1.77
C LYS C 258 3.70 10.83 2.55
N LYS C 259 3.16 9.62 2.51
CA LYS C 259 1.90 9.28 3.25
C LYS C 259 2.14 9.20 4.76
N LEU C 260 3.39 9.17 5.24
CA LEU C 260 3.69 9.23 6.71
C LEU C 260 3.85 10.69 7.12
N GLY C 261 3.86 11.61 6.16
CA GLY C 261 4.13 13.04 6.41
C GLY C 261 5.62 13.31 6.51
N ILE C 262 6.45 12.53 5.83
CA ILE C 262 7.94 12.67 5.82
C ILE C 262 8.38 12.85 4.38
N GLN C 263 9.06 13.96 4.08
CA GLN C 263 9.64 14.21 2.73
C GLN C 263 10.72 13.15 2.51
N PRO C 264 10.64 12.32 1.45
CA PRO C 264 11.63 11.26 1.24
C PRO C 264 12.95 11.84 0.71
N ILE C 265 14.05 11.09 0.84
CA ILE C 265 15.34 11.45 0.21
C ILE C 265 15.11 11.47 -1.30
N PRO C 266 15.87 12.31 -2.04
CA PRO C 266 15.67 12.47 -3.48
C PRO C 266 15.64 11.15 -4.28
N MET C 267 16.45 10.18 -3.88
CA MET C 267 16.59 8.88 -4.58
C MET C 267 15.22 8.19 -4.66
N MET C 268 14.35 8.39 -3.66
CA MET C 268 13.04 7.67 -3.54
C MET C 268 11.88 8.60 -3.92
N ASP C 269 12.18 9.75 -4.53
CA ASP C 269 11.16 10.76 -4.91
C ASP C 269 10.94 10.68 -6.42
N ARG C 270 9.75 10.29 -6.87
CA ARG C 270 9.47 10.08 -8.32
C ARG C 270 9.36 11.43 -9.04
N ASP C 271 9.25 12.55 -8.31
CA ASP C 271 9.26 13.92 -8.89
C ASP C 271 10.69 14.35 -9.23
N LYS C 272 11.71 13.54 -8.90
CA LYS C 272 13.13 13.91 -9.10
C LYS C 272 13.85 12.84 -9.93
N LYS C 273 13.21 12.29 -10.97
CA LYS C 273 13.79 11.26 -11.87
C LYS C 273 14.98 11.84 -12.66
N ASP C 274 14.96 13.16 -12.91
CA ASP C 274 16.05 13.89 -13.60
C ASP C 274 17.39 13.57 -12.92
N GLU C 275 17.41 13.39 -11.60
CA GLU C 275 18.66 13.31 -10.78
C GLU C 275 19.18 11.86 -10.66
N VAL C 276 18.64 10.92 -11.42
CA VAL C 276 18.93 9.45 -11.26
C VAL C 276 20.36 9.15 -11.75
N PRO C 277 20.76 9.55 -12.98
CA PRO C 277 22.12 9.28 -13.46
C PRO C 277 23.23 9.75 -12.49
N GLN C 278 23.08 10.95 -11.95
CA GLN C 278 23.98 11.51 -10.91
C GLN C 278 23.89 10.63 -9.66
N GLY C 279 22.70 10.10 -9.33
CA GLY C 279 22.49 9.20 -8.19
C GLY C 279 23.23 7.88 -8.34
N GLN C 280 23.19 7.29 -9.54
CA GLN C 280 23.92 6.03 -9.85
C GLN C 280 25.43 6.30 -9.76
N LEU C 281 25.89 7.38 -10.39
CA LEU C 281 27.33 7.80 -10.35
C LEU C 281 27.82 7.74 -8.92
N GLY C 282 27.09 8.39 -8.02
CA GLY C 282 27.41 8.49 -6.59
C GLY C 282 27.42 7.11 -5.94
N PHE C 283 26.46 6.26 -6.29
CA PHE C 283 26.35 4.89 -5.73
C PHE C 283 27.59 4.06 -6.16
N TYR C 284 27.94 4.08 -7.45
CA TYR C 284 29.11 3.33 -8.00
C TYR C 284 30.40 3.79 -7.30
N ASN C 285 30.59 5.10 -7.11
CA ASN C 285 31.85 5.67 -6.54
C ASN C 285 31.92 5.38 -5.04
N ALA C 286 30.82 5.55 -4.32
CA ALA C 286 30.77 5.41 -2.84
C ALA C 286 30.59 3.95 -2.41
N VAL C 287 29.97 3.07 -3.23
CA VAL C 287 29.55 1.71 -2.77
C VAL C 287 30.13 0.63 -3.68
N ALA C 288 29.70 0.57 -4.94
CA ALA C 288 29.93 -0.59 -5.82
C ALA C 288 31.42 -0.74 -6.12
N ILE C 289 32.09 0.35 -6.52
CA ILE C 289 33.52 0.29 -6.97
C ILE C 289 34.38 -0.16 -5.80
N PRO C 290 34.33 0.47 -4.61
CA PRO C 290 35.10 -0.03 -3.47
C PRO C 290 34.78 -1.48 -3.10
N CYS C 291 33.53 -1.91 -3.24
CA CYS C 291 33.11 -3.29 -2.94
C CYS C 291 33.89 -4.26 -3.83
N TYR C 292 33.84 -4.09 -5.15
CA TYR C 292 34.49 -5.03 -6.10
C TYR C 292 36.02 -4.83 -6.11
N THR C 293 36.50 -3.64 -5.73
CA THR C 293 37.95 -3.34 -5.59
C THR C 293 38.56 -4.22 -4.49
N THR C 294 38.00 -4.12 -3.28
CA THR C 294 38.40 -4.92 -2.10
C THR C 294 38.24 -6.41 -2.40
N LEU C 295 37.19 -6.83 -3.12
CA LEU C 295 36.93 -8.26 -3.43
C LEU C 295 38.01 -8.80 -4.38
N THR C 296 38.39 -8.03 -5.39
CA THR C 296 39.45 -8.42 -6.36
C THR C 296 40.81 -8.51 -5.63
N GLN C 297 41.13 -7.58 -4.72
CA GLN C 297 42.38 -7.64 -3.90
C GLN C 297 42.44 -8.97 -3.14
N ILE C 298 41.35 -9.35 -2.47
CA ILE C 298 41.27 -10.57 -1.63
C ILE C 298 41.11 -11.82 -2.52
N LEU C 299 40.29 -11.77 -3.57
CA LEU C 299 40.06 -12.93 -4.48
C LEU C 299 40.29 -12.47 -5.93
N PRO C 300 41.55 -12.47 -6.42
CA PRO C 300 41.86 -11.97 -7.77
C PRO C 300 41.02 -12.54 -8.90
N PRO C 301 40.60 -13.82 -8.89
CA PRO C 301 39.70 -14.33 -9.94
C PRO C 301 38.32 -13.64 -10.08
N THR C 302 37.92 -12.77 -9.16
CA THR C 302 36.61 -12.04 -9.21
C THR C 302 36.72 -10.75 -10.02
N GLU C 303 37.92 -10.48 -10.54
CA GLU C 303 38.30 -9.29 -11.36
C GLU C 303 37.23 -8.91 -12.40
N PRO C 304 36.70 -9.83 -13.23
CA PRO C 304 35.66 -9.48 -14.20
C PRO C 304 34.47 -8.72 -13.61
N LEU C 305 34.11 -8.93 -12.33
CA LEU C 305 33.01 -8.17 -11.67
C LEU C 305 33.41 -6.69 -11.64
N LEU C 306 34.65 -6.40 -11.22
CA LEU C 306 35.16 -5.01 -11.07
C LEU C 306 35.19 -4.36 -12.46
N LYS C 307 35.69 -5.10 -13.45
CA LYS C 307 35.79 -4.58 -14.83
C LYS C 307 34.40 -4.20 -15.32
N ALA C 308 33.40 -5.06 -15.08
CA ALA C 308 32.03 -4.85 -15.59
C ALA C 308 31.43 -3.64 -14.88
N CYS C 309 31.72 -3.50 -13.58
CA CYS C 309 31.26 -2.36 -12.76
C CYS C 309 31.83 -1.04 -13.32
N ARG C 310 33.14 -0.96 -13.59
CA ARG C 310 33.78 0.25 -14.20
CA ARG C 310 33.80 0.23 -14.23
C ARG C 310 33.13 0.53 -15.58
N ASP C 311 32.87 -0.51 -16.37
CA ASP C 311 32.23 -0.30 -17.70
C ASP C 311 30.87 0.40 -17.51
N ASN C 312 30.13 0.04 -16.48
CA ASN C 312 28.75 0.53 -16.26
C ASN C 312 28.85 1.95 -15.68
N LEU C 313 29.86 2.24 -14.84
CA LEU C 313 30.13 3.60 -14.31
C LEU C 313 30.32 4.57 -15.49
N SER C 314 31.04 4.14 -16.54
CA SER C 314 31.34 4.98 -17.73
C SER C 314 30.06 5.14 -18.57
N GLN C 315 29.21 4.11 -18.65
CA GLN C 315 27.89 4.20 -19.31
C GLN C 315 27.03 5.24 -18.59
N TRP C 316 27.02 5.27 -17.26
CA TRP C 316 26.25 6.27 -16.50
C TRP C 316 26.83 7.67 -16.77
N GLU C 317 28.15 7.81 -16.91
CA GLU C 317 28.83 9.11 -17.17
C GLU C 317 28.39 9.63 -18.55
N LYS C 318 28.35 8.75 -19.55
CA LYS C 318 27.78 9.02 -20.90
C LYS C 318 26.36 9.56 -20.77
N VAL C 319 25.48 8.85 -20.06
CA VAL C 319 24.05 9.26 -19.90
C VAL C 319 24.02 10.69 -19.34
N ILE C 320 24.85 11.00 -18.34
CA ILE C 320 24.94 12.34 -17.70
C ILE C 320 25.36 13.38 -18.74
N ARG C 321 26.25 13.03 -19.67
CA ARG C 321 26.78 13.93 -20.73
C ARG C 321 25.81 14.00 -21.94
N GLY C 322 24.60 13.43 -21.84
CA GLY C 322 23.56 13.51 -22.88
C GLY C 322 23.90 12.71 -24.13
N GLU C 323 24.90 11.82 -24.07
CA GLU C 323 25.34 10.94 -25.19
C GLU C 323 24.54 9.63 -25.13
N GLU C 324 23.70 9.49 -24.10
CA GLU C 324 22.62 8.46 -24.00
C GLU C 324 21.63 8.88 -22.91
N TRP D 10 30.00 13.18 48.86
CA TRP D 10 30.41 12.81 50.24
C TRP D 10 29.24 13.07 51.21
N GLN D 11 28.72 14.31 51.21
CA GLN D 11 27.53 14.75 51.99
C GLN D 11 26.33 14.96 51.04
N GLY D 12 26.51 14.71 49.74
CA GLY D 12 25.47 14.80 48.70
C GLY D 12 24.90 13.44 48.33
N LEU D 13 25.02 12.47 49.25
CA LEU D 13 24.45 11.10 49.15
C LEU D 13 23.11 11.08 49.90
N MET D 14 22.36 12.18 49.80
CA MET D 14 21.12 12.45 50.57
C MET D 14 19.95 12.66 49.59
N GLN D 15 19.22 11.60 49.29
CA GLN D 15 18.12 11.61 48.30
C GLN D 15 16.77 11.64 49.03
N PHE D 16 15.70 11.95 48.29
CA PHE D 16 14.31 11.95 48.78
C PHE D 16 13.64 10.66 48.35
N THR D 17 12.85 10.06 49.24
CA THR D 17 12.07 8.82 48.99
C THR D 17 10.62 9.06 49.38
N LEU D 18 9.68 8.53 48.61
CA LEU D 18 8.22 8.68 48.89
C LEU D 18 7.68 7.37 49.43
N PRO D 19 6.55 7.38 50.17
CA PRO D 19 5.85 6.15 50.47
C PRO D 19 5.61 5.38 49.16
N VAL D 20 5.46 4.05 49.26
CA VAL D 20 5.41 3.11 48.11
C VAL D 20 4.35 3.59 47.11
N ARG D 21 3.12 3.88 47.54
CA ARG D 21 2.03 4.24 46.59
C ARG D 21 2.42 5.50 45.79
N LEU D 22 3.05 6.48 46.44
CA LEU D 22 3.41 7.78 45.78
C LEU D 22 4.59 7.54 44.83
N CYS D 23 5.63 6.85 45.32
CA CYS D 23 6.80 6.39 44.55
C CYS D 23 6.35 5.78 43.21
N LYS D 24 5.30 4.97 43.22
CA LYS D 24 4.81 4.23 42.03
C LYS D 24 3.87 5.12 41.20
N GLU D 25 2.93 5.81 41.85
CA GLU D 25 1.83 6.54 41.15
C GLU D 25 2.33 7.90 40.63
N ILE D 26 3.42 8.46 41.17
CA ILE D 26 3.96 9.80 40.75
C ILE D 26 4.44 9.72 39.30
N GLU D 27 4.68 8.51 38.77
CA GLU D 27 5.23 8.29 37.41
C GLU D 27 4.09 8.30 36.36
N LEU D 28 2.83 8.24 36.80
CA LEU D 28 1.61 8.28 35.93
C LEU D 28 1.12 9.73 35.72
N PHE D 29 0.64 10.05 34.51
CA PHE D 29 0.16 11.40 34.10
C PHE D 29 -1.01 11.88 34.96
N HIS D 30 -1.79 10.99 35.58
CA HIS D 30 -3.06 11.32 36.29
C HIS D 30 -2.86 11.31 37.82
N PHE D 31 -1.62 11.21 38.33
CA PHE D 31 -1.29 11.34 39.76
C PHE D 31 -1.88 12.63 40.36
N ASP D 32 -2.40 12.53 41.59
CA ASP D 32 -2.88 13.67 42.42
C ASP D 32 -1.91 13.80 43.59
N ILE D 33 -1.37 14.99 43.83
CA ILE D 33 -0.29 15.23 44.84
C ILE D 33 -0.85 15.15 46.27
N GLY D 34 -2.17 15.09 46.44
CA GLY D 34 -2.84 14.86 47.73
C GLY D 34 -3.17 16.16 48.47
N PRO D 35 -3.85 16.08 49.63
CA PRO D 35 -4.19 17.26 50.42
C PRO D 35 -3.19 17.70 51.52
N PHE D 36 -2.07 17.00 51.68
CA PHE D 36 -1.02 17.30 52.70
C PHE D 36 0.01 18.28 52.13
N GLU D 37 -0.31 19.58 52.20
CA GLU D 37 0.52 20.74 51.78
C GLU D 37 2.00 20.50 52.13
N ASN D 38 2.25 20.05 53.36
CA ASN D 38 3.64 20.00 53.90
CA ASN D 38 3.63 19.95 53.93
C ASN D 38 4.43 18.90 53.18
N MET D 39 3.77 18.06 52.36
CA MET D 39 4.43 16.99 51.56
C MET D 39 4.87 17.50 50.18
N TRP D 40 4.27 18.59 49.68
CA TRP D 40 4.42 19.07 48.29
C TRP D 40 5.85 19.53 48.00
N PRO D 41 6.55 20.26 48.92
CA PRO D 41 7.95 20.59 48.68
C PRO D 41 8.81 19.34 48.45
N GLY D 42 8.69 18.32 49.30
CA GLY D 42 9.41 17.03 49.16
C GLY D 42 9.15 16.36 47.83
N ILE D 43 7.90 16.37 47.39
CA ILE D 43 7.45 15.78 46.09
C ILE D 43 8.12 16.56 44.96
N PHE D 44 8.29 17.87 45.12
CA PHE D 44 8.88 18.75 44.06
C PHE D 44 10.36 18.42 43.93
N VAL D 45 11.06 18.30 45.06
CA VAL D 45 12.52 18.00 45.10
C VAL D 45 12.76 16.61 44.50
N TYR D 46 11.94 15.60 44.87
CA TYR D 46 12.02 14.21 44.32
C TYR D 46 11.94 14.26 42.78
N MET D 47 10.99 15.03 42.23
CA MET D 47 10.81 15.16 40.76
C MET D 47 12.06 15.82 40.16
N VAL D 48 12.57 16.87 40.79
CA VAL D 48 13.77 17.63 40.31
C VAL D 48 14.98 16.68 40.29
N HIS D 49 15.16 15.84 41.32
CA HIS D 49 16.32 14.92 41.46
C HIS D 49 16.27 13.83 40.37
N ARG D 50 15.11 13.22 40.14
CA ARG D 50 14.95 12.12 39.15
C ARG D 50 14.93 12.70 37.73
N SER D 51 14.40 13.92 37.56
CA SER D 51 14.13 14.56 36.24
C SER D 51 15.41 15.18 35.67
N CYS D 52 16.28 15.67 36.54
CA CYS D 52 17.40 16.61 36.23
C CYS D 52 18.73 16.02 36.74
N GLY D 53 18.75 15.54 37.99
CA GLY D 53 19.93 14.93 38.64
C GLY D 53 20.03 15.33 40.11
N THR D 54 20.76 14.54 40.91
CA THR D 54 21.05 14.80 42.35
C THR D 54 21.87 16.09 42.49
N SER D 55 22.51 16.53 41.40
CA SER D 55 23.65 17.48 41.36
C SER D 55 23.23 18.88 40.86
N CYS D 56 22.17 18.96 40.06
CA CYS D 56 21.83 20.17 39.27
C CYS D 56 21.41 21.36 40.17
N PHE D 57 21.06 21.14 41.45
CA PHE D 57 20.73 22.23 42.42
C PHE D 57 21.32 21.91 43.80
N GLU D 58 22.01 22.88 44.39
CA GLU D 58 22.39 22.90 45.83
C GLU D 58 21.09 22.86 46.65
N LEU D 59 20.90 21.81 47.46
CA LEU D 59 19.62 21.48 48.12
C LEU D 59 19.12 22.63 49.02
N GLU D 60 20.03 23.33 49.72
CA GLU D 60 19.66 24.39 50.71
C GLU D 60 19.07 25.61 49.98
N LYS D 61 19.64 25.98 48.84
CA LYS D 61 19.13 27.07 47.97
C LYS D 61 17.77 26.67 47.39
N LEU D 62 17.66 25.43 46.93
CA LEU D 62 16.42 24.90 46.29
C LEU D 62 15.28 25.01 47.32
N CME D 63 15.49 24.52 48.54
CA CME D 63 14.47 24.51 49.63
CB CME D 63 14.95 23.71 50.83
SG CME D 63 14.87 21.91 50.61
SD CME D 63 12.89 21.45 50.74
CE CME D 63 12.79 20.45 52.25
CZ CME D 63 11.64 19.48 52.25
OH CME D 63 10.93 19.55 53.48
C CME D 63 14.07 25.95 49.94
O CME D 63 12.85 26.23 49.95
N ARG D 64 15.05 26.82 50.13
CA ARG D 64 14.87 28.27 50.35
C ARG D 64 14.02 28.83 49.20
N PHE D 65 14.46 28.60 47.96
CA PHE D 65 13.73 29.05 46.74
C PHE D 65 12.26 28.60 46.79
N ILE D 66 12.02 27.31 47.02
CA ILE D 66 10.66 26.67 47.03
C ILE D 66 9.76 27.35 48.08
N MET D 67 10.26 27.58 49.29
CA MET D 67 9.45 28.15 50.40
C MET D 67 9.12 29.62 50.11
N SER D 68 9.99 30.36 49.41
CA SER D 68 9.72 31.76 48.96
C SER D 68 8.63 31.77 47.87
N VAL D 69 8.67 30.82 46.95
CA VAL D 69 7.66 30.66 45.86
C VAL D 69 6.30 30.39 46.53
N LYS D 70 6.23 29.40 47.41
CA LYS D 70 5.03 29.06 48.21
C LYS D 70 4.45 30.33 48.85
N LYS D 71 5.32 31.10 49.51
CA LYS D 71 4.95 32.33 50.26
C LYS D 71 4.33 33.37 49.29
N ASN D 72 4.75 33.40 48.02
CA ASN D 72 4.28 34.43 47.05
C ASN D 72 3.06 33.95 46.23
N TYR D 73 2.59 32.70 46.41
CA TYR D 73 1.24 32.25 45.97
C TYR D 73 0.22 32.66 47.04
N ARG D 74 -1.01 32.91 46.61
CA ARG D 74 -2.09 33.51 47.44
C ARG D 74 -3.15 32.44 47.76
N ARG D 75 -3.98 32.70 48.78
CA ARG D 75 -5.06 31.80 49.24
C ARG D 75 -6.29 32.05 48.37
N VAL D 76 -6.27 31.55 47.13
CA VAL D 76 -7.38 31.66 46.14
C VAL D 76 -7.84 30.25 45.80
N PRO D 77 -9.09 30.07 45.35
CA PRO D 77 -9.65 28.73 45.16
C PRO D 77 -8.85 27.79 44.22
N TYR D 78 -8.27 28.32 43.14
CA TYR D 78 -7.66 27.50 42.05
C TYR D 78 -6.21 27.90 41.77
N HIS D 79 -5.94 29.18 41.44
CA HIS D 79 -4.62 29.66 40.95
C HIS D 79 -3.63 29.79 42.13
N ASN D 80 -3.37 28.68 42.82
CA ASN D 80 -2.75 28.64 44.18
C ASN D 80 -1.54 27.70 44.17
N TRP D 81 -0.92 27.49 45.34
CA TRP D 81 0.33 26.68 45.51
C TRP D 81 0.13 25.25 45.00
N LYS D 82 -1.01 24.65 45.32
CA LYS D 82 -1.38 23.28 44.86
C LYS D 82 -1.38 23.21 43.31
N HIS D 83 -1.97 24.19 42.62
CA HIS D 83 -2.01 24.26 41.13
C HIS D 83 -0.56 24.33 40.60
N ALA D 84 0.32 25.08 41.26
CA ALA D 84 1.74 25.24 40.89
C ALA D 84 2.43 23.88 40.92
N VAL D 85 2.26 23.11 42.00
CA VAL D 85 2.97 21.81 42.15
C VAL D 85 2.36 20.78 41.19
N THR D 86 1.04 20.80 40.98
CA THR D 86 0.31 19.92 40.02
C THR D 86 0.83 20.16 38.60
N VAL D 87 0.89 21.41 38.15
CA VAL D 87 1.43 21.75 36.80
C VAL D 87 2.89 21.27 36.70
N ALA D 88 3.71 21.49 37.75
CA ALA D 88 5.09 20.97 37.76
C ALA D 88 5.07 19.44 37.65
N HIS D 89 4.12 18.75 38.32
CA HIS D 89 4.06 17.27 38.30
C HIS D 89 3.86 16.77 36.86
N CYS D 90 2.90 17.35 36.13
CA CYS D 90 2.53 16.95 34.75
C CYS D 90 3.73 17.18 33.83
N MET D 91 4.50 18.26 34.03
CA MET D 91 5.75 18.52 33.27
C MET D 91 6.77 17.41 33.61
N TYR D 92 6.87 17.01 34.89
CA TYR D 92 7.75 15.92 35.34
C TYR D 92 7.42 14.65 34.54
N ALA D 93 6.15 14.26 34.51
CA ALA D 93 5.63 13.10 33.78
C ALA D 93 6.08 13.19 32.31
N ILE D 94 5.95 14.36 31.67
CA ILE D 94 6.32 14.55 30.23
C ILE D 94 7.83 14.33 30.10
N LEU D 95 8.63 15.03 30.90
CA LEU D 95 10.12 14.99 30.79
C LEU D 95 10.62 13.56 30.97
N GLN D 96 10.00 12.79 31.87
CA GLN D 96 10.44 11.40 32.18
C GLN D 96 10.16 10.46 31.00
N ASN D 97 9.09 10.71 30.24
CA ASN D 97 8.61 9.83 29.14
C ASN D 97 9.16 10.31 27.79
N ASN D 98 10.06 11.30 27.78
CA ASN D 98 10.70 11.87 26.56
C ASN D 98 12.12 12.29 26.93
N HIS D 99 12.83 11.46 27.70
CA HIS D 99 14.06 11.86 28.43
C HIS D 99 15.21 12.14 27.44
N THR D 100 15.18 11.56 26.23
CA THR D 100 16.24 11.73 25.20
C THR D 100 16.06 13.05 24.44
N LEU D 101 14.92 13.74 24.58
CA LEU D 101 14.49 14.86 23.69
C LEU D 101 14.94 16.24 24.22
N PHE D 102 15.26 16.38 25.52
CA PHE D 102 15.45 17.72 26.17
C PHE D 102 16.87 17.89 26.69
N THR D 103 17.39 19.12 26.54
CA THR D 103 18.72 19.56 27.03
C THR D 103 18.70 19.57 28.58
N ASP D 104 19.87 19.68 29.21
CA ASP D 104 20.03 19.74 30.69
C ASP D 104 19.41 21.04 31.19
N LEU D 105 19.65 22.14 30.46
CA LEU D 105 19.11 23.49 30.77
C LEU D 105 17.57 23.46 30.71
N GLU D 106 17.00 22.83 29.67
CA GLU D 106 15.52 22.73 29.49
C GLU D 106 14.89 21.98 30.67
N ARG D 107 15.52 20.91 31.16
CA ARG D 107 15.00 20.11 32.31
C ARG D 107 14.96 20.98 33.58
N LYS D 108 16.07 21.66 33.90
CA LYS D 108 16.23 22.63 35.03
C LYS D 108 15.16 23.73 34.93
N GLY D 109 15.11 24.40 33.77
CA GLY D 109 14.20 25.52 33.49
C GLY D 109 12.73 25.17 33.62
N LEU D 110 12.28 24.06 33.04
CA LEU D 110 10.82 23.81 32.83
C LEU D 110 10.11 23.45 34.15
N LEU D 111 10.72 22.64 35.01
CA LEU D 111 10.16 22.35 36.36
C LEU D 111 10.00 23.66 37.13
N ILE D 112 11.04 24.52 37.15
CA ILE D 112 11.04 25.85 37.84
C ILE D 112 10.00 26.76 37.19
N ALA D 113 9.96 26.83 35.86
CA ALA D 113 8.97 27.61 35.08
C ALA D 113 7.57 27.24 35.58
N CYS D 114 7.27 25.94 35.67
CA CYS D 114 5.92 25.43 36.05
C CYS D 114 5.60 25.81 37.51
N LEU D 115 6.57 25.68 38.42
CA LEU D 115 6.35 25.99 39.86
C LEU D 115 6.01 27.47 40.03
N CYS D 116 6.61 28.32 39.18
CA CYS D 116 6.56 29.81 39.27
C CYS D 116 5.48 30.41 38.36
N HIS D 117 4.85 29.63 37.46
CA HIS D 117 4.11 30.18 36.28
C HIS D 117 2.90 31.03 36.68
N ASP D 118 2.36 30.89 37.90
CA ASP D 118 1.15 31.67 38.33
C ASP D 118 1.43 32.49 39.61
N LEU D 119 2.70 32.83 39.85
CA LEU D 119 3.15 33.59 41.06
C LEU D 119 2.32 34.88 41.23
N ASP D 120 1.71 35.03 42.42
CA ASP D 120 1.02 36.26 42.90
C ASP D 120 -0.28 36.46 42.12
N HIS D 121 -0.87 35.36 41.65
CA HIS D 121 -2.19 35.37 40.96
C HIS D 121 -3.26 35.74 41.98
N ARG D 122 -4.14 36.68 41.64
CA ARG D 122 -5.24 37.16 42.53
C ARG D 122 -6.58 36.49 42.18
N GLY D 123 -6.60 35.67 41.13
CA GLY D 123 -7.78 34.92 40.65
C GLY D 123 -8.50 35.64 39.52
N PHE D 124 -7.88 36.68 38.96
CA PHE D 124 -8.47 37.55 37.91
C PHE D 124 -7.69 37.39 36.59
N SER D 125 -8.45 37.22 35.51
CA SER D 125 -8.00 37.15 34.09
C SER D 125 -7.44 38.50 33.63
N ASN D 126 -6.58 38.50 32.61
CA ASN D 126 -6.01 39.70 31.93
C ASN D 126 -7.14 40.66 31.50
N SER D 127 -8.30 40.14 31.08
CA SER D 127 -9.47 40.93 30.61
C SER D 127 -10.00 41.80 31.76
N TYR D 128 -10.19 41.20 32.95
CA TYR D 128 -10.70 41.96 34.13
C TYR D 128 -9.68 43.05 34.51
N LEU D 129 -8.37 42.73 34.56
CA LEU D 129 -7.32 43.73 34.89
C LEU D 129 -7.51 44.94 33.96
N GLN D 130 -7.74 44.70 32.66
CA GLN D 130 -7.83 45.77 31.63
C GLN D 130 -9.08 46.62 31.86
N LYS D 131 -10.23 45.99 32.16
CA LYS D 131 -11.52 46.69 32.41
C LYS D 131 -11.50 47.42 33.76
N PHE D 132 -10.92 46.81 34.80
CA PHE D 132 -10.62 47.48 36.10
C PHE D 132 -9.67 48.67 35.88
N ASP D 133 -8.78 48.57 34.88
CA ASP D 133 -7.72 49.57 34.60
C ASP D 133 -6.65 49.42 35.69
N HIS D 134 -6.24 48.18 35.98
CA HIS D 134 -5.23 47.84 37.00
C HIS D 134 -3.86 48.37 36.57
N PRO D 135 -3.05 48.96 37.49
CA PRO D 135 -1.69 49.38 37.18
C PRO D 135 -0.88 48.37 36.34
N LEU D 136 -1.03 47.06 36.61
CA LEU D 136 -0.29 46.00 35.86
C LEU D 136 -0.62 46.08 34.35
N ALA D 137 -1.82 46.52 33.96
CA ALA D 137 -2.29 46.58 32.55
C ALA D 137 -1.60 47.72 31.79
N ALA D 138 -1.22 48.81 32.48
CA ALA D 138 -0.44 49.93 31.94
C ALA D 138 1.01 49.48 31.70
N LEU D 139 1.54 48.67 32.61
CA LEU D 139 2.92 48.12 32.57
C LEU D 139 3.04 47.10 31.42
N TYR D 140 2.02 46.25 31.24
CA TYR D 140 1.98 45.13 30.28
C TYR D 140 0.61 45.10 29.58
N SER D 141 0.54 45.51 28.32
CA SER D 141 -0.70 45.55 27.49
C SER D 141 -1.13 44.13 27.11
N THR D 142 -0.15 43.23 26.91
CA THR D 142 -0.31 41.84 26.41
C THR D 142 0.22 40.86 27.46
N SER D 143 -0.52 39.78 27.74
CA SER D 143 -0.09 38.71 28.68
C SER D 143 0.25 39.37 30.03
N THR D 144 -0.71 40.15 30.55
CA THR D 144 -0.52 41.09 31.68
C THR D 144 -0.01 40.30 32.90
N MET D 145 -0.77 39.31 33.35
CA MET D 145 -0.42 38.49 34.55
C MET D 145 0.85 37.69 34.24
N GLU D 146 0.98 37.17 33.02
CA GLU D 146 2.08 36.24 32.66
C GLU D 146 3.40 37.00 32.77
N GLN D 147 3.45 38.25 32.32
CA GLN D 147 4.66 39.11 32.50
C GLN D 147 4.88 39.38 33.99
N HIS D 148 3.82 39.62 34.75
CA HIS D 148 3.90 39.78 36.23
C HIS D 148 4.47 38.50 36.86
N HIS D 149 3.99 37.32 36.46
CA HIS D 149 4.46 36.03 37.04
C HIS D 149 5.98 35.92 36.83
N PHE D 150 6.46 36.26 35.63
CA PHE D 150 7.90 36.16 35.29
C PHE D 150 8.71 37.13 36.17
N SER D 151 8.23 38.37 36.38
CA SER D 151 8.99 39.40 37.13
C SER D 151 9.05 39.01 38.61
N GLN D 152 7.99 38.37 39.13
CA GLN D 152 7.93 37.76 40.50
C GLN D 152 8.99 36.67 40.63
N THR D 153 9.16 35.86 39.57
CA THR D 153 10.16 34.76 39.50
C THR D 153 11.58 35.36 39.59
N VAL D 154 11.84 36.44 38.84
CA VAL D 154 13.18 37.12 38.79
C VAL D 154 13.45 37.73 40.18
N SER D 155 12.48 38.47 40.73
CA SER D 155 12.53 39.02 42.11
C SER D 155 13.04 37.95 43.08
N ILE D 156 12.38 36.80 43.11
CA ILE D 156 12.68 35.71 44.09
C ILE D 156 14.10 35.20 43.82
N LEU D 157 14.49 35.03 42.55
CA LEU D 157 15.81 34.45 42.19
C LEU D 157 16.95 35.36 42.65
N GLN D 158 16.68 36.66 42.81
CA GLN D 158 17.67 37.72 43.14
C GLN D 158 17.70 38.00 44.66
N LEU D 159 16.85 37.33 45.46
CA LEU D 159 16.92 37.32 46.94
C LEU D 159 18.22 36.63 47.37
N GLU D 160 18.83 37.12 48.45
CA GLU D 160 20.04 36.52 49.06
C GLU D 160 19.78 35.04 49.35
N GLY D 161 20.69 34.17 48.89
CA GLY D 161 20.66 32.71 49.13
C GLY D 161 19.68 31.94 48.24
N HIS D 162 19.02 32.59 47.26
CA HIS D 162 17.93 31.97 46.44
C HIS D 162 18.38 31.67 45.00
N ASN D 163 19.61 31.99 44.59
CA ASN D 163 20.00 31.76 43.18
C ASN D 163 20.42 30.30 42.99
N ILE D 164 19.43 29.50 42.59
CA ILE D 164 19.52 28.03 42.30
C ILE D 164 20.31 27.80 41.01
N PHE D 165 20.64 28.83 40.24
CA PHE D 165 21.40 28.74 38.97
C PHE D 165 22.80 29.34 39.12
N SER D 166 23.24 29.59 40.36
CA SER D 166 24.49 30.31 40.71
C SER D 166 25.71 29.68 40.04
N THR D 167 25.68 28.37 39.77
CA THR D 167 26.83 27.61 39.18
C THR D 167 26.78 27.65 37.65
N LEU D 168 25.78 28.30 37.03
CA LEU D 168 25.73 28.47 35.54
C LEU D 168 26.58 29.69 35.16
N SER D 169 27.16 29.71 33.95
CA SER D 169 27.84 30.89 33.38
C SER D 169 26.81 32.00 33.10
N SER D 170 27.27 33.23 32.86
CA SER D 170 26.41 34.37 32.43
C SER D 170 25.55 33.92 31.23
N SER D 171 26.17 33.23 30.27
CA SER D 171 25.58 32.79 28.98
C SER D 171 24.45 31.77 29.21
N GLU D 172 24.71 30.73 30.01
CA GLU D 172 23.77 29.63 30.33
C GLU D 172 22.66 30.14 31.27
N TYR D 173 23.03 30.93 32.28
CA TYR D 173 22.05 31.61 33.17
C TYR D 173 21.04 32.35 32.30
N GLU D 174 21.53 33.14 31.34
CA GLU D 174 20.68 33.98 30.45
C GLU D 174 19.79 33.05 29.59
N GLN D 175 20.31 31.91 29.15
CA GLN D 175 19.53 30.89 28.39
C GLN D 175 18.39 30.34 29.25
N VAL D 176 18.66 29.84 30.46
CA VAL D 176 17.62 29.19 31.32
C VAL D 176 16.53 30.22 31.66
N LEU D 177 16.89 31.48 31.87
CA LEU D 177 15.93 32.57 32.21
C LEU D 177 15.05 32.83 30.98
N GLU D 178 15.64 32.72 29.79
CA GLU D 178 14.94 32.90 28.49
C GLU D 178 13.94 31.75 28.30
N ILE D 179 14.33 30.51 28.61
CA ILE D 179 13.43 29.32 28.59
C ILE D 179 12.28 29.55 29.58
N ILE D 180 12.61 29.95 30.81
CA ILE D 180 11.60 30.18 31.89
C ILE D 180 10.64 31.27 31.40
N ARG D 181 11.18 32.37 30.85
CA ARG D 181 10.39 33.53 30.38
C ARG D 181 9.39 33.08 29.31
N LYS D 182 9.88 32.44 28.25
CA LYS D 182 9.05 32.02 27.09
C LYS D 182 7.98 31.05 27.58
N ALA D 183 8.37 30.05 28.38
CA ALA D 183 7.47 29.04 29.01
C ALA D 183 6.38 29.74 29.82
N ILE D 184 6.72 30.70 30.69
CA ILE D 184 5.70 31.36 31.58
C ILE D 184 4.73 32.18 30.70
N ILE D 185 5.26 32.90 29.72
CA ILE D 185 4.45 33.72 28.75
C ILE D 185 3.49 32.80 27.98
N ALA D 186 3.92 31.57 27.62
CA ALA D 186 3.15 30.57 26.83
C ALA D 186 1.85 30.15 27.52
N THR D 187 1.77 30.27 28.86
CA THR D 187 0.60 29.85 29.69
C THR D 187 -0.54 30.88 29.57
N ASP D 188 -0.32 31.97 28.84
CA ASP D 188 -1.39 32.87 28.35
C ASP D 188 -2.16 32.12 27.27
N LEU D 189 -3.34 31.58 27.59
CA LEU D 189 -4.17 30.78 26.66
C LEU D 189 -4.39 31.54 25.35
N ALA D 190 -4.53 32.87 25.39
CA ALA D 190 -4.74 33.70 24.18
C ALA D 190 -3.67 33.39 23.11
N LEU D 191 -2.45 33.03 23.53
CA LEU D 191 -1.30 32.70 22.63
C LEU D 191 -1.35 31.24 22.17
N TYR D 192 -2.01 30.36 22.92
CA TYR D 192 -2.06 28.89 22.65
C TYR D 192 -2.62 28.62 21.24
N PHE D 193 -3.74 29.27 20.87
CA PHE D 193 -4.54 29.01 19.64
C PHE D 193 -3.65 29.05 18.39
N GLY D 194 -3.03 30.21 18.13
CA GLY D 194 -1.99 30.41 17.11
C GLY D 194 -0.83 29.43 17.21
N ASN D 195 -0.32 29.14 18.43
CA ASN D 195 0.86 28.26 18.63
C ASN D 195 0.52 26.83 18.18
N ARG D 196 -0.69 26.35 18.49
CA ARG D 196 -1.12 24.97 18.16
C ARG D 196 -1.33 24.85 16.64
N LYS D 197 -2.01 25.82 16.01
CA LYS D 197 -2.27 25.86 14.54
C LYS D 197 -0.95 25.75 13.77
N GLN D 198 0.08 26.49 14.20
CA GLN D 198 1.44 26.46 13.60
C GLN D 198 2.11 25.09 13.78
N LEU D 199 1.91 24.42 14.92
CA LEU D 199 2.56 23.11 15.21
C LEU D 199 1.86 21.98 14.43
N GLU D 200 0.54 22.07 14.30
CA GLU D 200 -0.27 21.09 13.55
C GLU D 200 0.22 21.07 12.10
N GLU D 201 0.23 22.23 11.43
CA GLU D 201 0.72 22.38 10.03
C GLU D 201 2.16 21.82 9.91
N MET D 202 3.08 22.30 10.76
CA MET D 202 4.53 21.98 10.69
C MET D 202 4.73 20.46 10.79
N TYR D 203 4.05 19.76 11.70
CA TYR D 203 4.28 18.32 11.98
C TYR D 203 3.63 17.44 10.89
N GLN D 204 2.38 17.74 10.52
CA GLN D 204 1.59 17.00 9.49
C GLN D 204 2.29 17.04 8.12
N THR D 205 2.86 18.20 7.75
CA THR D 205 3.55 18.46 6.45
C THR D 205 5.07 18.24 6.59
N GLY D 206 5.52 17.60 7.67
CA GLY D 206 6.89 17.08 7.87
C GLY D 206 7.98 18.14 8.05
N SER D 207 7.66 19.43 8.23
CA SER D 207 8.65 20.54 8.33
C SER D 207 8.99 20.90 9.79
N LEU D 208 8.51 20.16 10.80
CA LEU D 208 8.85 20.42 12.23
C LEU D 208 10.23 19.83 12.52
N ASN D 209 11.10 20.64 13.13
CA ASN D 209 12.55 20.36 13.27
C ASN D 209 12.99 20.75 14.69
N LEU D 210 13.16 19.75 15.58
CA LEU D 210 13.51 19.98 17.01
C LEU D 210 14.94 20.51 17.17
N ASN D 211 15.72 20.61 16.08
CA ASN D 211 17.06 21.26 16.08
C ASN D 211 16.91 22.76 15.78
N ASN D 212 15.71 23.19 15.36
CA ASN D 212 15.38 24.62 15.08
C ASN D 212 14.83 25.24 16.36
N GLN D 213 15.60 26.13 17.01
CA GLN D 213 15.29 26.75 18.33
C GLN D 213 13.87 27.36 18.33
N SER D 214 13.44 28.04 17.26
CA SER D 214 12.11 28.71 17.21
C SER D 214 11.00 27.66 17.21
N HIS D 215 11.26 26.46 16.64
CA HIS D 215 10.36 25.28 16.68
C HIS D 215 10.30 24.72 18.10
N ARG D 216 11.46 24.51 18.74
CA ARG D 216 11.59 24.04 20.14
C ARG D 216 10.73 24.90 21.07
N ASP D 217 10.84 26.23 20.97
CA ASP D 217 10.03 27.21 21.75
C ASP D 217 8.54 26.89 21.59
N ARG D 218 8.09 26.69 20.35
CA ARG D 218 6.67 26.35 20.05
C ARG D 218 6.29 25.07 20.78
N VAL D 219 7.10 24.01 20.69
CA VAL D 219 6.79 22.70 21.35
C VAL D 219 6.69 22.91 22.86
N ILE D 220 7.65 23.64 23.46
CA ILE D 220 7.68 23.94 24.93
C ILE D 220 6.42 24.75 25.28
N GLY D 221 6.10 25.77 24.47
CA GLY D 221 4.83 26.52 24.58
C GLY D 221 3.61 25.62 24.75
N LEU D 222 3.45 24.60 23.91
CA LEU D 222 2.26 23.70 23.93
C LEU D 222 2.38 22.78 25.15
N MET D 223 3.59 22.31 25.45
CA MET D 223 3.88 21.52 26.66
C MET D 223 3.38 22.27 27.89
N MET D 224 3.61 23.60 27.94
CA MET D 224 3.17 24.47 29.06
C MET D 224 1.64 24.52 29.11
N THR D 225 0.95 24.73 27.97
CA THR D 225 -0.54 24.77 27.91
C THR D 225 -1.08 23.43 28.44
N ALA D 226 -0.54 22.31 27.92
CA ALA D 226 -0.92 20.93 28.29
C ALA D 226 -0.79 20.74 29.81
N CYS D 227 0.34 21.16 30.37
CA CYS D 227 0.62 21.06 31.83
C CYS D 227 -0.36 21.96 32.61
N ASP D 228 -0.63 23.15 32.09
CA ASP D 228 -1.47 24.19 32.73
C ASP D 228 -2.93 23.70 32.79
N LEU D 229 -3.42 23.02 31.74
CA LEU D 229 -4.83 22.52 31.63
C LEU D 229 -5.00 21.13 32.25
N CYS D 230 -3.98 20.56 32.91
CA CYS D 230 -3.86 19.10 33.18
C CYS D 230 -4.89 18.59 34.19
N SER D 231 -5.70 19.46 34.80
CA SER D 231 -6.86 19.02 35.63
C SER D 231 -7.89 18.28 34.75
N VAL D 232 -7.92 18.51 33.44
CA VAL D 232 -8.83 17.79 32.47
C VAL D 232 -8.31 16.38 32.16
N THR D 233 -7.10 16.01 32.63
CA THR D 233 -6.39 14.72 32.33
C THR D 233 -6.32 13.84 33.58
N LYS D 234 -7.00 14.22 34.65
CA LYS D 234 -7.07 13.46 35.91
C LYS D 234 -8.25 12.51 35.82
N LEU D 235 -8.32 11.52 36.70
CA LEU D 235 -9.52 10.65 36.82
C LEU D 235 -10.71 11.59 37.12
N TRP D 236 -11.89 11.22 36.61
CA TRP D 236 -13.15 12.01 36.68
C TRP D 236 -13.40 12.62 38.07
N PRO D 237 -13.26 11.86 39.19
CA PRO D 237 -13.55 12.42 40.51
C PRO D 237 -12.69 13.64 40.87
N VAL D 238 -11.44 13.67 40.39
CA VAL D 238 -10.46 14.79 40.59
C VAL D 238 -10.88 15.96 39.69
N THR D 239 -11.16 15.65 38.41
CA THR D 239 -11.53 16.64 37.37
C THR D 239 -12.82 17.37 37.78
N LYS D 240 -13.81 16.62 38.25
CA LYS D 240 -15.13 17.15 38.65
C LYS D 240 -14.95 18.04 39.90
N LEU D 241 -14.19 17.58 40.89
CA LEU D 241 -13.91 18.37 42.13
C LEU D 241 -13.12 19.64 41.80
N THR D 242 -12.11 19.58 40.93
CA THR D 242 -11.23 20.73 40.57
C THR D 242 -12.05 21.80 39.82
N ALA D 243 -13.07 21.37 39.07
CA ALA D 243 -13.93 22.28 38.28
C ALA D 243 -14.65 23.24 39.23
N ASN D 244 -14.97 22.80 40.45
CA ASN D 244 -15.63 23.64 41.51
C ASN D 244 -14.72 24.81 41.87
N ASP D 245 -13.43 24.51 42.13
CA ASP D 245 -12.38 25.51 42.47
C ASP D 245 -12.25 26.53 41.32
N ILE D 246 -12.18 26.06 40.08
CA ILE D 246 -12.03 26.90 38.86
C ILE D 246 -13.19 27.90 38.74
N TYR D 247 -14.43 27.42 38.93
CA TYR D 247 -15.67 28.21 38.74
C TYR D 247 -15.88 29.16 39.93
N ALA D 248 -15.44 28.80 41.15
CA ALA D 248 -15.41 29.71 42.31
C ALA D 248 -14.65 30.99 41.90
N GLU D 249 -13.51 30.87 41.20
CA GLU D 249 -12.74 32.05 40.71
C GLU D 249 -13.50 32.76 39.58
N PHE D 250 -13.95 32.04 38.55
CA PHE D 250 -14.72 32.57 37.40
C PHE D 250 -15.91 33.38 37.91
N TRP D 251 -16.67 32.85 38.88
CA TRP D 251 -17.91 33.50 39.42
C TRP D 251 -17.55 34.75 40.24
N ALA D 252 -16.46 34.72 41.01
CA ALA D 252 -15.97 35.90 41.76
C ALA D 252 -15.58 37.00 40.75
N GLU D 253 -14.95 36.62 39.63
CA GLU D 253 -14.54 37.61 38.60
C GLU D 253 -15.80 38.17 37.93
N GLY D 254 -16.81 37.33 37.71
CA GLY D 254 -18.11 37.74 37.15
C GLY D 254 -18.79 38.78 38.03
N ASP D 255 -18.85 38.52 39.34
CA ASP D 255 -19.37 39.48 40.34
C ASP D 255 -18.63 40.80 40.21
N GLU D 256 -17.28 40.75 40.06
CA GLU D 256 -16.42 41.96 39.97
C GLU D 256 -16.72 42.69 38.64
N MET D 257 -17.02 41.97 37.56
CA MET D 257 -17.45 42.58 36.27
C MET D 257 -18.75 43.35 36.50
N LYS D 258 -19.72 42.75 37.20
CA LYS D 258 -21.04 43.39 37.50
C LYS D 258 -20.85 44.66 38.34
N LYS D 259 -19.85 44.69 39.22
CA LYS D 259 -19.52 45.89 40.04
C LYS D 259 -18.98 47.01 39.13
N LEU D 260 -18.30 46.67 38.04
CA LEU D 260 -17.85 47.67 37.01
C LEU D 260 -19.02 48.04 36.10
N GLY D 261 -20.24 47.53 36.38
CA GLY D 261 -21.46 47.79 35.59
C GLY D 261 -21.39 47.14 34.21
N ILE D 262 -20.69 46.01 34.09
CA ILE D 262 -20.50 45.21 32.84
C ILE D 262 -21.13 43.82 33.05
N GLN D 263 -21.88 43.33 32.06
CA GLN D 263 -22.41 41.94 32.06
C GLN D 263 -21.23 41.02 31.78
N PRO D 264 -20.91 40.08 32.69
CA PRO D 264 -19.83 39.13 32.43
C PRO D 264 -20.35 38.13 31.37
N ILE D 265 -19.43 37.46 30.65
CA ILE D 265 -19.77 36.30 29.78
C ILE D 265 -20.50 35.26 30.63
N PRO D 266 -21.29 34.35 30.03
CA PRO D 266 -22.07 33.37 30.81
C PRO D 266 -21.24 32.50 31.76
N MET D 267 -20.09 32.02 31.27
CA MET D 267 -19.16 31.12 31.98
C MET D 267 -18.89 31.61 33.42
N MET D 268 -18.85 32.93 33.61
CA MET D 268 -18.44 33.63 34.87
C MET D 268 -19.66 34.21 35.63
N ASP D 269 -20.87 34.04 35.10
CA ASP D 269 -22.12 34.49 35.75
C ASP D 269 -22.67 33.37 36.63
N ARG D 270 -22.64 33.56 37.96
CA ARG D 270 -23.07 32.53 38.95
C ARG D 270 -24.61 32.37 38.93
N ASP D 271 -25.33 33.27 38.25
CA ASP D 271 -26.80 33.13 38.04
C ASP D 271 -27.07 32.12 36.91
N LYS D 272 -26.04 31.60 36.24
CA LYS D 272 -26.19 30.72 35.06
C LYS D 272 -25.41 29.42 35.28
N LYS D 273 -25.39 28.88 36.50
CA LYS D 273 -24.60 27.66 36.87
C LYS D 273 -25.07 26.44 36.05
N ASP D 274 -26.32 26.45 35.59
CA ASP D 274 -26.93 25.35 34.79
C ASP D 274 -26.26 25.23 33.41
N GLU D 275 -25.69 26.30 32.84
CA GLU D 275 -24.98 26.26 31.52
C GLU D 275 -23.54 25.79 31.69
N VAL D 276 -23.13 25.32 32.87
CA VAL D 276 -21.73 24.89 33.17
C VAL D 276 -21.39 23.66 32.32
N PRO D 277 -22.09 22.50 32.51
CA PRO D 277 -21.78 21.28 31.74
C PRO D 277 -21.60 21.48 30.23
N GLN D 278 -22.46 22.30 29.62
CA GLN D 278 -22.43 22.68 28.18
C GLN D 278 -21.19 23.54 27.88
N GLY D 279 -20.79 24.38 28.84
CA GLY D 279 -19.61 25.26 28.74
C GLY D 279 -18.31 24.47 28.68
N GLN D 280 -18.18 23.43 29.52
CA GLN D 280 -17.06 22.46 29.55
C GLN D 280 -16.97 21.73 28.21
N LEU D 281 -18.09 21.19 27.72
CA LEU D 281 -18.22 20.56 26.37
C LEU D 281 -17.54 21.46 25.34
N GLY D 282 -17.96 22.72 25.29
CA GLY D 282 -17.36 23.77 24.43
C GLY D 282 -15.86 23.86 24.62
N PHE D 283 -15.40 23.90 25.87
CA PHE D 283 -13.97 24.04 26.24
C PHE D 283 -13.16 22.80 25.81
N TYR D 284 -13.65 21.57 26.10
CA TYR D 284 -12.96 20.32 25.71
C TYR D 284 -12.82 20.27 24.17
N ASN D 285 -13.88 20.62 23.43
CA ASN D 285 -13.92 20.52 21.95
C ASN D 285 -13.05 21.61 21.30
N ALA D 286 -13.10 22.86 21.79
CA ALA D 286 -12.38 24.01 21.18
C ALA D 286 -10.94 24.18 21.74
N VAL D 287 -10.61 23.64 22.94
CA VAL D 287 -9.28 23.91 23.60
C VAL D 287 -8.57 22.62 24.02
N ALA D 288 -9.12 21.87 24.98
CA ALA D 288 -8.44 20.71 25.63
C ALA D 288 -8.07 19.64 24.59
N ILE D 289 -9.05 19.11 23.86
CA ILE D 289 -8.86 17.93 22.95
C ILE D 289 -7.85 18.30 21.87
N PRO D 290 -8.00 19.42 21.12
CA PRO D 290 -6.97 19.80 20.14
C PRO D 290 -5.56 19.88 20.75
N CYS D 291 -5.46 20.43 21.97
CA CYS D 291 -4.18 20.60 22.71
C CYS D 291 -3.46 19.25 22.84
N TYR D 292 -4.09 18.28 23.48
CA TYR D 292 -3.52 16.94 23.78
C TYR D 292 -3.43 16.08 22.51
N THR D 293 -4.27 16.35 21.50
CA THR D 293 -4.18 15.74 20.15
C THR D 293 -2.84 16.14 19.51
N THR D 294 -2.61 17.44 19.25
CA THR D 294 -1.34 17.96 18.68
C THR D 294 -0.14 17.50 19.51
N LEU D 295 -0.22 17.51 20.85
CA LEU D 295 0.93 17.17 21.72
C LEU D 295 1.26 15.69 21.57
N THR D 296 0.23 14.84 21.51
CA THR D 296 0.36 13.36 21.37
C THR D 296 0.98 13.07 20.00
N GLN D 297 0.69 13.86 18.96
CA GLN D 297 1.35 13.74 17.63
C GLN D 297 2.86 13.92 17.83
N ILE D 298 3.28 15.07 18.36
CA ILE D 298 4.71 15.51 18.42
C ILE D 298 5.49 14.65 19.42
N LEU D 299 4.88 14.29 20.56
CA LEU D 299 5.50 13.51 21.67
C LEU D 299 4.58 12.35 22.02
N PRO D 300 4.64 11.23 21.26
CA PRO D 300 3.70 10.12 21.42
C PRO D 300 3.54 9.53 22.82
N PRO D 301 4.56 9.53 23.72
CA PRO D 301 4.35 9.02 25.09
C PRO D 301 3.48 9.90 26.00
N THR D 302 3.03 11.08 25.53
CA THR D 302 2.04 11.94 26.24
C THR D 302 0.58 11.50 25.98
N GLU D 303 0.39 10.40 25.24
CA GLU D 303 -0.95 9.91 24.78
C GLU D 303 -1.89 9.68 25.97
N PRO D 304 -1.44 9.19 27.15
CA PRO D 304 -2.32 9.10 28.32
C PRO D 304 -3.08 10.39 28.67
N LEU D 305 -2.49 11.56 28.45
CA LEU D 305 -3.17 12.87 28.69
C LEU D 305 -4.40 12.94 27.79
N LEU D 306 -4.22 12.65 26.49
CA LEU D 306 -5.32 12.69 25.47
C LEU D 306 -6.43 11.70 25.86
N LYS D 307 -6.08 10.46 26.25
CA LYS D 307 -7.06 9.40 26.62
C LYS D 307 -7.93 9.88 27.81
N ALA D 308 -7.29 10.28 28.92
CA ALA D 308 -7.94 10.82 30.14
C ALA D 308 -8.84 12.01 29.77
N CYS D 309 -8.37 12.90 28.89
CA CYS D 309 -9.16 14.05 28.36
C CYS D 309 -10.44 13.55 27.66
N ARG D 310 -10.33 12.59 26.74
CA ARG D 310 -11.50 11.98 26.03
C ARG D 310 -12.48 11.37 27.06
N ASP D 311 -11.99 10.64 28.05
CA ASP D 311 -12.84 10.05 29.13
C ASP D 311 -13.64 11.16 29.81
N ASN D 312 -12.99 12.27 30.17
CA ASN D 312 -13.63 13.37 30.94
C ASN D 312 -14.62 14.12 30.03
N LEU D 313 -14.37 14.16 28.71
CA LEU D 313 -15.34 14.72 27.71
C LEU D 313 -16.64 13.90 27.77
N SER D 314 -16.55 12.57 27.68
CA SER D 314 -17.71 11.64 27.72
C SER D 314 -18.43 11.73 29.08
N GLN D 315 -17.72 12.05 30.17
CA GLN D 315 -18.32 12.26 31.51
C GLN D 315 -19.14 13.57 31.56
N TRP D 316 -18.67 14.65 30.90
CA TRP D 316 -19.39 15.95 30.79
C TRP D 316 -20.61 15.79 29.86
N GLU D 317 -20.55 14.86 28.90
CA GLU D 317 -21.69 14.44 28.05
C GLU D 317 -22.73 13.72 28.91
N LYS D 318 -22.29 12.79 29.79
CA LYS D 318 -23.19 12.06 30.72
C LYS D 318 -23.90 13.02 31.68
N VAL D 319 -23.19 14.04 32.19
CA VAL D 319 -23.76 15.05 33.14
C VAL D 319 -24.87 15.82 32.41
N ILE D 320 -24.69 16.10 31.12
CA ILE D 320 -25.64 16.91 30.29
C ILE D 320 -26.99 16.19 30.15
N ARG D 321 -27.06 14.88 30.45
CA ARG D 321 -28.31 14.07 30.44
C ARG D 321 -28.51 13.43 31.82
N GLY D 322 -27.86 12.28 32.11
CA GLY D 322 -27.97 11.57 33.40
C GLY D 322 -27.26 10.22 33.36
ZN ZN E . -2.99 -16.45 -31.20
MG MG F . 0.34 -18.41 -31.34
C10 JYU G . 3.97 -8.38 -36.79
C15 JYU G . 7.33 -13.59 -38.67
C16 JYU G . 8.37 -11.61 -35.86
C17 JYU G . -0.45 -7.48 -35.19
C18 JYU G . 3.48 -4.98 -36.74
C20 JYU G . 5.19 -4.76 -38.40
C23 JYU G . 7.59 -14.75 -39.59
C24 JYU G . 8.18 -10.10 -35.83
C25 JYU G . 7.85 -12.23 -34.57
C26 JYU G . 9.87 -11.91 -35.99
C27 JYU G . 6.77 -3.14 -38.21
C28 JYU G . 5.65 -5.15 -39.66
C1 JYU G . 1.82 -8.16 -35.96
C2 JYU G . 2.92 -7.48 -36.41
N3 JYU G . 0.88 -7.23 -35.62
C4 JYU G . 6.47 -11.85 -37.65
N5 JYU G . 1.31 -5.94 -35.87
N6 JYU G . 7.64 -12.19 -37.04
S7 JYU G . 2.05 -9.89 -35.92
C8 JYU G . 2.55 -6.08 -36.34
C9 JYU G . 3.65 -9.70 -36.58
N11 JYU G . 8.19 -13.31 -37.68
C12 JYU G . 6.25 -12.70 -38.69
N13 JYU G . 5.69 -10.79 -37.27
C14 JYU G . 4.42 -10.94 -36.81
N19 JYU G . 5.71 -3.78 -37.68
O21 JYU G . 3.91 -12.04 -36.55
O22 JYU G . 4.13 -5.46 -37.92
C29 JYU G . -1.40 -6.47 -35.27
C30 JYU G . -0.85 -8.76 -34.85
C31 JYU G . 7.31 -3.44 -39.45
C32 JYU G . 6.73 -4.45 -40.19
C33 JYU G . -2.72 -6.74 -34.93
C34 JYU G . -2.16 -9.02 -34.50
C35 JYU G . -3.10 -8.00 -34.54
ZN ZN H . -16.74 2.33 -1.84
MG MG I . -19.47 1.17 -4.08
C10 JYU J . -17.19 11.39 -9.73
C15 JYU J . -23.29 9.36 -10.72
C16 JYU J . -20.42 8.10 -12.49
C17 JYU J . -13.77 10.84 -6.41
C18 JYU J . -14.62 13.60 -10.39
C20 JYU J . -16.07 15.11 -11.58
C23 JYU J . -24.77 9.37 -10.50
C24 JYU J . -19.45 7.24 -11.65
C25 JYU J . -21.17 7.23 -13.49
C26 JYU J . -19.63 9.16 -13.25
C27 JYU J . -15.40 16.07 -13.52
C28 JYU J . -17.25 15.88 -11.53
C1 JYU J . -15.65 10.97 -8.07
C2 JYU J . -15.92 11.74 -9.17
N3 JYU J . -14.42 11.30 -7.60
C4 JYU J . -21.12 9.75 -10.62
N5 JYU J . -13.87 12.32 -8.34
N6 JYU J . -21.37 8.81 -11.56
S7 JYU J . -16.90 9.82 -7.67
C8 JYU J . -14.77 12.57 -9.30
C9 JYU J . -17.83 10.40 -9.03
N11 JYU J . -22.75 8.56 -11.64
C12 JYU J . -22.31 10.13 -10.06
N13 JYU J . -19.86 10.18 -10.33
C14 JYU J . -19.13 9.73 -9.25
N19 JYU J . -15.16 15.18 -12.53
O21 JYU J . -19.51 8.84 -8.49
O22 JYU J . -15.91 14.23 -10.56
C29 JYU J . -12.76 11.60 -5.83
C30 JYU J . -14.29 9.71 -5.74
C31 JYU J . -16.52 16.88 -13.58
C32 JYU J . -17.45 16.79 -12.56
C33 JYU J . -12.22 11.19 -4.62
C34 JYU J . -13.73 9.33 -4.54
C35 JYU J . -12.69 10.06 -3.98
ZN ZN K . 19.12 -8.77 -2.17
MG MG L . 18.04 -7.72 1.38
C10 JYU M . 21.23 3.09 -2.77
C15 JYU M . 21.47 2.45 3.71
C16 JYU M . 18.60 3.55 1.84
C17 JYU M . 21.42 0.15 -6.53
C18 JYU M . 21.43 4.98 -5.65
C20 JYU M . 22.11 6.79 -4.23
C23 JYU M . 22.11 2.15 5.03
C24 JYU M . 18.79 4.93 1.22
C25 JYU M . 18.03 2.59 0.80
C26 JYU M . 17.63 3.64 3.01
C27 JYU M . 21.25 8.87 -4.55
C28 JYU M . 22.75 7.16 -3.03
C1 JYU M . 21.29 1.52 -4.45
C2 JYU M . 21.29 2.86 -4.18
N3 JYU M . 21.32 1.37 -5.80
C4 JYU M . 21.05 2.76 1.57
N5 JYU M . 21.42 2.59 -6.46
N6 JYU M . 19.96 3.06 2.30
S7 JYU M . 21.17 0.51 -3.03
C8 JYU M . 21.39 3.49 -5.46
C9 JYU M . 21.16 1.93 -2.03
N11 JYU M . 20.21 2.88 3.65
C12 JYU M . 22.04 2.36 2.44
N13 JYU M . 21.06 2.82 0.21
C14 JYU M . 21.08 1.70 -0.58
N19 JYU M . 21.40 7.61 -4.99
O21 JYU M . 21.02 0.56 -0.13
O22 JYU M . 22.28 5.50 -4.61
C29 JYU M . 21.69 0.17 -7.90
C30 JYU M . 21.40 -1.07 -5.83
C31 JYU M . 21.83 9.34 -3.38
C32 JYU M . 22.58 8.48 -2.61
C33 JYU M . 21.84 -1.03 -8.57
C34 JYU M . 21.56 -2.26 -6.52
C35 JYU M . 21.79 -2.24 -7.89
ZN ZN N . -1.78 28.08 35.72
MG MG O . -1.74 31.66 34.48
C10 JYU P . -12.29 28.98 29.94
C15 JYU P . -9.97 34.71 27.95
C16 JYU P . -10.79 31.88 25.90
C17 JYU P . -10.98 25.02 32.36
C18 JYU P . -15.01 27.00 30.31
C20 JYU P . -15.82 27.83 28.19
C23 JYU P . -9.50 36.14 28.04
C24 JYU P . -11.84 30.82 26.26
C25 JYU P . -11.29 32.65 24.68
C26 JYU P . -9.47 31.19 25.58
C27 JYU P . -18.01 28.35 27.89
C28 JYU P . -15.46 28.35 26.93
C1 JYU P . -11.45 27.18 31.11
C2 JYU P . -12.57 27.72 30.54
N3 JYU P . -11.79 25.98 31.68
C4 JYU P . -10.66 32.67 28.39
N5 JYU P . -13.16 25.72 31.47
N6 JYU P . -10.56 32.84 27.04
S7 JYU P . -10.03 28.20 30.91
C8 JYU P . -13.62 26.77 30.80
C9 JYU P . -10.99 29.37 30.05
N11 JYU P . -10.10 34.13 26.76
C12 JYU P . -10.31 33.85 29.00
N13 JYU P . -11.08 31.48 28.91
C14 JYU P . -10.30 30.58 29.58
N19 JYU P . -17.05 27.81 28.67
O21 JYU P . -9.10 30.75 29.78
O22 JYU P . -14.80 27.30 28.92
C29 JYU P . -11.54 23.82 32.81
C30 JYU P . -9.62 25.26 32.54
C31 JYU P . -17.77 28.90 26.64
C32 JYU P . -16.48 28.90 26.16
C33 JYU P . -10.74 22.88 33.43
C34 JYU P . -8.83 24.31 33.17
C35 JYU P . -9.38 23.13 33.61
#